data_3Q4U
#
_entry.id   3Q4U
#
_cell.length_a   83.600
_cell.length_b   98.700
_cell.length_c   83.850
_cell.angle_alpha   90.00
_cell.angle_beta   117.42
_cell.angle_gamma   90.00
#
_symmetry.space_group_name_H-M   'P 1 21 1'
#
loop_
_entity.id
_entity.type
_entity.pdbx_description
1 polymer 'Activin receptor type-1'
2 non-polymer 4-[6-(4-piperazin-1-ylphenyl)pyrazolo[1,5-a]pyrimidin-3-yl]quinoline
3 non-polymer 1,2-ETHANEDIOL
4 non-polymer 'CITRATE ANION'
5 water water
#
_entity_poly.entity_id   1
_entity_poly.type   'polypeptide(L)'
_entity_poly.pdbx_seq_one_letter_code
;SMQRTVARDITLLECVGKGRYGEVWRGSWQGENVAVKIFSSRDEKSWFRETELYNTVMLRHENILGFIASDMTSRHSSTQ
LWLITHYHEMGSLYDYLQLTTLDTVSCLRIVLSIASGLAHLHIEIFGTQGKPAIAHRDLKSKNILVKKNGQCCIADLGLA
VMHSQSTNQLDVGNNPRVGTKRYMAPEVLDETIQVDCFDSYKRVDIWAFGLVLWEVARRMVSNGIVEDYKPPFYDVVPND
PSFEDMRKVVCVDQQRPNIPNRWFSDPTLTSLAKLMKECWYQNPSARLTALRIKKTLTKID
;
_entity_poly.pdbx_strand_id   A,B,C,D
#
loop_
_chem_comp.id
_chem_comp.type
_chem_comp.name
_chem_comp.formula
EDO non-polymer 1,2-ETHANEDIOL 'C2 H6 O2'
FLC non-polymer 'CITRATE ANION' 'C6 H5 O7 -3'
LDN non-polymer 4-[6-(4-piperazin-1-ylphenyl)pyrazolo[1,5-a]pyrimidin-3-yl]quinoline 'C25 H22 N6'
#
# COMPACT_ATOMS: atom_id res chain seq x y z
N ARG A 4 -12.65 7.95 -6.16
CA ARG A 4 -11.63 7.52 -5.14
C ARG A 4 -11.23 6.04 -5.32
N THR A 5 -9.99 5.82 -5.76
CA THR A 5 -9.39 4.46 -5.89
C THR A 5 -7.90 4.46 -5.50
N VAL A 6 -7.31 3.27 -5.40
CA VAL A 6 -5.93 3.10 -4.89
C VAL A 6 -4.91 2.91 -6.05
N ALA A 7 -3.66 3.26 -5.79
CA ALA A 7 -2.64 3.25 -6.87
C ALA A 7 -2.37 1.86 -7.37
N ARG A 8 -2.38 0.88 -6.47
CA ARG A 8 -2.14 -0.48 -6.84
C ARG A 8 -3.15 -1.00 -7.82
N ASP A 9 -4.30 -0.33 -7.93
CA ASP A 9 -5.34 -0.76 -8.87
C ASP A 9 -5.23 -0.17 -10.27
N ILE A 10 -4.17 0.59 -10.53
CA ILE A 10 -3.84 1.02 -11.86
C ILE A 10 -3.68 -0.24 -12.71
N THR A 11 -4.30 -0.24 -13.89
CA THR A 11 -4.20 -1.35 -14.84
C THR A 11 -3.05 -1.14 -15.81
N LEU A 12 -2.07 -2.04 -15.77
CA LEU A 12 -0.93 -1.95 -16.68
C LEU A 12 -1.33 -2.43 -18.03
N LEU A 13 -1.16 -1.56 -19.04
CA LEU A 13 -1.67 -1.85 -20.38
C LEU A 13 -0.55 -2.32 -21.34
N GLU A 14 0.54 -1.55 -21.43
CA GLU A 14 1.67 -1.95 -22.27
C GLU A 14 2.96 -1.34 -21.79
N CYS A 15 4.04 -2.07 -21.97
CA CYS A 15 5.37 -1.60 -21.64
C CYS A 15 5.87 -0.70 -22.76
N VAL A 16 6.19 0.54 -22.39
CA VAL A 16 6.67 1.54 -23.35
C VAL A 16 8.18 1.86 -23.24
N GLY A 17 8.85 1.31 -22.22
CA GLY A 17 10.30 1.50 -22.07
C GLY A 17 10.86 0.47 -21.13
N LYS A 18 12.08 0.02 -21.39
CA LYS A 18 12.68 -1.00 -20.56
C LYS A 18 14.20 -0.95 -20.62
N GLY A 19 14.82 -0.73 -19.45
CA GLY A 19 16.29 -0.71 -19.32
C GLY A 19 16.78 -1.68 -18.25
N ARG A 20 18.04 -1.53 -17.86
CA ARG A 20 18.68 -2.44 -16.91
C ARG A 20 18.16 -2.26 -15.49
N TYR A 21 17.65 -1.07 -15.19
CA TYR A 21 17.19 -0.74 -13.85
C TYR A 21 15.67 -0.71 -13.68
N GLY A 22 14.92 -0.80 -14.77
CA GLY A 22 13.48 -0.82 -14.65
C GLY A 22 12.72 -0.78 -15.97
N GLU A 23 11.40 -0.56 -15.84
CA GLU A 23 10.45 -0.57 -16.94
C GLU A 23 9.50 0.58 -16.71
N VAL A 24 9.02 1.14 -17.80
CA VAL A 24 7.88 2.06 -17.76
C VAL A 24 6.72 1.52 -18.58
N TRP A 25 5.54 1.61 -17.98
CA TRP A 25 4.32 1.10 -18.57
C TRP A 25 3.35 2.25 -18.73
N ARG A 26 2.54 2.18 -19.79
CA ARG A 26 1.31 2.97 -19.89
C ARG A 26 0.26 2.20 -19.11
N GLY A 27 -0.38 2.90 -18.19
CA GLY A 27 -1.37 2.33 -17.28
C GLY A 27 -2.64 3.17 -17.37
N SER A 28 -3.72 2.59 -16.90
CA SER A 28 -5.01 3.24 -16.90
C SER A 28 -5.49 3.35 -15.48
N TRP A 29 -5.87 4.56 -15.08
CA TRP A 29 -6.33 4.83 -13.73
C TRP A 29 -7.60 5.65 -13.89
N GLN A 30 -8.72 5.05 -13.53
CA GLN A 30 -10.04 5.67 -13.69
C GLN A 30 -10.28 6.17 -15.11
N GLY A 31 -9.84 5.38 -16.09
CA GLY A 31 -10.07 5.69 -17.50
C GLY A 31 -9.08 6.66 -18.15
N GLU A 32 -8.03 7.07 -17.41
CA GLU A 32 -7.02 8.00 -17.96
C GLU A 32 -5.61 7.39 -17.96
N ASN A 33 -4.81 7.76 -18.96
CA ASN A 33 -3.44 7.27 -19.09
C ASN A 33 -2.58 7.87 -17.94
N VAL A 34 -1.77 7.01 -17.33
CA VAL A 34 -0.67 7.40 -16.47
C VAL A 34 0.53 6.58 -16.85
N ALA A 35 1.69 7.01 -16.40
CA ALA A 35 2.91 6.29 -16.62
C ALA A 35 3.26 5.64 -15.29
N VAL A 36 3.62 4.37 -15.36
CA VAL A 36 4.02 3.66 -14.16
C VAL A 36 5.44 3.20 -14.38
N LYS A 37 6.36 3.82 -13.65
CA LYS A 37 7.70 3.32 -13.65
C LYS A 37 7.87 2.27 -12.55
N ILE A 38 8.31 1.10 -12.97
CA ILE A 38 8.54 -0.07 -12.12
C ILE A 38 10.03 -0.27 -12.01
N PHE A 39 10.53 -0.13 -10.79
CA PHE A 39 11.97 -0.18 -10.54
C PHE A 39 12.41 -1.60 -10.25
N SER A 40 13.57 -1.99 -10.74
CA SER A 40 14.15 -3.26 -10.24
C SER A 40 14.40 -3.12 -8.74
N SER A 41 14.31 -4.23 -8.00
CA SER A 41 14.57 -4.20 -6.57
CA SER A 41 14.55 -4.19 -6.56
C SER A 41 15.99 -3.76 -6.31
N ARG A 42 16.86 -4.02 -7.29
CA ARG A 42 18.23 -3.57 -7.22
C ARG A 42 18.36 -2.05 -7.24
N ASP A 43 17.34 -1.32 -7.70
CA ASP A 43 17.42 0.17 -7.82
C ASP A 43 16.47 0.83 -6.85
N GLU A 44 16.22 0.12 -5.74
CA GLU A 44 15.23 0.53 -4.74
C GLU A 44 15.56 1.91 -4.09
N LYS A 45 16.84 2.24 -3.98
CA LYS A 45 17.24 3.52 -3.42
C LYS A 45 16.89 4.69 -4.34
N SER A 46 16.88 4.47 -5.65
CA SER A 46 16.42 5.50 -6.60
C SER A 46 14.93 5.75 -6.46
N TRP A 47 14.14 4.68 -6.38
CA TRP A 47 12.68 4.82 -6.13
C TRP A 47 12.44 5.65 -4.88
N PHE A 48 13.14 5.34 -3.79
CA PHE A 48 12.92 6.10 -2.57
C PHE A 48 13.33 7.57 -2.68
N ARG A 49 14.46 7.84 -3.34
CA ARG A 49 14.94 9.22 -3.46
C ARG A 49 13.96 10.07 -4.25
N GLU A 50 13.44 9.49 -5.31
CA GLU A 50 12.48 10.20 -6.14
C GLU A 50 11.21 10.47 -5.38
N THR A 51 10.70 9.43 -4.70
CA THR A 51 9.52 9.52 -3.94
C THR A 51 9.64 10.64 -2.89
N GLU A 52 10.74 10.61 -2.15
CA GLU A 52 11.03 11.64 -1.15
C GLU A 52 11.05 13.04 -1.71
N LEU A 53 11.78 13.23 -2.82
CA LEU A 53 11.85 14.51 -3.50
C LEU A 53 10.45 15.01 -3.87
N TYR A 54 9.67 14.13 -4.51
CA TYR A 54 8.39 14.55 -5.02
C TYR A 54 7.41 14.73 -3.88
N ASN A 55 7.55 13.94 -2.82
CA ASN A 55 6.52 13.96 -1.76
C ASN A 55 6.92 14.76 -0.55
N THR A 56 8.16 15.29 -0.49
CA THR A 56 8.57 16.18 0.61
C THR A 56 8.96 17.57 0.12
N VAL A 57 9.73 17.64 -0.95
CA VAL A 57 10.07 18.94 -1.55
C VAL A 57 8.94 19.44 -2.42
N MET A 58 8.10 18.51 -2.89
CA MET A 58 6.92 18.86 -3.63
C MET A 58 7.35 19.52 -4.95
N LEU A 59 8.34 18.91 -5.59
CA LEU A 59 8.86 19.38 -6.88
C LEU A 59 7.75 19.41 -7.93
N ARG A 60 7.51 20.59 -8.54
CA ARG A 60 6.39 20.78 -9.46
C ARG A 60 6.64 21.95 -10.40
N HIS A 61 6.61 21.70 -11.71
CA HIS A 61 7.09 22.68 -12.71
C HIS A 61 6.78 22.14 -14.08
N GLU A 62 6.42 23.03 -14.99
CA GLU A 62 6.06 22.66 -16.35
C GLU A 62 7.16 21.76 -17.00
N ASN A 63 8.41 21.98 -16.64
CA ASN A 63 9.50 21.22 -17.29
C ASN A 63 10.15 20.18 -16.42
N ILE A 64 9.42 19.73 -15.40
CA ILE A 64 9.82 18.58 -14.59
C ILE A 64 8.63 17.58 -14.64
N LEU A 65 8.93 16.33 -14.91
CA LEU A 65 7.88 15.31 -15.08
C LEU A 65 6.94 15.35 -13.88
N GLY A 66 5.62 15.43 -14.17
CA GLY A 66 4.59 15.55 -13.14
C GLY A 66 4.39 14.26 -12.34
N PHE A 67 4.71 14.32 -11.06
CA PHE A 67 4.37 13.26 -10.07
C PHE A 67 2.86 13.13 -9.81
N ILE A 68 2.37 11.91 -9.70
CA ILE A 68 1.02 11.66 -9.27
C ILE A 68 1.00 10.85 -7.95
N ALA A 69 1.74 9.76 -7.93
CA ALA A 69 1.70 8.89 -6.74
C ALA A 69 2.95 8.00 -6.69
N SER A 70 3.18 7.44 -5.51
CA SER A 70 4.21 6.43 -5.32
C SER A 70 3.58 5.32 -4.53
N ASP A 71 4.02 4.10 -4.83
CA ASP A 71 3.47 2.90 -4.19
C ASP A 71 4.51 1.81 -4.09
N MET A 72 4.57 1.14 -2.94
CA MET A 72 5.50 0.04 -2.73
C MET A 72 4.81 -1.02 -1.92
N THR A 73 5.06 -2.26 -2.27
CA THR A 73 4.64 -3.38 -1.44
C THR A 73 5.73 -4.43 -1.47
N SER A 74 6.01 -5.04 -0.32
CA SER A 74 7.12 -5.99 -0.22
C SER A 74 6.67 -7.12 0.65
N ARG A 75 7.00 -8.34 0.22
CA ARG A 75 6.87 -9.51 1.05
C ARG A 75 7.75 -10.62 0.43
N HIS A 76 8.25 -11.52 1.26
CA HIS A 76 8.90 -12.74 0.76
C HIS A 76 10.07 -12.41 -0.18
N SER A 77 10.79 -11.32 0.16
CA SER A 77 11.93 -10.77 -0.62
C SER A 77 11.53 -10.26 -1.99
N SER A 78 10.22 -10.18 -2.24
CA SER A 78 9.72 -9.62 -3.48
C SER A 78 9.25 -8.22 -3.18
N THR A 79 9.77 -7.25 -3.94
CA THR A 79 9.43 -5.88 -3.71
C THR A 79 8.95 -5.26 -5.02
N GLN A 80 7.78 -4.65 -4.96
CA GLN A 80 7.23 -3.92 -6.11
C GLN A 80 7.30 -2.43 -5.87
N LEU A 81 8.01 -1.73 -6.73
CA LEU A 81 8.35 -0.34 -6.54
C LEU A 81 7.81 0.48 -7.66
N TRP A 82 6.74 1.26 -7.43
CA TRP A 82 6.09 2.03 -8.49
C TRP A 82 6.19 3.53 -8.30
N LEU A 83 6.54 4.27 -9.36
CA LEU A 83 6.38 5.70 -9.35
C LEU A 83 5.43 6.01 -10.48
N ILE A 84 4.33 6.67 -10.13
CA ILE A 84 3.25 6.96 -11.05
C ILE A 84 3.33 8.43 -11.45
N THR A 85 3.43 8.67 -12.76
CA THR A 85 3.55 10.05 -13.28
C THR A 85 2.59 10.35 -14.41
N HIS A 86 2.58 11.61 -14.82
CA HIS A 86 1.95 12.07 -16.04
CA HIS A 86 1.87 11.97 -16.03
C HIS A 86 2.50 11.25 -17.19
N TYR A 87 1.64 10.81 -18.10
CA TYR A 87 2.03 10.04 -19.25
C TYR A 87 2.22 10.95 -20.47
N HIS A 88 3.38 10.82 -21.13
CA HIS A 88 3.71 11.59 -22.37
C HIS A 88 3.81 10.68 -23.59
N GLU A 89 2.75 10.69 -24.38
CA GLU A 89 2.61 9.71 -25.43
C GLU A 89 3.63 9.88 -26.56
N MET A 90 4.28 11.05 -26.66
CA MET A 90 5.31 11.26 -27.69
CA MET A 90 5.31 11.25 -27.69
C MET A 90 6.62 10.59 -27.26
N GLY A 91 6.68 10.17 -26.00
CA GLY A 91 7.84 9.47 -25.49
C GLY A 91 9.04 10.37 -25.19
N SER A 92 10.23 9.78 -25.18
CA SER A 92 11.41 10.51 -24.70
C SER A 92 11.87 11.41 -25.84
N LEU A 93 12.75 12.34 -25.49
CA LEU A 93 13.40 13.15 -26.51
C LEU A 93 14.25 12.27 -27.45
N TYR A 94 14.94 11.30 -26.87
CA TYR A 94 15.68 10.31 -27.63
C TYR A 94 14.77 9.69 -28.74
N ASP A 95 13.59 9.22 -28.35
CA ASP A 95 12.63 8.63 -29.31
C ASP A 95 12.21 9.66 -30.38
N TYR A 96 11.92 10.88 -29.93
CA TYR A 96 11.41 11.92 -30.81
C TYR A 96 12.42 12.33 -31.90
N LEU A 97 13.72 12.40 -31.56
CA LEU A 97 14.73 12.89 -32.49
C LEU A 97 15.10 11.86 -33.58
N GLN A 98 14.69 10.62 -33.42
CA GLN A 98 15.14 9.58 -34.39
C GLN A 98 14.73 9.94 -35.85
N LEU A 99 13.48 10.38 -36.03
CA LEU A 99 13.00 10.73 -37.39
C LEU A 99 12.56 12.17 -37.55
N THR A 100 12.06 12.77 -36.47
CA THR A 100 11.54 14.11 -36.56
C THR A 100 12.68 15.06 -36.87
N THR A 101 12.39 16.06 -37.69
CA THR A 101 13.31 17.15 -37.90
C THR A 101 12.67 18.43 -37.34
N LEU A 102 13.48 19.42 -36.99
CA LEU A 102 13.01 20.60 -36.30
C LEU A 102 13.25 21.81 -37.15
N ASP A 103 12.37 22.80 -37.02
CA ASP A 103 12.68 24.13 -37.51
C ASP A 103 13.27 24.95 -36.35
N THR A 104 13.59 26.20 -36.61
CA THR A 104 14.28 27.00 -35.59
C THR A 104 13.41 27.12 -34.34
N VAL A 105 12.12 27.40 -34.55
CA VAL A 105 11.17 27.58 -33.44
C VAL A 105 11.05 26.33 -32.56
N SER A 106 10.89 25.18 -33.18
CA SER A 106 10.69 23.95 -32.40
C SER A 106 12.00 23.51 -31.72
N CYS A 107 13.16 23.73 -32.36
CA CYS A 107 14.45 23.41 -31.73
C CYS A 107 14.67 24.23 -30.46
N LEU A 108 14.45 25.53 -30.58
CA LEU A 108 14.60 26.46 -29.42
C LEU A 108 13.56 26.19 -28.33
N ARG A 109 12.34 25.81 -28.70
CA ARG A 109 11.32 25.49 -27.71
C ARG A 109 11.78 24.28 -26.87
N ILE A 110 12.27 23.26 -27.53
CA ILE A 110 12.85 22.07 -26.87
C ILE A 110 14.01 22.45 -25.95
N VAL A 111 15.04 23.11 -26.46
CA VAL A 111 16.22 23.35 -25.61
C VAL A 111 15.98 24.40 -24.50
N LEU A 112 15.13 25.39 -24.73
CA LEU A 112 14.79 26.32 -23.67
C LEU A 112 13.98 25.64 -22.55
N SER A 113 13.05 24.76 -22.91
CA SER A 113 12.27 24.09 -21.88
C SER A 113 13.18 23.18 -20.99
N ILE A 114 14.12 22.48 -21.61
CA ILE A 114 15.11 21.69 -20.85
C ILE A 114 15.95 22.59 -19.95
N ALA A 115 16.47 23.70 -20.48
CA ALA A 115 17.19 24.67 -19.67
C ALA A 115 16.36 25.20 -18.54
N SER A 116 15.06 25.45 -18.78
CA SER A 116 14.18 25.98 -17.73
CA SER A 116 14.18 25.98 -17.73
C SER A 116 13.96 24.95 -16.62
N GLY A 117 13.77 23.69 -17.03
CA GLY A 117 13.65 22.58 -16.07
C GLY A 117 14.90 22.50 -15.22
N LEU A 118 16.06 22.50 -15.87
CA LEU A 118 17.29 22.37 -15.12
C LEU A 118 17.61 23.56 -14.23
N ALA A 119 17.42 24.77 -14.75
CA ALA A 119 17.57 25.97 -13.91
C ALA A 119 16.65 25.89 -12.67
N HIS A 120 15.40 25.44 -12.89
CA HIS A 120 14.47 25.30 -11.77
C HIS A 120 15.01 24.32 -10.72
N LEU A 121 15.54 23.17 -11.16
CA LEU A 121 16.18 22.18 -10.24
C LEU A 121 17.34 22.83 -9.51
N HIS A 122 18.28 23.45 -10.24
CA HIS A 122 19.57 23.89 -9.63
C HIS A 122 19.40 25.00 -8.60
N ILE A 123 18.38 25.84 -8.75
CA ILE A 123 18.26 27.08 -7.93
C ILE A 123 17.47 26.82 -6.64
N GLU A 124 17.93 27.37 -5.52
CA GLU A 124 17.15 27.35 -4.30
C GLU A 124 16.13 28.46 -4.36
N ILE A 125 14.90 28.14 -3.96
CA ILE A 125 13.82 29.08 -3.99
C ILE A 125 13.37 29.23 -2.53
N PHE A 126 13.22 30.47 -2.08
CA PHE A 126 12.78 30.76 -0.70
C PHE A 126 11.30 31.04 -0.66
N GLY A 127 10.73 30.92 0.54
CA GLY A 127 9.30 31.22 0.75
C GLY A 127 8.43 29.98 0.84
N THR A 128 7.13 30.21 1.05
CA THR A 128 6.16 29.13 1.27
C THR A 128 6.23 28.06 0.16
N GLN A 129 6.40 28.52 -1.09
CA GLN A 129 6.51 27.61 -2.24
C GLN A 129 7.98 27.30 -2.60
N GLY A 130 8.86 27.25 -1.58
CA GLY A 130 10.31 27.13 -1.78
C GLY A 130 10.83 25.69 -1.90
N LYS A 131 12.10 25.56 -2.21
CA LYS A 131 12.79 24.28 -2.42
C LYS A 131 14.27 24.48 -2.25
N PRO A 132 14.97 23.44 -1.76
CA PRO A 132 16.43 23.38 -1.84
C PRO A 132 16.93 23.35 -3.28
N ALA A 133 18.21 23.67 -3.45
CA ALA A 133 18.89 23.42 -4.71
C ALA A 133 19.05 21.90 -4.95
N ILE A 134 18.84 21.48 -6.19
CA ILE A 134 18.90 20.08 -6.55
C ILE A 134 19.79 19.88 -7.78
N ALA A 135 20.71 18.92 -7.73
CA ALA A 135 21.43 18.49 -8.93
C ALA A 135 20.92 17.09 -9.35
N HIS A 136 20.84 16.87 -10.65
CA HIS A 136 20.16 15.67 -11.19
C HIS A 136 21.05 14.40 -11.23
N ARG A 137 22.21 14.55 -11.87
CA ARG A 137 23.31 13.56 -11.94
C ARG A 137 23.11 12.45 -12.97
N ASP A 138 21.95 12.42 -13.64
CA ASP A 138 21.80 11.48 -14.81
C ASP A 138 20.97 12.07 -15.97
N LEU A 139 21.32 13.28 -16.39
CA LEU A 139 20.65 13.95 -17.49
C LEU A 139 21.09 13.31 -18.79
N LYS A 140 20.12 13.04 -19.67
CA LYS A 140 20.35 12.44 -20.96
C LYS A 140 19.06 12.48 -21.73
N SER A 141 19.14 12.23 -23.03
CA SER A 141 17.96 12.42 -23.89
C SER A 141 16.87 11.37 -23.60
N LYS A 142 17.25 10.20 -23.07
CA LYS A 142 16.25 9.18 -22.64
C LYS A 142 15.52 9.54 -21.35
N ASN A 143 16.11 10.45 -20.57
CA ASN A 143 15.47 10.99 -19.35
C ASN A 143 14.75 12.32 -19.53
N ILE A 144 14.38 12.66 -20.76
CA ILE A 144 13.56 13.86 -21.06
C ILE A 144 12.39 13.42 -21.88
N LEU A 145 11.20 13.89 -21.52
CA LEU A 145 9.97 13.59 -22.26
C LEU A 145 9.57 14.79 -23.14
N VAL A 146 9.03 14.49 -24.30
CA VAL A 146 8.46 15.50 -25.16
C VAL A 146 6.95 15.52 -25.00
N LYS A 147 6.41 16.72 -24.81
CA LYS A 147 4.98 16.93 -24.66
C LYS A 147 4.33 17.30 -25.97
N LYS A 148 3.01 17.21 -26.03
CA LYS A 148 2.28 17.56 -27.25
C LYS A 148 2.48 19.04 -27.67
N ASN A 149 2.58 19.93 -26.68
CA ASN A 149 2.84 21.36 -26.93
C ASN A 149 4.26 21.74 -27.39
N GLY A 150 5.16 20.76 -27.52
CA GLY A 150 6.50 20.99 -28.05
C GLY A 150 7.55 21.27 -26.99
N GLN A 151 7.10 21.45 -25.76
CA GLN A 151 7.95 21.60 -24.57
CA GLN A 151 8.04 21.61 -24.64
C GLN A 151 8.46 20.24 -24.14
N CYS A 152 9.51 20.25 -23.33
CA CYS A 152 10.03 19.03 -22.71
C CYS A 152 9.92 19.08 -21.22
N CYS A 153 10.08 17.92 -20.56
CA CYS A 153 10.16 17.87 -19.12
C CYS A 153 11.17 16.83 -18.72
N ILE A 154 11.88 17.13 -17.66
CA ILE A 154 12.98 16.30 -17.18
C ILE A 154 12.44 15.23 -16.19
N ALA A 155 12.90 14.00 -16.36
CA ALA A 155 12.51 12.89 -15.50
C ALA A 155 13.69 12.25 -14.80
N ASP A 156 13.36 11.31 -13.92
CA ASP A 156 14.31 10.39 -13.29
C ASP A 156 15.27 11.09 -12.32
N LEU A 157 14.72 11.44 -11.16
CA LEU A 157 15.41 12.18 -10.13
C LEU A 157 16.05 11.32 -9.07
N GLY A 158 16.20 10.03 -9.34
CA GLY A 158 16.64 9.10 -8.29
C GLY A 158 18.08 9.22 -7.83
N LEU A 159 18.93 9.91 -8.61
CA LEU A 159 20.29 10.13 -8.19
C LEU A 159 20.45 11.53 -7.63
N ALA A 160 19.34 12.23 -7.39
CA ALA A 160 19.45 13.65 -7.16
C ALA A 160 20.18 13.91 -5.86
N VAL A 161 20.93 15.03 -5.85
CA VAL A 161 21.57 15.54 -4.63
C VAL A 161 21.04 16.93 -4.33
N MET A 162 21.03 17.32 -3.06
CA MET A 162 20.37 18.55 -2.65
CA MET A 162 20.37 18.56 -2.66
C MET A 162 21.27 19.40 -1.75
N HIS A 163 20.97 20.71 -1.70
CA HIS A 163 21.70 21.65 -0.86
C HIS A 163 20.81 22.79 -0.42
N SER A 164 21.02 23.22 0.84
CA SER A 164 20.27 24.31 1.43
C SER A 164 21.22 25.40 1.93
N GLN A 165 20.86 26.65 1.65
CA GLN A 165 21.73 27.80 1.92
C GLN A 165 21.76 28.09 3.40
N SER A 166 20.59 28.04 4.05
CA SER A 166 20.49 28.44 5.46
C SER A 166 21.39 27.59 6.37
N THR A 167 21.42 26.29 6.09
CA THR A 167 22.24 25.33 6.85
C THR A 167 23.60 25.05 6.20
N ASN A 168 23.69 25.33 4.90
CA ASN A 168 24.86 25.03 4.10
C ASN A 168 25.16 23.53 4.03
N GLN A 169 24.11 22.73 4.13
CA GLN A 169 24.22 21.27 4.20
C GLN A 169 24.02 20.64 2.82
N LEU A 170 24.92 19.70 2.47
CA LEU A 170 24.83 18.89 1.24
C LEU A 170 24.21 17.55 1.60
N ASP A 171 23.19 17.15 0.85
CA ASP A 171 22.47 15.89 1.05
C ASP A 171 22.67 15.03 -0.23
N VAL A 172 23.61 14.09 -0.15
CA VAL A 172 23.92 13.17 -1.26
C VAL A 172 23.18 11.84 -1.14
N GLY A 173 22.47 11.63 -0.05
CA GLY A 173 21.79 10.34 0.13
C GLY A 173 22.82 9.23 0.13
N ASN A 174 22.39 8.02 -0.23
CA ASN A 174 23.29 6.87 -0.38
C ASN A 174 22.73 5.93 -1.45
N ASN A 175 23.34 5.95 -2.62
CA ASN A 175 22.86 5.18 -3.74
C ASN A 175 24.09 4.75 -4.52
N PRO A 176 24.28 3.43 -4.69
CA PRO A 176 25.46 2.96 -5.44
C PRO A 176 25.38 3.19 -6.96
N ARG A 177 24.18 3.51 -7.46
CA ARG A 177 23.93 3.76 -8.87
C ARG A 177 24.79 4.97 -9.29
N VAL A 178 25.42 4.85 -10.45
CA VAL A 178 26.18 5.95 -11.02
C VAL A 178 25.48 6.38 -12.33
N GLY A 179 25.83 7.55 -12.83
CA GLY A 179 25.19 8.06 -14.02
C GLY A 179 25.48 7.21 -15.25
N THR A 180 24.80 7.51 -16.33
CA THR A 180 24.98 6.83 -17.58
C THR A 180 26.36 7.13 -18.12
N LYS A 181 27.10 6.10 -18.52
CA LYS A 181 28.53 6.25 -18.84
C LYS A 181 28.81 7.19 -20.01
N ARG A 182 27.98 7.13 -21.04
CA ARG A 182 28.16 7.97 -22.21
C ARG A 182 28.17 9.46 -21.90
N TYR A 183 27.40 9.85 -20.89
CA TYR A 183 27.16 11.23 -20.56
C TYR A 183 28.02 11.70 -19.38
N MET A 184 28.92 10.85 -18.86
CA MET A 184 29.72 11.21 -17.71
C MET A 184 30.75 12.29 -18.05
N ALA A 185 30.84 13.28 -17.17
CA ALA A 185 31.80 14.40 -17.30
C ALA A 185 33.23 13.91 -17.07
N PRO A 186 34.24 14.67 -17.56
CA PRO A 186 35.62 14.20 -17.41
C PRO A 186 35.97 13.89 -15.96
N GLU A 187 35.53 14.76 -15.03
CA GLU A 187 35.91 14.66 -13.64
C GLU A 187 35.32 13.43 -12.98
N VAL A 188 34.17 12.95 -13.49
CA VAL A 188 33.61 11.70 -13.00
C VAL A 188 34.49 10.54 -13.53
N LEU A 189 34.88 10.62 -14.80
CA LEU A 189 35.64 9.52 -15.42
C LEU A 189 37.09 9.36 -14.91
N ASP A 190 37.75 10.45 -14.57
CA ASP A 190 39.11 10.38 -13.99
C ASP A 190 39.09 10.48 -12.46
N GLU A 191 37.89 10.43 -11.88
CA GLU A 191 37.66 10.34 -10.43
C GLU A 191 38.25 11.53 -9.61
N THR A 192 38.34 12.69 -10.23
CA THR A 192 38.76 13.92 -9.56
C THR A 192 37.60 14.75 -9.06
N ILE A 193 36.37 14.36 -9.36
CA ILE A 193 35.20 15.13 -8.95
C ILE A 193 35.24 15.38 -7.45
N GLN A 194 35.07 16.65 -7.07
CA GLN A 194 35.05 17.00 -5.66
C GLN A 194 33.68 16.69 -5.07
N VAL A 195 33.56 15.47 -4.52
CA VAL A 195 32.29 14.92 -4.06
C VAL A 195 31.64 15.64 -2.86
N ASP A 196 32.42 16.44 -2.13
CA ASP A 196 31.89 17.14 -0.96
C ASP A 196 31.36 18.51 -1.30
N CYS A 197 31.38 18.86 -2.58
CA CYS A 197 31.00 20.19 -3.02
CA CYS A 197 31.00 20.18 -3.05
C CYS A 197 29.74 20.10 -3.89
N PHE A 198 28.66 20.76 -3.46
CA PHE A 198 27.40 20.72 -4.22
C PHE A 198 27.59 21.21 -5.65
N ASP A 199 28.38 22.25 -5.84
CA ASP A 199 28.58 22.86 -7.17
C ASP A 199 29.14 21.85 -8.17
N SER A 200 29.97 20.92 -7.68
CA SER A 200 30.51 19.86 -8.55
C SER A 200 29.40 19.09 -9.25
N TYR A 201 28.33 18.77 -8.53
CA TYR A 201 27.23 18.02 -9.14
C TYR A 201 26.44 18.83 -10.19
N LYS A 202 26.24 20.10 -9.91
CA LYS A 202 25.60 21.00 -10.90
C LYS A 202 26.42 21.05 -12.17
N ARG A 203 27.74 21.05 -12.03
CA ARG A 203 28.65 21.13 -13.18
C ARG A 203 28.62 19.86 -14.04
N VAL A 204 28.39 18.70 -13.42
CA VAL A 204 28.21 17.44 -14.14
CA VAL A 204 28.25 17.46 -14.22
C VAL A 204 26.94 17.50 -14.99
N ASP A 205 25.89 18.13 -14.44
CA ASP A 205 24.62 18.29 -15.16
C ASP A 205 24.80 19.18 -16.36
N ILE A 206 25.58 20.24 -16.22
CA ILE A 206 25.84 21.17 -17.32
C ILE A 206 26.56 20.48 -18.48
N TRP A 207 27.56 19.61 -18.17
CA TRP A 207 28.23 18.80 -19.18
C TRP A 207 27.23 17.97 -19.98
N ALA A 208 26.39 17.22 -19.27
CA ALA A 208 25.40 16.38 -19.89
C ALA A 208 24.42 17.22 -20.72
N PHE A 209 24.03 18.38 -20.23
CA PHE A 209 23.13 19.24 -20.97
C PHE A 209 23.74 19.66 -22.31
N GLY A 210 25.04 19.97 -22.33
CA GLY A 210 25.69 20.32 -23.61
C GLY A 210 25.67 19.17 -24.64
N LEU A 211 25.83 17.94 -24.14
CA LEU A 211 25.70 16.78 -25.03
C LEU A 211 24.26 16.64 -25.55
N VAL A 212 23.24 16.83 -24.71
CA VAL A 212 21.87 16.75 -25.19
C VAL A 212 21.61 17.86 -26.22
N LEU A 213 22.10 19.06 -25.93
CA LEU A 213 21.98 20.19 -26.85
C LEU A 213 22.49 19.77 -28.23
N TRP A 214 23.65 19.15 -28.26
CA TRP A 214 24.19 18.66 -29.50
C TRP A 214 23.26 17.64 -30.21
N GLU A 215 22.68 16.69 -29.46
CA GLU A 215 21.76 15.71 -30.04
C GLU A 215 20.59 16.37 -30.72
N VAL A 216 20.07 17.43 -30.09
CA VAL A 216 18.92 18.16 -30.63
C VAL A 216 19.27 19.01 -31.88
N ALA A 217 20.35 19.75 -31.78
CA ALA A 217 20.75 20.69 -32.82
C ALA A 217 20.99 19.99 -34.16
N ARG A 218 21.56 18.79 -34.10
CA ARG A 218 21.69 17.97 -35.30
C ARG A 218 20.41 17.82 -36.16
N ARG A 219 19.25 17.85 -35.50
CA ARG A 219 17.96 17.58 -36.16
C ARG A 219 17.23 18.84 -36.59
N MET A 220 17.84 20.02 -36.36
CA MET A 220 17.28 21.28 -36.81
C MET A 220 17.71 21.52 -38.25
N VAL A 221 16.74 21.85 -39.11
CA VAL A 221 17.04 22.04 -40.51
C VAL A 221 17.67 23.42 -40.74
N SER A 222 18.72 23.43 -41.55
CA SER A 222 19.23 24.65 -42.14
C SER A 222 19.77 24.35 -43.54
N ASN A 223 19.63 25.30 -44.46
CA ASN A 223 20.01 25.07 -45.87
C ASN A 223 19.45 23.75 -46.38
N GLY A 224 18.21 23.45 -45.97
CA GLY A 224 17.50 22.28 -46.40
C GLY A 224 18.08 20.96 -45.95
N ILE A 225 19.02 20.96 -45.00
CA ILE A 225 19.59 19.68 -44.54
C ILE A 225 19.63 19.52 -43.02
N VAL A 226 19.82 18.28 -42.58
CA VAL A 226 19.98 17.91 -41.18
C VAL A 226 21.03 16.83 -41.12
N GLU A 227 21.52 16.54 -39.90
CA GLU A 227 22.30 15.34 -39.67
C GLU A 227 21.39 14.24 -39.14
N ASP A 228 21.69 12.97 -39.46
CA ASP A 228 20.98 11.85 -38.78
C ASP A 228 21.11 11.92 -37.28
N TYR A 229 20.12 11.41 -36.55
CA TYR A 229 20.26 11.26 -35.13
C TYR A 229 21.49 10.38 -34.86
N LYS A 230 22.34 10.83 -33.96
CA LYS A 230 23.40 9.99 -33.38
C LYS A 230 23.50 10.35 -31.91
N PRO A 231 23.91 9.38 -31.07
CA PRO A 231 24.25 9.67 -29.68
C PRO A 231 25.63 10.34 -29.57
N PRO A 232 25.85 11.06 -28.47
CA PRO A 232 27.15 11.69 -28.26
C PRO A 232 28.27 10.64 -28.32
N PHE A 233 29.36 10.96 -28.99
CA PHE A 233 30.53 10.06 -29.11
C PHE A 233 30.27 8.80 -29.94
N TYR A 234 29.27 8.86 -30.81
CA TYR A 234 28.88 7.68 -31.62
C TYR A 234 30.02 7.09 -32.45
N ASP A 235 30.97 7.95 -32.84
CA ASP A 235 32.02 7.53 -33.76
C ASP A 235 33.30 7.08 -33.06
N VAL A 236 33.40 7.26 -31.74
CA VAL A 236 34.65 6.93 -31.03
C VAL A 236 34.47 5.91 -29.91
N VAL A 237 33.24 5.48 -29.64
CA VAL A 237 33.01 4.44 -28.61
C VAL A 237 31.87 3.52 -29.05
N PRO A 238 31.85 2.28 -28.53
CA PRO A 238 30.82 1.33 -28.96
C PRO A 238 29.47 1.60 -28.30
N ASN A 239 28.45 0.83 -28.67
CA ASN A 239 27.25 0.72 -27.87
C ASN A 239 27.61 0.28 -26.47
N ASP A 240 26.85 0.74 -25.49
CA ASP A 240 27.10 0.39 -24.09
C ASP A 240 28.60 0.52 -23.77
N PRO A 241 29.13 1.74 -23.90
CA PRO A 241 30.57 1.88 -23.73
C PRO A 241 30.97 1.64 -22.28
N SER A 242 32.19 1.14 -22.08
CA SER A 242 32.71 0.94 -20.72
C SER A 242 33.23 2.25 -20.13
N PHE A 243 33.32 2.28 -18.80
CA PHE A 243 33.99 3.35 -18.09
C PHE A 243 35.33 3.72 -18.73
N GLU A 244 36.10 2.70 -19.07
CA GLU A 244 37.41 2.90 -19.63
C GLU A 244 37.38 3.47 -21.06
N ASP A 245 36.40 3.03 -21.87
CA ASP A 245 36.23 3.56 -23.22
C ASP A 245 36.00 5.06 -23.17
N MET A 246 35.17 5.47 -22.21
CA MET A 246 34.77 6.86 -22.11
C MET A 246 35.94 7.72 -21.59
N ARG A 247 36.66 7.19 -20.59
CA ARG A 247 37.83 7.87 -19.99
C ARG A 247 38.93 8.16 -21.02
N LYS A 248 39.20 7.18 -21.87
CA LYS A 248 40.20 7.36 -22.92
C LYS A 248 39.78 8.46 -23.90
N VAL A 249 38.52 8.42 -24.33
CA VAL A 249 38.01 9.40 -25.27
C VAL A 249 37.96 10.82 -24.64
N VAL A 250 37.32 10.94 -23.48
CA VAL A 250 36.98 12.23 -22.88
C VAL A 250 38.14 12.86 -22.11
N CYS A 251 38.87 12.05 -21.34
CA CYS A 251 39.93 12.55 -20.46
C CYS A 251 41.26 12.53 -21.20
N VAL A 252 41.67 11.35 -21.65
CA VAL A 252 42.99 11.20 -22.26
C VAL A 252 43.04 11.90 -23.62
N ASP A 253 42.18 11.52 -24.55
CA ASP A 253 42.18 12.14 -25.87
C ASP A 253 41.52 13.53 -25.90
N GLN A 254 40.86 13.92 -24.80
CA GLN A 254 40.17 15.20 -24.72
C GLN A 254 39.21 15.48 -25.89
N GLN A 255 38.48 14.46 -26.29
CA GLN A 255 37.52 14.56 -27.39
CA GLN A 255 37.56 14.62 -27.40
C GLN A 255 36.19 15.10 -26.90
N ARG A 256 35.46 15.77 -27.80
CA ARG A 256 34.12 16.24 -27.58
C ARG A 256 33.40 15.98 -28.90
N PRO A 257 32.06 16.03 -28.90
CA PRO A 257 31.38 15.87 -30.18
C PRO A 257 31.83 16.92 -31.19
N ASN A 258 31.87 16.58 -32.47
CA ASN A 258 32.23 17.55 -33.51
C ASN A 258 31.04 18.36 -33.98
N ILE A 259 31.32 19.57 -34.43
CA ILE A 259 30.30 20.48 -34.94
C ILE A 259 30.31 20.44 -36.48
N PRO A 260 29.17 20.05 -37.09
CA PRO A 260 29.09 20.00 -38.54
C PRO A 260 29.35 21.37 -39.20
N ASN A 261 29.99 21.38 -40.36
CA ASN A 261 30.33 22.66 -41.03
C ASN A 261 29.08 23.52 -41.26
N ARG A 262 27.97 22.89 -41.64
CA ARG A 262 26.75 23.63 -42.04
C ARG A 262 26.16 24.49 -40.92
N TRP A 263 26.45 24.13 -39.67
CA TRP A 263 25.95 24.92 -38.54
C TRP A 263 26.38 26.38 -38.62
N PHE A 264 27.57 26.64 -39.18
CA PHE A 264 28.19 27.95 -39.03
C PHE A 264 27.63 29.02 -40.00
N SER A 265 26.78 28.62 -40.94
CA SER A 265 26.06 29.61 -41.70
C SER A 265 24.66 29.83 -41.17
N ASP A 266 24.28 29.12 -40.09
CA ASP A 266 23.00 29.38 -39.47
C ASP A 266 23.18 30.14 -38.17
N PRO A 267 22.52 31.28 -38.00
CA PRO A 267 22.80 32.04 -36.75
C PRO A 267 22.47 31.28 -35.46
N THR A 268 21.37 30.54 -35.50
CA THR A 268 20.88 29.80 -34.33
C THR A 268 21.83 28.67 -33.99
N LEU A 269 22.19 27.85 -34.96
CA LEU A 269 23.12 26.75 -34.68
C LEU A 269 24.53 27.21 -34.25
N THR A 270 25.00 28.33 -34.80
CA THR A 270 26.24 28.95 -34.38
C THR A 270 26.19 29.34 -32.92
N SER A 271 25.07 29.91 -32.48
CA SER A 271 24.90 30.30 -31.07
C SER A 271 24.84 29.03 -30.20
N LEU A 272 24.17 27.99 -30.72
CA LEU A 272 24.06 26.72 -29.97
C LEU A 272 25.41 26.02 -29.88
N ALA A 273 26.22 26.06 -30.94
CA ALA A 273 27.61 25.52 -30.85
C ALA A 273 28.44 26.22 -29.77
N LYS A 274 28.32 27.54 -29.67
CA LYS A 274 29.03 28.29 -28.65
C LYS A 274 28.59 27.88 -27.24
N LEU A 275 27.28 27.64 -27.07
CA LEU A 275 26.76 27.23 -25.80
C LEU A 275 27.31 25.85 -25.41
N MET A 276 27.41 24.95 -26.37
CA MET A 276 27.94 23.60 -26.12
C MET A 276 29.38 23.65 -25.67
N LYS A 277 30.16 24.46 -26.34
CA LYS A 277 31.55 24.66 -25.95
C LYS A 277 31.62 25.11 -24.51
N GLU A 278 30.71 26.01 -24.11
CA GLU A 278 30.74 26.54 -22.75
C GLU A 278 30.24 25.53 -21.72
N CYS A 279 29.63 24.44 -22.18
CA CYS A 279 29.26 23.31 -21.30
C CYS A 279 30.34 22.26 -21.21
N TRP A 280 31.31 22.27 -22.14
CA TRP A 280 32.24 21.15 -22.32
C TRP A 280 33.68 21.40 -21.88
N TYR A 281 33.92 22.49 -21.18
CA TYR A 281 35.25 22.74 -20.70
C TYR A 281 35.71 21.59 -19.81
N GLN A 282 36.95 21.17 -20.00
CA GLN A 282 37.58 20.22 -19.06
C GLN A 282 37.51 20.70 -17.60
N ASN A 283 37.72 21.99 -17.39
CA ASN A 283 37.71 22.59 -16.06
C ASN A 283 36.27 22.86 -15.67
N PRO A 284 35.76 22.16 -14.65
CA PRO A 284 34.33 22.21 -14.36
C PRO A 284 33.89 23.61 -13.95
N SER A 285 34.76 24.35 -13.24
CA SER A 285 34.39 25.69 -12.76
C SER A 285 34.30 26.71 -13.90
N ALA A 286 34.87 26.38 -15.06
CA ALA A 286 34.73 27.24 -16.27
C ALA A 286 33.37 27.14 -17.00
N ARG A 287 32.63 26.07 -16.73
CA ARG A 287 31.35 25.86 -17.43
C ARG A 287 30.31 26.90 -17.05
N LEU A 288 29.41 27.19 -17.98
CA LEU A 288 28.24 28.07 -17.69
C LEU A 288 27.34 27.47 -16.65
N THR A 289 26.57 28.32 -15.97
CA THR A 289 25.52 27.87 -15.07
C THR A 289 24.21 27.63 -15.85
N ALA A 290 23.29 26.87 -15.26
CA ALA A 290 21.96 26.66 -15.87
C ALA A 290 21.24 27.98 -16.09
N LEU A 291 21.37 28.89 -15.15
CA LEU A 291 20.74 30.22 -15.24
C LEU A 291 21.26 30.97 -16.44
N ARG A 292 22.58 30.98 -16.62
CA ARG A 292 23.21 31.65 -17.78
C ARG A 292 22.80 31.00 -19.11
N ILE A 293 22.77 29.67 -19.14
CA ILE A 293 22.24 28.97 -20.30
C ILE A 293 20.81 29.40 -20.63
N LYS A 294 19.92 29.39 -19.63
CA LYS A 294 18.52 29.83 -19.85
C LYS A 294 18.44 31.26 -20.43
N LYS A 295 19.18 32.19 -19.80
CA LYS A 295 19.25 33.57 -20.24
C LYS A 295 19.73 33.68 -21.70
N THR A 296 20.78 32.95 -22.05
CA THR A 296 21.29 32.96 -23.42
C THR A 296 20.23 32.48 -24.40
N LEU A 297 19.56 31.38 -24.10
CA LEU A 297 18.58 30.82 -25.02
C LEU A 297 17.33 31.69 -25.15
N THR A 298 16.92 32.34 -24.04
CA THR A 298 15.77 33.22 -24.07
CA THR A 298 15.75 33.21 -24.10
C THR A 298 16.01 34.36 -25.06
N LYS A 299 17.26 34.78 -25.17
CA LYS A 299 17.61 35.90 -26.05
C LYS A 299 17.78 35.55 -27.54
N ILE A 300 17.99 34.28 -27.89
CA ILE A 300 18.13 33.94 -29.32
C ILE A 300 16.81 33.53 -30.01
N ASP A 301 15.71 33.44 -29.26
CA ASP A 301 14.35 33.33 -29.87
C ASP A 301 13.50 34.61 -29.69
N SER B 1 -13.62 -3.05 13.63
CA SER B 1 -12.31 -3.43 12.99
C SER B 1 -12.10 -2.74 11.66
N MET B 2 -10.85 -2.45 11.32
CA MET B 2 -10.56 -1.54 10.21
C MET B 2 -9.58 -2.14 9.27
N GLN B 3 -9.76 -1.82 8.00
CA GLN B 3 -8.79 -2.03 6.95
C GLN B 3 -8.33 -0.69 6.43
N ARG B 4 -7.12 -0.64 5.89
CA ARG B 4 -6.63 0.59 5.24
C ARG B 4 -6.19 0.22 3.84
N THR B 5 -6.30 1.16 2.91
CA THR B 5 -5.96 0.87 1.53
C THR B 5 -4.46 0.61 1.33
N VAL B 6 -3.64 0.91 2.33
CA VAL B 6 -2.19 0.64 2.25
C VAL B 6 -1.87 -0.90 2.30
N ALA B 7 -2.78 -1.69 2.89
CA ALA B 7 -2.77 -3.16 2.77
C ALA B 7 -4.16 -3.71 3.08
N ARG B 8 -4.94 -3.90 2.02
CA ARG B 8 -6.36 -4.28 2.12
C ARG B 8 -6.62 -5.69 2.68
N ASP B 9 -5.58 -6.51 2.74
CA ASP B 9 -5.74 -7.85 3.26
C ASP B 9 -5.51 -7.96 4.79
N ILE B 10 -5.14 -6.85 5.45
CA ILE B 10 -4.91 -6.86 6.90
C ILE B 10 -6.06 -6.16 7.60
N THR B 11 -6.59 -6.82 8.64
CA THR B 11 -7.64 -6.27 9.49
C THR B 11 -7.04 -5.80 10.80
N LEU B 12 -7.07 -4.50 11.05
CA LEU B 12 -6.55 -3.98 12.34
C LEU B 12 -7.57 -4.21 13.45
N LEU B 13 -7.13 -4.83 14.55
CA LEU B 13 -8.01 -5.24 15.64
C LEU B 13 -7.92 -4.33 16.85
N GLU B 14 -6.71 -4.02 17.31
CA GLU B 14 -6.52 -3.12 18.48
C GLU B 14 -5.13 -2.54 18.56
N CYS B 15 -5.01 -1.32 19.09
CA CYS B 15 -3.71 -0.69 19.29
C CYS B 15 -3.09 -1.28 20.55
N VAL B 16 -1.87 -1.82 20.43
CA VAL B 16 -1.19 -2.50 21.56
C VAL B 16 0.04 -1.76 22.05
N GLY B 17 0.39 -0.67 21.39
CA GLY B 17 1.65 -0.01 21.69
C GLY B 17 1.79 1.30 20.97
N LYS B 18 2.61 2.17 21.57
CA LYS B 18 3.01 3.43 20.99
C LYS B 18 4.51 3.52 21.08
N GLY B 19 5.13 4.11 20.04
CA GLY B 19 6.58 4.33 20.03
C GLY B 19 6.91 5.68 19.41
N ARG B 20 8.20 5.93 19.21
CA ARG B 20 8.66 7.21 18.65
C ARG B 20 8.20 7.45 17.20
N TYR B 21 7.73 6.39 16.53
CA TYR B 21 7.18 6.52 15.18
C TYR B 21 5.66 6.55 15.12
N GLY B 22 5.01 6.06 16.16
CA GLY B 22 3.56 6.03 16.18
C GLY B 22 3.03 4.78 16.86
N GLU B 23 2.06 4.14 16.22
CA GLU B 23 1.31 3.08 16.86
C GLU B 23 1.72 1.73 16.29
N VAL B 24 1.54 0.70 17.11
CA VAL B 24 1.60 -0.66 16.71
C VAL B 24 0.28 -1.27 17.04
N TRP B 25 -0.27 -2.00 16.09
CA TRP B 25 -1.54 -2.66 16.22
C TRP B 25 -1.40 -4.14 16.09
N ARG B 26 -2.18 -4.86 16.88
CA ARG B 26 -2.49 -6.25 16.58
C ARG B 26 -3.42 -6.26 15.41
N GLY B 27 -3.07 -7.09 14.43
CA GLY B 27 -3.92 -7.26 13.25
C GLY B 27 -4.05 -8.73 12.89
N SER B 28 -4.94 -8.99 11.93
CA SER B 28 -5.25 -10.34 11.46
C SER B 28 -4.95 -10.36 9.97
N TRP B 29 -4.24 -11.37 9.53
CA TRP B 29 -3.85 -11.53 8.11
C TRP B 29 -3.85 -13.03 7.83
N GLN B 30 -4.69 -13.44 6.88
CA GLN B 30 -4.82 -14.86 6.52
C GLN B 30 -4.91 -15.78 7.74
N GLY B 31 -5.71 -15.37 8.72
CA GLY B 31 -5.99 -16.21 9.87
C GLY B 31 -4.98 -16.23 11.01
N GLU B 32 -3.95 -15.39 10.92
CA GLU B 32 -2.91 -15.33 11.97
C GLU B 32 -2.79 -13.92 12.48
N ASN B 33 -2.37 -13.79 13.74
CA ASN B 33 -2.03 -12.48 14.29
C ASN B 33 -0.75 -11.95 13.61
N VAL B 34 -0.74 -10.67 13.29
CA VAL B 34 0.45 -9.94 12.85
C VAL B 34 0.52 -8.63 13.65
N ALA B 35 1.67 -7.96 13.66
CA ALA B 35 1.81 -6.70 14.31
C ALA B 35 1.96 -5.72 13.17
N VAL B 36 1.24 -4.62 13.22
CA VAL B 36 1.33 -3.56 12.20
C VAL B 36 1.87 -2.28 12.80
N LYS B 37 3.06 -1.88 12.37
CA LYS B 37 3.68 -0.67 12.84
C LYS B 37 3.39 0.42 11.81
N ILE B 38 2.73 1.48 12.28
CA ILE B 38 2.25 2.54 11.45
C ILE B 38 3.14 3.75 11.68
N PHE B 39 3.76 4.23 10.60
CA PHE B 39 4.64 5.39 10.64
C PHE B 39 3.84 6.64 10.20
N SER B 40 4.21 7.80 10.74
CA SER B 40 3.73 9.07 10.19
C SER B 40 4.60 9.40 9.00
N SER B 41 4.08 10.22 8.10
CA SER B 41 4.81 10.64 6.88
C SER B 41 6.13 11.34 7.20
N ARG B 42 6.15 11.96 8.37
CA ARG B 42 7.34 12.62 8.89
C ARG B 42 8.55 11.65 8.88
N ASP B 43 8.29 10.37 9.11
CA ASP B 43 9.36 9.40 9.36
C ASP B 43 9.56 8.39 8.24
N GLU B 44 9.27 8.78 7.00
CA GLU B 44 9.42 7.85 5.90
C GLU B 44 10.87 7.37 5.74
N LYS B 45 11.86 8.13 6.22
CA LYS B 45 13.25 7.64 6.16
C LYS B 45 13.50 6.43 7.07
N SER B 46 12.91 6.43 8.27
CA SER B 46 13.07 5.31 9.19
C SER B 46 12.30 4.11 8.68
N TRP B 47 11.13 4.35 8.12
CA TRP B 47 10.40 3.27 7.51
C TRP B 47 11.24 2.60 6.44
N PHE B 48 11.84 3.38 5.54
CA PHE B 48 12.61 2.81 4.45
C PHE B 48 13.85 2.07 4.95
N ARG B 49 14.50 2.64 5.94
CA ARG B 49 15.72 2.08 6.49
C ARG B 49 15.46 0.71 7.09
N GLU B 50 14.39 0.61 7.86
CA GLU B 50 14.02 -0.66 8.49
C GLU B 50 13.64 -1.70 7.41
N THR B 51 12.83 -1.27 6.44
CA THR B 51 12.47 -2.13 5.33
C THR B 51 13.69 -2.66 4.57
N GLU B 52 14.62 -1.78 4.20
CA GLU B 52 15.82 -2.18 3.44
C GLU B 52 16.66 -3.21 4.20
N LEU B 53 16.79 -2.98 5.49
CA LEU B 53 17.57 -3.88 6.36
C LEU B 53 17.01 -5.29 6.38
N TYR B 54 15.69 -5.39 6.49
CA TYR B 54 15.00 -6.68 6.45
C TYR B 54 15.01 -7.31 5.06
N ASN B 55 15.01 -6.47 4.02
CA ASN B 55 14.71 -6.90 2.64
C ASN B 55 15.90 -7.16 1.76
N THR B 56 17.06 -6.66 2.16
CA THR B 56 18.23 -6.73 1.32
C THR B 56 19.37 -7.37 2.10
N VAL B 57 19.45 -7.11 3.40
CA VAL B 57 20.31 -7.88 4.27
C VAL B 57 19.70 -9.26 4.53
N MET B 58 18.41 -9.40 4.23
CA MET B 58 17.64 -10.60 4.58
C MET B 58 17.98 -10.98 6.03
N LEU B 59 17.89 -9.99 6.90
CA LEU B 59 18.15 -10.15 8.33
C LEU B 59 17.10 -11.09 8.93
N ARG B 60 17.57 -12.22 9.49
CA ARG B 60 16.70 -13.17 10.16
C ARG B 60 17.40 -13.96 11.25
N HIS B 61 16.71 -14.14 12.38
CA HIS B 61 17.30 -14.74 13.55
C HIS B 61 16.22 -14.95 14.61
N GLU B 62 16.36 -15.99 15.42
CA GLU B 62 15.35 -16.26 16.46
C GLU B 62 15.16 -15.09 17.40
N ASN B 63 16.20 -14.30 17.56
CA ASN B 63 16.19 -13.19 18.52
C ASN B 63 16.18 -11.81 17.89
N ILE B 64 15.73 -11.73 16.65
CA ILE B 64 15.46 -10.47 15.97
C ILE B 64 14.00 -10.57 15.46
N LEU B 65 13.20 -9.58 15.81
CA LEU B 65 11.76 -9.61 15.41
C LEU B 65 11.61 -9.97 13.93
N GLY B 66 10.71 -10.90 13.64
CA GLY B 66 10.57 -11.42 12.28
C GLY B 66 9.74 -10.53 11.37
N PHE B 67 10.32 -10.11 10.26
CA PHE B 67 9.68 -9.30 9.23
C PHE B 67 8.69 -10.15 8.44
N ILE B 68 7.51 -9.61 8.15
CA ILE B 68 6.57 -10.20 7.22
C ILE B 68 6.41 -9.36 5.92
N ALA B 69 6.18 -8.06 6.08
CA ALA B 69 5.89 -7.20 4.92
C ALA B 69 6.05 -5.75 5.18
N SER B 70 6.10 -4.98 4.09
CA SER B 70 6.20 -3.54 4.13
C SER B 70 5.36 -2.96 2.99
N ASP B 71 4.70 -1.83 3.26
CA ASP B 71 3.85 -1.18 2.26
C ASP B 71 3.90 0.32 2.45
N MET B 72 3.79 1.03 1.34
CA MET B 72 3.60 2.47 1.39
C MET B 72 2.85 2.95 0.19
N THR B 73 2.05 3.97 0.43
CA THR B 73 1.39 4.63 -0.66
C THR B 73 1.44 6.10 -0.41
N SER B 74 1.60 6.85 -1.48
CA SER B 74 1.88 8.26 -1.29
C SER B 74 1.28 9.04 -2.42
N ARG B 75 0.59 10.12 -2.04
CA ARG B 75 0.12 11.16 -2.95
C ARG B 75 0.49 12.50 -2.34
N HIS B 76 0.27 13.55 -3.11
CA HIS B 76 0.44 14.89 -2.59
C HIS B 76 -0.40 15.07 -1.31
N SER B 77 0.31 15.42 -0.24
CA SER B 77 -0.27 15.66 1.08
C SER B 77 -0.98 14.45 1.72
N SER B 78 -0.76 13.24 1.21
CA SER B 78 -1.20 12.05 1.93
C SER B 78 -0.31 10.82 1.71
N THR B 79 0.34 10.39 2.78
CA THR B 79 1.28 9.29 2.73
C THR B 79 1.02 8.33 3.89
N GLN B 80 0.91 7.04 3.58
CA GLN B 80 0.78 5.97 4.59
C GLN B 80 1.90 4.98 4.40
N LEU B 81 2.49 4.56 5.51
CA LEU B 81 3.66 3.68 5.57
C LEU B 81 3.50 2.63 6.68
N TRP B 82 3.61 1.35 6.34
CA TRP B 82 3.41 0.25 7.30
C TRP B 82 4.55 -0.72 7.24
N LEU B 83 4.91 -1.25 8.41
CA LEU B 83 5.79 -2.39 8.51
C LEU B 83 5.01 -3.49 9.25
N ILE B 84 4.96 -4.68 8.66
CA ILE B 84 4.21 -5.78 9.25
C ILE B 84 5.21 -6.85 9.72
N THR B 85 5.03 -7.30 10.95
CA THR B 85 5.97 -8.21 11.57
C THR B 85 5.22 -9.30 12.30
N HIS B 86 5.95 -10.27 12.79
CA HIS B 86 5.37 -11.24 13.70
CA HIS B 86 5.41 -11.25 13.72
C HIS B 86 4.86 -10.54 14.96
N TYR B 87 3.80 -11.11 15.54
CA TYR B 87 3.15 -10.59 16.73
C TYR B 87 3.48 -11.48 17.92
N HIS B 88 3.94 -10.87 19.01
CA HIS B 88 4.26 -11.57 20.23
C HIS B 88 3.34 -11.14 21.33
N GLU B 89 2.43 -12.04 21.70
CA GLU B 89 1.32 -11.64 22.58
C GLU B 89 1.75 -11.30 24.01
N MET B 90 2.92 -11.76 24.43
CA MET B 90 3.44 -11.42 25.76
CA MET B 90 3.39 -11.41 25.77
C MET B 90 3.90 -9.97 25.84
N GLY B 91 4.05 -9.30 24.69
CA GLY B 91 4.38 -7.90 24.66
C GLY B 91 5.83 -7.56 24.95
N SER B 92 6.11 -6.30 25.26
CA SER B 92 7.52 -5.87 25.40
C SER B 92 8.13 -6.32 26.73
N LEU B 93 9.45 -6.41 26.75
CA LEU B 93 10.16 -6.73 27.97
C LEU B 93 9.82 -5.73 29.06
N TYR B 94 9.74 -4.47 28.69
CA TYR B 94 9.39 -3.41 29.61
C TYR B 94 8.05 -3.67 30.30
N ASP B 95 7.04 -4.02 29.53
CA ASP B 95 5.74 -4.32 30.12
C ASP B 95 5.79 -5.61 30.97
N TYR B 96 6.45 -6.62 30.44
CA TYR B 96 6.56 -7.91 31.11
C TYR B 96 7.21 -7.78 32.48
N LEU B 97 8.29 -7.02 32.57
CA LEU B 97 9.01 -6.88 33.85
C LEU B 97 8.22 -6.06 34.87
N GLN B 98 7.21 -5.30 34.44
CA GLN B 98 6.34 -4.59 35.41
C GLN B 98 5.58 -5.62 36.24
N LEU B 99 5.08 -6.65 35.54
CA LEU B 99 4.12 -7.58 36.05
C LEU B 99 4.75 -8.85 36.58
N THR B 100 6.00 -9.12 36.21
CA THR B 100 6.58 -10.43 36.36
C THR B 100 7.93 -10.41 37.05
N THR B 101 8.10 -11.32 37.99
CA THR B 101 9.42 -11.63 38.55
C THR B 101 9.95 -12.86 37.82
N LEU B 102 11.27 -13.07 37.91
CA LEU B 102 12.01 -14.09 37.18
C LEU B 102 12.73 -15.06 38.12
N ASP B 103 12.72 -16.35 37.76
CA ASP B 103 13.65 -17.29 38.37
C ASP B 103 14.97 -17.25 37.62
N THR B 104 15.98 -17.93 38.14
CA THR B 104 17.33 -17.89 37.57
CA THR B 104 17.32 -17.84 37.54
C THR B 104 17.35 -18.35 36.10
N VAL B 105 16.62 -19.43 35.82
CA VAL B 105 16.58 -19.99 34.49
C VAL B 105 15.97 -18.97 33.50
N SER B 106 14.90 -18.29 33.91
CA SER B 106 14.19 -17.36 33.02
C SER B 106 14.98 -16.10 32.80
N CYS B 107 15.64 -15.62 33.85
CA CYS B 107 16.53 -14.49 33.75
C CYS B 107 17.63 -14.74 32.72
N LEU B 108 18.37 -15.84 32.90
CA LEU B 108 19.43 -16.22 31.97
C LEU B 108 18.94 -16.36 30.56
N ARG B 109 17.81 -17.04 30.38
CA ARG B 109 17.23 -17.23 29.06
C ARG B 109 16.93 -15.87 28.38
N ILE B 110 16.36 -14.93 29.12
CA ILE B 110 16.10 -13.58 28.59
C ILE B 110 17.40 -12.87 28.16
N VAL B 111 18.36 -12.76 29.08
CA VAL B 111 19.56 -11.94 28.84
C VAL B 111 20.46 -12.63 27.78
N LEU B 112 20.51 -13.96 27.78
CA LEU B 112 21.23 -14.66 26.71
C LEU B 112 20.61 -14.43 25.33
N SER B 113 19.29 -14.47 25.26
CA SER B 113 18.61 -14.29 23.98
C SER B 113 18.79 -12.86 23.45
N ILE B 114 18.85 -11.86 24.34
CA ILE B 114 19.12 -10.48 23.92
C ILE B 114 20.56 -10.37 23.39
N ALA B 115 21.48 -10.99 24.15
CA ALA B 115 22.89 -10.97 23.77
C ALA B 115 23.08 -11.62 22.39
N SER B 116 22.36 -12.72 22.16
CA SER B 116 22.51 -13.45 20.91
CA SER B 116 22.51 -13.46 20.91
C SER B 116 21.95 -12.69 19.71
N GLY B 117 20.80 -12.03 19.92
CA GLY B 117 20.23 -11.13 18.89
C GLY B 117 21.20 -9.99 18.58
N LEU B 118 21.74 -9.37 19.62
CA LEU B 118 22.60 -8.22 19.47
C LEU B 118 23.92 -8.59 18.78
N ALA B 119 24.49 -9.73 19.15
CA ALA B 119 25.69 -10.23 18.48
C ALA B 119 25.43 -10.54 17.05
N HIS B 120 24.26 -11.06 16.73
CA HIS B 120 23.90 -11.28 15.31
C HIS B 120 23.75 -10.00 14.54
N LEU B 121 23.15 -8.96 15.11
CA LEU B 121 23.15 -7.65 14.46
C LEU B 121 24.60 -7.13 14.26
N HIS B 122 25.38 -7.16 15.33
CA HIS B 122 26.68 -6.48 15.40
C HIS B 122 27.73 -7.14 14.54
N ILE B 123 27.64 -8.45 14.38
CA ILE B 123 28.72 -9.19 13.76
CA ILE B 123 28.69 -9.25 13.73
C ILE B 123 28.73 -8.97 12.26
N GLU B 124 29.90 -8.54 11.77
CA GLU B 124 30.11 -8.48 10.34
C GLU B 124 30.60 -9.84 9.86
N ILE B 125 29.88 -10.42 8.90
CA ILE B 125 30.25 -11.65 8.29
C ILE B 125 30.86 -11.32 6.89
N PHE B 126 32.12 -11.74 6.67
CA PHE B 126 32.84 -11.35 5.46
C PHE B 126 32.59 -12.37 4.37
N GLY B 127 32.77 -11.93 3.12
CA GLY B 127 32.73 -12.80 1.97
C GLY B 127 31.47 -12.68 1.15
N THR B 128 31.32 -13.63 0.22
CA THR B 128 30.26 -13.55 -0.79
C THR B 128 28.83 -13.81 -0.22
N GLN B 129 28.72 -14.46 0.92
CA GLN B 129 27.41 -14.63 1.56
C GLN B 129 27.47 -14.03 2.96
N GLY B 130 27.98 -12.81 3.01
CA GLY B 130 28.25 -12.18 4.28
C GLY B 130 27.07 -11.36 4.76
N LYS B 131 27.39 -10.39 5.57
CA LYS B 131 26.40 -9.57 6.20
C LYS B 131 27.09 -8.33 6.78
N PRO B 132 26.50 -7.16 6.54
CA PRO B 132 27.07 -5.99 7.23
C PRO B 132 26.89 -6.10 8.74
N ALA B 133 27.81 -5.50 9.47
CA ALA B 133 27.61 -5.12 10.86
C ALA B 133 26.46 -4.14 10.90
N ILE B 134 25.64 -4.27 11.93
CA ILE B 134 24.51 -3.37 12.13
C ILE B 134 24.50 -2.87 13.55
N ALA B 135 24.32 -1.57 13.73
CA ALA B 135 24.17 -1.04 15.07
C ALA B 135 22.76 -0.57 15.18
N HIS B 136 22.13 -0.83 16.32
CA HIS B 136 20.70 -0.60 16.51
C HIS B 136 20.37 0.87 16.72
N ARG B 137 21.07 1.48 17.67
CA ARG B 137 20.93 2.91 18.01
C ARG B 137 19.74 3.34 18.89
N ASP B 138 18.83 2.43 19.23
CA ASP B 138 17.81 2.76 20.20
C ASP B 138 17.43 1.53 20.99
N LEU B 139 18.43 0.84 21.52
CA LEU B 139 18.17 -0.38 22.28
C LEU B 139 17.61 -0.01 23.65
N LYS B 140 16.52 -0.66 24.06
CA LYS B 140 15.85 -0.37 25.33
C LYS B 140 14.85 -1.46 25.56
N SER B 141 14.38 -1.60 26.80
CA SER B 141 13.48 -2.70 27.15
C SER B 141 12.10 -2.62 26.41
N LYS B 142 11.66 -1.41 26.07
CA LYS B 142 10.48 -1.26 25.19
C LYS B 142 10.67 -1.79 23.76
N ASN B 143 11.92 -1.95 23.31
CA ASN B 143 12.24 -2.40 21.96
C ASN B 143 12.69 -3.86 21.91
N ILE B 144 12.28 -4.63 22.92
CA ILE B 144 12.54 -6.04 22.99
C ILE B 144 11.22 -6.74 23.32
N LEU B 145 10.92 -7.81 22.63
CA LEU B 145 9.67 -8.53 22.80
C LEU B 145 9.97 -9.82 23.54
N VAL B 146 9.06 -10.24 24.40
CA VAL B 146 9.11 -11.56 25.07
C VAL B 146 8.27 -12.57 24.28
N LYS B 147 8.88 -13.70 23.95
CA LYS B 147 8.22 -14.76 23.18
C LYS B 147 7.68 -15.81 24.15
N LYS B 148 6.72 -16.62 23.73
CA LYS B 148 6.17 -17.67 24.62
C LYS B 148 7.18 -18.72 25.02
N ASN B 149 8.25 -18.95 24.24
CA ASN B 149 9.27 -19.90 24.72
C ASN B 149 10.22 -19.34 25.79
N GLY B 150 10.00 -18.12 26.26
CA GLY B 150 10.86 -17.50 27.30
C GLY B 150 12.08 -16.75 26.77
N GLN B 151 12.35 -16.87 25.47
CA GLN B 151 13.36 -16.02 24.82
C GLN B 151 12.74 -14.69 24.40
N CYS B 152 13.61 -13.76 24.04
CA CYS B 152 13.26 -12.44 23.59
C CYS B 152 13.73 -12.24 22.16
N CYS B 153 13.20 -11.22 21.53
CA CYS B 153 13.75 -10.74 20.28
C CYS B 153 13.80 -9.23 20.22
N ILE B 154 14.81 -8.72 19.51
CA ILE B 154 15.06 -7.31 19.42
C ILE B 154 14.24 -6.76 18.27
N ALA B 155 13.60 -5.60 18.52
CA ALA B 155 12.75 -4.93 17.55
C ALA B 155 13.23 -3.52 17.24
N ASP B 156 12.67 -2.94 16.19
CA ASP B 156 12.82 -1.51 15.80
C ASP B 156 14.20 -1.12 15.28
N LEU B 157 14.37 -1.35 13.98
CA LEU B 157 15.59 -1.00 13.28
C LEU B 157 15.44 0.26 12.45
N GLY B 158 14.51 1.13 12.82
CA GLY B 158 14.28 2.40 12.13
C GLY B 158 15.43 3.39 12.21
N LEU B 159 16.27 3.26 13.26
CA LEU B 159 17.48 4.10 13.39
C LEU B 159 18.76 3.33 13.18
N ALA B 160 18.65 2.07 12.76
CA ALA B 160 19.82 1.21 12.61
C ALA B 160 20.74 1.68 11.49
N VAL B 161 22.05 1.45 11.69
CA VAL B 161 23.07 1.78 10.67
C VAL B 161 23.86 0.52 10.33
N MET B 162 24.35 0.42 9.10
CA MET B 162 25.10 -0.76 8.67
C MET B 162 26.41 -0.39 8.03
N HIS B 163 27.34 -1.32 8.13
CA HIS B 163 28.63 -1.15 7.56
C HIS B 163 29.14 -2.50 7.12
N SER B 164 29.51 -2.55 5.84
CA SER B 164 30.28 -3.63 5.27
CA SER B 164 30.29 -3.63 5.29
C SER B 164 31.63 -3.06 4.85
N GLN B 165 32.69 -3.82 5.11
CA GLN B 165 34.03 -3.39 4.80
C GLN B 165 34.13 -3.11 3.30
N SER B 166 33.64 -4.05 2.49
CA SER B 166 33.77 -3.97 1.01
C SER B 166 33.36 -2.61 0.41
N THR B 167 32.27 -2.02 0.89
CA THR B 167 31.76 -0.74 0.34
C THR B 167 32.31 0.48 1.10
N ASN B 168 32.84 1.45 0.35
CA ASN B 168 33.55 2.60 0.91
C ASN B 168 32.72 3.90 0.89
N GLN B 169 31.70 3.95 1.74
CA GLN B 169 30.87 5.16 1.91
C GLN B 169 30.06 5.09 3.20
N LEU B 170 30.72 5.28 4.34
CA LEU B 170 30.09 5.15 5.66
C LEU B 170 28.95 6.17 5.85
N ASP B 171 27.74 5.68 6.12
CA ASP B 171 26.54 6.52 6.13
C ASP B 171 25.62 6.25 7.32
N VAL B 172 25.54 7.23 8.23
CA VAL B 172 24.57 7.19 9.34
C VAL B 172 23.17 7.64 8.89
N GLY B 173 22.82 7.38 7.62
CA GLY B 173 21.55 7.84 7.05
C GLY B 173 21.45 9.36 6.97
N ASN B 174 20.21 9.85 6.84
CA ASN B 174 19.93 11.30 6.87
C ASN B 174 18.65 11.66 7.63
N ASN B 175 18.24 10.79 8.57
CA ASN B 175 17.03 10.98 9.40
C ASN B 175 17.35 11.73 10.69
N PRO B 176 16.64 12.86 10.96
CA PRO B 176 16.99 13.69 12.12
C PRO B 176 16.53 13.08 13.45
N ARG B 177 17.23 12.03 13.90
CA ARG B 177 16.85 11.34 15.15
C ARG B 177 18.03 10.54 15.76
N VAL B 178 18.14 10.61 17.10
CA VAL B 178 19.08 9.80 17.86
C VAL B 178 18.31 9.00 18.90
N GLY B 179 19.01 8.47 19.89
CA GLY B 179 18.44 7.46 20.75
C GLY B 179 17.57 8.02 21.85
N THR B 180 16.90 7.13 22.54
CA THR B 180 16.16 7.52 23.70
C THR B 180 17.15 8.15 24.68
N LYS B 181 16.83 9.33 25.19
CA LYS B 181 17.76 10.04 26.03
C LYS B 181 18.23 9.21 27.24
N ARG B 182 17.30 8.57 27.92
CA ARG B 182 17.59 7.81 29.16
C ARG B 182 18.69 6.72 28.96
N TYR B 183 18.81 6.20 27.73
CA TYR B 183 19.72 5.09 27.44
C TYR B 183 21.00 5.55 26.73
N MET B 184 21.17 6.87 26.53
CA MET B 184 22.30 7.35 25.72
C MET B 184 23.63 7.20 26.47
N ALA B 185 24.65 6.70 25.78
CA ALA B 185 25.97 6.50 26.38
C ALA B 185 26.66 7.84 26.66
N PRO B 186 27.64 7.85 27.58
CA PRO B 186 28.31 9.10 27.97
C PRO B 186 28.92 9.86 26.78
N GLU B 187 29.54 9.13 25.86
CA GLU B 187 30.18 9.74 24.70
C GLU B 187 29.17 10.42 23.73
N VAL B 188 27.91 9.96 23.74
CA VAL B 188 26.86 10.63 22.98
C VAL B 188 26.50 11.93 23.70
N LEU B 189 26.39 11.85 25.02
CA LEU B 189 25.98 12.99 25.86
C LEU B 189 26.99 14.14 25.87
N ASP B 190 28.29 13.84 25.99
CA ASP B 190 29.36 14.88 25.96
C ASP B 190 30.01 15.05 24.59
N GLU B 191 29.34 14.58 23.56
CA GLU B 191 29.74 14.73 22.16
C GLU B 191 31.20 14.30 21.81
N THR B 192 31.78 13.40 22.61
CA THR B 192 33.13 12.86 22.30
C THR B 192 33.08 11.63 21.40
N ILE B 193 31.88 11.18 21.04
CA ILE B 193 31.71 9.93 20.30
C ILE B 193 32.46 10.03 18.99
N GLN B 194 33.17 8.96 18.64
CA GLN B 194 33.98 8.96 17.42
C GLN B 194 33.07 8.57 16.27
N VAL B 195 32.44 9.57 15.66
CA VAL B 195 31.35 9.32 14.71
C VAL B 195 31.77 8.65 13.43
N ASP B 196 33.07 8.72 13.10
CA ASP B 196 33.61 8.17 11.87
C ASP B 196 34.07 6.71 12.01
N CYS B 197 33.93 6.15 13.21
CA CYS B 197 34.29 4.77 13.52
C CYS B 197 33.01 4.00 13.67
N PHE B 198 32.75 3.07 12.76
CA PHE B 198 31.51 2.36 12.83
C PHE B 198 31.32 1.69 14.17
N ASP B 199 32.42 1.23 14.78
CA ASP B 199 32.32 0.52 16.07
C ASP B 199 31.89 1.39 17.24
N SER B 200 32.03 2.71 17.11
CA SER B 200 31.51 3.62 18.13
C SER B 200 30.02 3.38 18.36
N TYR B 201 29.29 3.14 17.28
CA TYR B 201 27.84 2.90 17.36
C TYR B 201 27.54 1.56 18.03
N LYS B 202 28.34 0.54 17.72
CA LYS B 202 28.25 -0.73 18.45
C LYS B 202 28.48 -0.60 19.95
N ARG B 203 29.43 0.26 20.33
CA ARG B 203 29.75 0.46 21.74
C ARG B 203 28.65 1.23 22.46
N VAL B 204 27.97 2.09 21.72
CA VAL B 204 26.83 2.82 22.26
C VAL B 204 25.69 1.82 22.53
N ASP B 205 25.52 0.85 21.66
CA ASP B 205 24.53 -0.22 21.89
C ASP B 205 24.91 -1.02 23.14
N ILE B 206 26.20 -1.27 23.33
CA ILE B 206 26.64 -2.09 24.48
C ILE B 206 26.34 -1.37 25.79
N TRP B 207 26.53 -0.06 25.84
CA TRP B 207 26.12 0.71 27.04
C TRP B 207 24.60 0.53 27.33
N ALA B 208 23.78 0.67 26.31
CA ALA B 208 22.30 0.48 26.48
C ALA B 208 21.95 -0.92 26.96
N PHE B 209 22.58 -1.92 26.37
CA PHE B 209 22.41 -3.30 26.78
C PHE B 209 22.71 -3.53 28.28
N GLY B 210 23.76 -2.92 28.80
CA GLY B 210 24.07 -3.04 30.22
C GLY B 210 22.94 -2.46 31.05
N LEU B 211 22.35 -1.35 30.60
CA LEU B 211 21.17 -0.81 31.32
C LEU B 211 19.99 -1.81 31.30
N VAL B 212 19.71 -2.46 30.16
CA VAL B 212 18.64 -3.42 30.07
C VAL B 212 18.95 -4.60 30.98
N LEU B 213 20.20 -5.01 30.97
CA LEU B 213 20.68 -6.09 31.86
C LEU B 213 20.46 -5.76 33.34
N TRP B 214 20.70 -4.53 33.72
CA TRP B 214 20.32 -4.08 35.06
C TRP B 214 18.79 -4.15 35.30
N GLU B 215 17.99 -3.69 34.33
CA GLU B 215 16.52 -3.71 34.50
C GLU B 215 16.04 -5.10 34.77
N VAL B 216 16.55 -6.05 33.98
CA VAL B 216 16.20 -7.46 34.11
C VAL B 216 16.64 -8.11 35.43
N ALA B 217 17.91 -7.95 35.75
CA ALA B 217 18.53 -8.50 36.96
C ALA B 217 17.76 -8.11 38.22
N ARG B 218 17.29 -6.86 38.28
CA ARG B 218 16.45 -6.36 39.38
C ARG B 218 15.23 -7.22 39.68
N ARG B 219 14.68 -7.88 38.65
CA ARG B 219 13.43 -8.61 38.76
C ARG B 219 13.66 -10.13 38.94
N MET B 220 14.91 -10.56 38.99
CA MET B 220 15.21 -11.96 39.34
C MET B 220 15.12 -12.14 40.84
N VAL B 221 14.36 -13.13 41.26
CA VAL B 221 14.24 -13.39 42.68
C VAL B 221 15.49 -14.15 43.16
N SER B 222 16.02 -13.71 44.29
CA SER B 222 17.20 -14.33 44.91
C SER B 222 16.97 -14.44 46.42
N ASN B 223 16.90 -15.68 46.91
CA ASN B 223 16.59 -15.92 48.30
C ASN B 223 15.30 -15.23 48.74
N GLY B 224 14.31 -15.19 47.86
CA GLY B 224 13.02 -14.64 48.22
C GLY B 224 12.93 -13.13 48.14
N ILE B 225 14.01 -12.47 47.68
CA ILE B 225 14.13 -11.03 47.63
C ILE B 225 14.17 -10.56 46.18
N VAL B 226 13.43 -9.51 45.86
CA VAL B 226 13.39 -8.97 44.49
C VAL B 226 13.12 -7.48 44.59
N GLU B 227 13.47 -6.71 43.56
CA GLU B 227 13.17 -5.27 43.56
C GLU B 227 11.98 -4.98 42.64
N ASP B 228 11.25 -3.89 42.89
CA ASP B 228 10.23 -3.43 41.91
C ASP B 228 10.91 -3.04 40.63
N TYR B 229 10.18 -3.10 39.51
CA TYR B 229 10.72 -2.57 38.27
C TYR B 229 10.98 -1.08 38.40
N LYS B 230 12.17 -0.67 37.95
CA LYS B 230 12.51 0.75 37.74
C LYS B 230 13.27 0.87 36.42
N PRO B 231 13.02 1.98 35.69
CA PRO B 231 13.87 2.27 34.55
C PRO B 231 15.27 2.75 34.99
N PRO B 232 16.27 2.63 34.11
CA PRO B 232 17.60 3.14 34.46
C PRO B 232 17.56 4.62 34.87
N PHE B 233 18.24 4.96 35.96
CA PHE B 233 18.41 6.37 36.43
C PHE B 233 17.12 7.00 36.97
N TYR B 234 16.16 6.15 37.33
CA TYR B 234 14.86 6.57 37.81
C TYR B 234 14.89 7.51 39.03
N ASP B 235 15.98 7.41 39.78
CA ASP B 235 16.12 8.13 41.06
C ASP B 235 16.85 9.47 40.93
N VAL B 236 17.31 9.83 39.74
CA VAL B 236 18.06 11.08 39.57
C VAL B 236 17.69 11.89 38.32
N VAL B 237 16.73 11.41 37.53
CA VAL B 237 16.15 12.19 36.43
C VAL B 237 14.63 12.04 36.48
N PRO B 238 13.89 13.04 35.96
CA PRO B 238 12.43 12.91 35.94
C PRO B 238 12.00 12.00 34.78
N ASN B 239 10.69 11.88 34.58
CA ASN B 239 10.19 11.26 33.37
C ASN B 239 10.49 12.16 32.17
N ASP B 240 10.61 11.56 31.01
CA ASP B 240 10.93 12.26 29.78
C ASP B 240 12.07 13.25 30.00
N PRO B 241 13.28 12.72 30.30
CA PRO B 241 14.42 13.58 30.55
C PRO B 241 14.99 14.13 29.25
N SER B 242 15.51 15.35 29.30
CA SER B 242 16.12 15.98 28.15
C SER B 242 17.55 15.47 27.99
N PHE B 243 18.11 15.72 26.81
CA PHE B 243 19.54 15.50 26.56
C PHE B 243 20.39 16.05 27.70
N GLU B 244 19.99 17.23 28.20
CA GLU B 244 20.70 17.95 29.25
C GLU B 244 20.55 17.33 30.62
N ASP B 245 19.32 17.00 31.02
CA ASP B 245 19.09 16.22 32.23
C ASP B 245 20.06 15.03 32.31
N MET B 246 20.14 14.24 31.23
CA MET B 246 21.03 13.06 31.16
C MET B 246 22.54 13.41 31.23
N ARG B 247 22.97 14.37 30.40
CA ARG B 247 24.37 14.82 30.40
C ARG B 247 24.90 15.06 31.83
N LYS B 248 24.11 15.77 32.63
CA LYS B 248 24.48 16.06 34.01
C LYS B 248 24.77 14.78 34.82
N VAL B 249 23.90 13.79 34.77
CA VAL B 249 24.06 12.62 35.67
C VAL B 249 25.16 11.66 35.18
N VAL B 250 25.18 11.36 33.89
CA VAL B 250 26.11 10.34 33.40
C VAL B 250 27.55 10.89 33.25
N CYS B 251 27.69 12.15 32.83
CA CYS B 251 29.03 12.71 32.56
C CYS B 251 29.55 13.55 33.72
N VAL B 252 28.89 14.69 33.99
CA VAL B 252 29.31 15.61 35.06
C VAL B 252 29.33 14.92 36.43
N ASP B 253 28.24 14.23 36.78
CA ASP B 253 28.16 13.50 38.08
C ASP B 253 28.72 12.08 38.01
N GLN B 254 28.89 11.54 36.80
CA GLN B 254 29.41 10.18 36.61
C GLN B 254 28.54 9.10 37.27
N GLN B 255 27.22 9.28 37.21
CA GLN B 255 26.30 8.33 37.87
C GLN B 255 26.15 7.04 37.04
N ARG B 256 26.09 5.89 37.73
CA ARG B 256 25.74 4.58 37.12
C ARG B 256 24.56 3.96 37.89
N PRO B 257 23.83 3.00 37.28
CA PRO B 257 22.80 2.32 38.07
C PRO B 257 23.37 1.60 39.29
N ASN B 258 22.69 1.71 40.42
CA ASN B 258 23.14 1.07 41.64
C ASN B 258 23.09 -0.44 41.59
N ILE B 259 24.21 -1.08 41.96
CA ILE B 259 24.27 -2.53 42.08
C ILE B 259 24.22 -2.88 43.55
N PRO B 260 23.06 -3.39 44.01
CA PRO B 260 22.90 -3.80 45.40
C PRO B 260 23.96 -4.80 45.83
N ASN B 261 24.64 -4.54 46.93
CA ASN B 261 25.73 -5.42 47.38
C ASN B 261 25.25 -6.87 47.57
N ARG B 262 23.97 -6.99 47.93
CA ARG B 262 23.29 -8.27 48.07
C ARG B 262 23.33 -9.19 46.85
N TRP B 263 23.35 -8.60 45.64
CA TRP B 263 23.48 -9.41 44.42
C TRP B 263 24.71 -10.31 44.43
N PHE B 264 25.75 -9.88 45.13
CA PHE B 264 27.03 -10.61 45.09
C PHE B 264 27.00 -11.90 45.92
N SER B 265 25.91 -12.11 46.67
CA SER B 265 25.73 -13.38 47.36
C SER B 265 25.01 -14.43 46.50
N ASP B 266 24.76 -14.10 45.23
CA ASP B 266 24.08 -14.97 44.27
C ASP B 266 24.96 -15.12 43.03
N PRO B 267 25.28 -16.37 42.64
CA PRO B 267 26.24 -16.56 41.53
C PRO B 267 25.78 -15.97 40.21
N THR B 268 24.51 -16.15 39.88
CA THR B 268 23.99 -15.60 38.65
C THR B 268 23.99 -14.08 38.68
N LEU B 269 23.49 -13.48 39.76
CA LEU B 269 23.46 -12.02 39.86
C LEU B 269 24.87 -11.45 39.86
N THR B 270 25.82 -12.17 40.48
CA THR B 270 27.23 -11.78 40.51
C THR B 270 27.81 -11.69 39.09
N SER B 271 27.63 -12.76 38.31
CA SER B 271 28.02 -12.74 36.90
C SER B 271 27.40 -11.60 36.10
N LEU B 272 26.12 -11.31 36.36
CA LEU B 272 25.40 -10.29 35.60
C LEU B 272 25.91 -8.90 35.98
N ALA B 273 26.16 -8.71 37.28
CA ALA B 273 26.72 -7.46 37.80
C ALA B 273 28.08 -7.17 37.18
N LYS B 274 28.89 -8.22 37.00
CA LYS B 274 30.21 -8.03 36.42
C LYS B 274 30.06 -7.62 34.96
N LEU B 275 29.09 -8.23 34.27
CA LEU B 275 28.81 -7.91 32.86
C LEU B 275 28.35 -6.44 32.68
N MET B 276 27.40 -6.01 33.51
CA MET B 276 26.90 -4.62 33.47
C MET B 276 28.04 -3.66 33.62
N LYS B 277 28.85 -3.92 34.65
CA LYS B 277 30.03 -3.10 34.93
C LYS B 277 30.88 -2.89 33.67
N GLU B 278 31.06 -3.97 32.91
CA GLU B 278 31.95 -3.93 31.75
C GLU B 278 31.26 -3.43 30.47
N CYS B 279 29.97 -3.13 30.56
CA CYS B 279 29.25 -2.38 29.54
C CYS B 279 29.25 -0.88 29.82
N TRP B 280 29.65 -0.47 31.03
CA TRP B 280 29.49 0.91 31.49
C TRP B 280 30.80 1.71 31.64
N TYR B 281 31.91 1.17 31.19
CA TYR B 281 33.16 1.92 31.20
C TYR B 281 32.97 3.23 30.45
N GLN B 282 33.53 4.30 31.01
CA GLN B 282 33.48 5.64 30.43
C GLN B 282 34.17 5.66 29.08
N ASN B 283 35.17 4.81 28.95
CA ASN B 283 35.91 4.63 27.74
C ASN B 283 35.22 3.62 26.83
N PRO B 284 34.67 4.06 25.69
CA PRO B 284 33.89 3.10 24.91
C PRO B 284 34.68 1.88 24.46
N SER B 285 35.97 2.03 24.20
CA SER B 285 36.79 0.94 23.68
C SER B 285 37.06 -0.14 24.75
N ALA B 286 36.85 0.18 26.02
CA ALA B 286 37.10 -0.77 27.09
C ALA B 286 35.91 -1.73 27.28
N ARG B 287 34.74 -1.35 26.74
CA ARG B 287 33.53 -2.14 26.95
C ARG B 287 33.61 -3.51 26.23
N LEU B 288 32.98 -4.52 26.81
CA LEU B 288 32.80 -5.82 26.15
C LEU B 288 32.04 -5.71 24.82
N THR B 289 32.26 -6.69 23.94
CA THR B 289 31.50 -6.82 22.72
C THR B 289 30.27 -7.69 22.98
N ALA B 290 29.30 -7.60 22.08
CA ALA B 290 28.07 -8.42 22.16
C ALA B 290 28.43 -9.91 22.19
N LEU B 291 29.36 -10.30 21.33
CA LEU B 291 29.78 -11.70 21.22
C LEU B 291 30.40 -12.26 22.49
N ARG B 292 31.19 -11.44 23.17
CA ARG B 292 31.84 -11.85 24.40
C ARG B 292 30.81 -11.98 25.51
N ILE B 293 29.82 -11.08 25.54
CA ILE B 293 28.73 -11.20 26.48
C ILE B 293 27.97 -12.49 26.22
N LYS B 294 27.65 -12.75 24.96
CA LYS B 294 26.94 -13.98 24.62
C LYS B 294 27.73 -15.21 25.15
N LYS B 295 29.03 -15.23 24.92
CA LYS B 295 29.82 -16.43 25.33
C LYS B 295 29.87 -16.57 26.84
N THR B 296 30.01 -15.45 27.55
CA THR B 296 30.03 -15.45 29.01
C THR B 296 28.72 -15.93 29.59
N LEU B 297 27.61 -15.54 28.96
CA LEU B 297 26.28 -15.94 29.42
C LEU B 297 26.01 -17.40 29.07
N THR B 298 26.58 -17.88 27.98
CA THR B 298 26.42 -19.29 27.59
C THR B 298 27.17 -20.19 28.58
N LYS B 299 28.29 -19.69 29.10
CA LYS B 299 29.04 -20.40 30.17
C LYS B 299 28.26 -20.56 31.49
N ILE B 300 27.35 -19.63 31.81
CA ILE B 300 26.53 -19.72 33.02
C ILE B 300 25.38 -20.70 32.77
N VAL C 6 19.37 -33.32 -5.34
CA VAL C 6 18.75 -31.95 -5.36
C VAL C 6 18.53 -31.49 -3.91
N ALA C 7 17.86 -32.31 -3.08
CA ALA C 7 17.48 -31.89 -1.70
C ALA C 7 18.65 -31.49 -0.76
N ARG C 8 19.72 -32.28 -0.70
CA ARG C 8 20.88 -31.90 0.13
C ARG C 8 21.52 -30.55 -0.32
N ASP C 9 21.40 -30.26 -1.60
CA ASP C 9 22.02 -29.06 -2.19
C ASP C 9 21.16 -27.81 -2.10
N ILE C 10 19.92 -27.93 -1.65
CA ILE C 10 19.07 -26.74 -1.55
C ILE C 10 19.29 -26.02 -0.26
N THR C 11 19.39 -24.69 -0.34
CA THR C 11 19.37 -23.87 0.84
C THR C 11 17.97 -23.32 0.97
N LEU C 12 17.30 -23.67 2.04
CA LEU C 12 16.00 -23.11 2.36
C LEU C 12 16.21 -21.66 2.82
N LEU C 13 15.53 -20.74 2.14
CA LEU C 13 15.74 -19.30 2.40
C LEU C 13 14.62 -18.72 3.23
N GLU C 14 13.36 -18.97 2.83
CA GLU C 14 12.21 -18.45 3.56
C GLU C 14 10.90 -19.12 3.21
N CYS C 15 10.00 -19.13 4.19
CA CYS C 15 8.71 -19.75 4.04
C CYS C 15 7.76 -18.79 3.31
N VAL C 16 7.16 -19.24 2.21
CA VAL C 16 6.27 -18.38 1.41
C VAL C 16 4.80 -18.83 1.47
N GLY C 17 4.52 -19.94 2.14
CA GLY C 17 3.17 -20.48 2.20
C GLY C 17 3.05 -21.43 3.35
N LYS C 18 1.96 -21.34 4.10
CA LYS C 18 1.82 -22.16 5.28
C LYS C 18 0.36 -22.55 5.42
N GLY C 19 0.13 -23.82 5.73
CA GLY C 19 -1.23 -24.31 5.98
C GLY C 19 -1.20 -25.51 6.90
N ARG C 20 -2.36 -26.16 7.03
CA ARG C 20 -2.47 -27.37 7.85
C ARG C 20 -1.67 -28.52 7.23
N TYR C 21 -1.55 -28.49 5.91
CA TYR C 21 -0.90 -29.62 5.26
CA TYR C 21 -0.88 -29.48 5.03
C TYR C 21 0.65 -29.50 5.14
N GLY C 22 1.21 -28.35 5.54
CA GLY C 22 2.66 -28.16 5.55
C GLY C 22 3.07 -26.73 5.19
N GLU C 23 4.17 -26.62 4.46
CA GLU C 23 4.83 -25.33 4.23
C GLU C 23 5.42 -25.32 2.82
N VAL C 24 5.34 -24.19 2.12
CA VAL C 24 6.13 -24.01 0.90
C VAL C 24 7.22 -23.00 1.22
N TRP C 25 8.45 -23.34 0.84
CA TRP C 25 9.59 -22.43 0.97
C TRP C 25 10.21 -22.05 -0.36
N ARG C 26 10.71 -20.84 -0.40
CA ARG C 26 11.69 -20.46 -1.43
C ARG C 26 13.06 -20.97 -1.06
N GLY C 27 13.70 -21.72 -1.97
CA GLY C 27 15.03 -22.24 -1.72
C GLY C 27 15.93 -21.90 -2.89
N SER C 28 17.23 -22.01 -2.68
CA SER C 28 18.21 -21.78 -3.73
CA SER C 28 18.22 -21.78 -3.72
C SER C 28 18.89 -23.10 -4.05
N TRP C 29 18.98 -23.39 -5.33
CA TRP C 29 19.51 -24.64 -5.81
C TRP C 29 20.29 -24.37 -7.09
N GLN C 30 21.61 -24.56 -7.01
CA GLN C 30 22.50 -24.33 -8.16
C GLN C 30 22.32 -22.97 -8.80
N GLY C 31 22.18 -21.94 -7.98
CA GLY C 31 22.09 -20.58 -8.46
C GLY C 31 20.70 -20.14 -8.91
N GLU C 32 19.68 -20.95 -8.64
CA GLU C 32 18.32 -20.62 -9.08
C GLU C 32 17.33 -20.81 -7.92
N ASN C 33 16.28 -19.99 -7.92
CA ASN C 33 15.15 -20.21 -7.01
C ASN C 33 14.42 -21.50 -7.35
N VAL C 34 14.00 -22.20 -6.30
CA VAL C 34 13.09 -23.30 -6.41
C VAL C 34 12.07 -23.19 -5.29
N ALA C 35 10.93 -23.85 -5.48
CA ALA C 35 9.94 -23.99 -4.43
C ALA C 35 10.11 -25.37 -3.81
N VAL C 36 10.11 -25.43 -2.50
CA VAL C 36 10.16 -26.71 -1.75
C VAL C 36 8.91 -26.77 -0.90
N LYS C 37 8.03 -27.70 -1.23
CA LYS C 37 6.88 -28.00 -0.40
C LYS C 37 7.27 -29.10 0.52
N ILE C 38 7.13 -28.80 1.80
CA ILE C 38 7.49 -29.68 2.90
C ILE C 38 6.21 -30.16 3.52
N PHE C 39 6.00 -31.45 3.47
CA PHE C 39 4.72 -32.01 3.92
C PHE C 39 4.84 -32.47 5.37
N SER C 40 3.79 -32.20 6.15
CA SER C 40 3.58 -32.89 7.41
C SER C 40 3.52 -34.40 7.16
N SER C 41 4.03 -35.17 8.10
CA SER C 41 4.03 -36.65 7.98
C SER C 41 2.61 -37.25 7.89
N ARG C 42 1.61 -36.48 8.34
CA ARG C 42 0.22 -36.86 8.21
C ARG C 42 -0.35 -36.71 6.78
N ASP C 43 0.42 -36.10 5.86
CA ASP C 43 -0.03 -35.80 4.51
CA ASP C 43 -0.04 -35.83 4.50
C ASP C 43 0.83 -36.52 3.48
N GLU C 44 1.40 -37.63 3.89
CA GLU C 44 2.21 -38.46 3.04
C GLU C 44 1.51 -38.91 1.74
N LYS C 45 0.21 -39.17 1.82
CA LYS C 45 -0.51 -39.65 0.65
C LYS C 45 -0.54 -38.57 -0.43
N SER C 46 -0.70 -37.30 0.01
CA SER C 46 -0.69 -36.17 -0.94
C SER C 46 0.68 -36.10 -1.61
N TRP C 47 1.73 -36.20 -0.78
CA TRP C 47 3.11 -36.13 -1.25
C TRP C 47 3.34 -37.19 -2.35
N PHE C 48 2.93 -38.42 -2.09
CA PHE C 48 3.18 -39.50 -3.07
C PHE C 48 2.31 -39.35 -4.31
N ARG C 49 1.06 -38.92 -4.13
CA ARG C 49 0.16 -38.74 -5.26
C ARG C 49 0.77 -37.75 -6.27
N GLU C 50 1.24 -36.62 -5.78
CA GLU C 50 1.90 -35.63 -6.65
C GLU C 50 3.15 -36.20 -7.23
N THR C 51 4.00 -36.81 -6.39
CA THR C 51 5.30 -37.31 -6.81
C THR C 51 5.16 -38.34 -7.94
N GLU C 52 4.20 -39.24 -7.79
CA GLU C 52 3.83 -40.27 -8.79
C GLU C 52 3.38 -39.68 -10.13
N LEU C 53 2.44 -38.74 -10.12
CA LEU C 53 2.00 -38.11 -11.36
C LEU C 53 3.15 -37.43 -12.07
N TYR C 54 4.01 -36.81 -11.30
CA TYR C 54 5.15 -36.12 -11.87
C TYR C 54 6.29 -37.05 -12.34
N ASN C 55 6.60 -38.10 -11.59
CA ASN C 55 7.78 -38.92 -11.95
C ASN C 55 7.47 -40.22 -12.66
N THR C 56 6.18 -40.51 -12.90
CA THR C 56 5.76 -41.76 -13.60
C THR C 56 4.97 -41.41 -14.83
N VAL C 57 3.94 -40.59 -14.62
CA VAL C 57 3.06 -40.10 -15.67
C VAL C 57 3.78 -39.00 -16.45
N MET C 58 4.83 -38.47 -15.85
CA MET C 58 5.69 -37.44 -16.44
C MET C 58 4.88 -36.21 -16.81
N LEU C 59 3.95 -35.87 -15.94
CA LEU C 59 3.03 -34.78 -16.20
C LEU C 59 3.84 -33.51 -16.40
N ARG C 60 3.61 -32.86 -17.53
CA ARG C 60 4.38 -31.69 -17.97
C ARG C 60 3.59 -30.87 -19.00
N HIS C 61 3.43 -29.57 -18.73
CA HIS C 61 2.57 -28.69 -19.54
C HIS C 61 2.83 -27.27 -19.08
N GLU C 62 2.68 -26.32 -20.02
CA GLU C 62 2.92 -24.92 -19.74
C GLU C 62 2.05 -24.41 -18.55
N ASN C 63 0.86 -24.96 -18.41
CA ASN C 63 -0.12 -24.49 -17.39
C ASN C 63 -0.39 -25.53 -16.26
N ILE C 64 0.63 -26.35 -16.04
CA ILE C 64 0.81 -27.19 -14.86
C ILE C 64 2.16 -26.88 -14.23
N LEU C 65 2.16 -26.67 -12.90
CA LEU C 65 3.37 -26.39 -12.13
C LEU C 65 4.48 -27.39 -12.43
N GLY C 66 5.67 -26.84 -12.77
CA GLY C 66 6.79 -27.67 -13.27
C GLY C 66 7.53 -28.40 -12.16
N PHE C 67 7.58 -29.73 -12.26
CA PHE C 67 8.28 -30.60 -11.34
C PHE C 67 9.77 -30.49 -11.58
N ILE C 68 10.54 -30.49 -10.49
CA ILE C 68 11.99 -30.64 -10.53
C ILE C 68 12.42 -31.97 -9.83
N ALA C 69 11.95 -32.18 -8.61
CA ALA C 69 12.38 -33.32 -7.83
C ALA C 69 11.50 -33.61 -6.64
N SER C 70 11.68 -34.82 -6.15
CA SER C 70 11.01 -35.25 -4.91
C SER C 70 12.01 -36.02 -4.04
N ASP C 71 11.87 -35.90 -2.73
CA ASP C 71 12.82 -36.51 -1.82
C ASP C 71 12.12 -36.89 -0.55
N MET C 72 12.43 -38.05 -0.04
CA MET C 72 11.97 -38.36 1.29
C MET C 72 12.98 -39.19 2.06
N THR C 73 12.96 -38.95 3.35
CA THR C 73 13.81 -39.63 4.32
CA THR C 73 13.78 -39.72 4.28
C THR C 73 12.91 -40.03 5.48
N SER C 74 12.84 -41.30 5.80
CA SER C 74 11.98 -41.73 6.86
C SER C 74 12.80 -42.60 7.80
N ARG C 75 12.78 -42.22 9.07
CA ARG C 75 13.45 -42.95 10.15
C ARG C 75 12.41 -43.11 11.25
N HIS C 76 12.76 -43.83 12.33
CA HIS C 76 11.78 -44.01 13.41
C HIS C 76 11.58 -42.69 14.14
N SER C 77 12.66 -41.90 14.25
CA SER C 77 12.61 -40.58 14.87
C SER C 77 11.73 -39.56 14.11
N SER C 78 11.79 -39.57 12.78
CA SER C 78 11.02 -38.63 11.98
C SER C 78 10.97 -39.03 10.51
N THR C 79 10.02 -38.43 9.80
CA THR C 79 9.92 -38.55 8.34
C THR C 79 9.87 -37.16 7.72
N GLN C 80 10.71 -36.89 6.72
CA GLN C 80 10.68 -35.63 6.00
CA GLN C 80 10.71 -35.63 5.98
C GLN C 80 10.32 -35.89 4.52
N LEU C 81 9.37 -35.10 3.97
CA LEU C 81 8.90 -35.33 2.62
C LEU C 81 8.92 -34.00 1.89
N TRP C 82 9.64 -33.93 0.79
CA TRP C 82 9.78 -32.68 0.02
C TRP C 82 9.35 -32.90 -1.39
N LEU C 83 8.65 -31.93 -1.93
CA LEU C 83 8.41 -31.87 -3.37
C LEU C 83 9.02 -30.55 -3.87
N ILE C 84 9.87 -30.64 -4.89
CA ILE C 84 10.63 -29.49 -5.36
C ILE C 84 10.17 -29.16 -6.77
N THR C 85 9.78 -27.91 -6.94
CA THR C 85 9.18 -27.41 -8.18
C THR C 85 9.77 -26.10 -8.60
N HIS C 86 9.44 -25.68 -9.79
CA HIS C 86 9.69 -24.32 -10.24
CA HIS C 86 9.78 -24.33 -10.18
C HIS C 86 9.13 -23.32 -9.23
N TYR C 87 9.82 -22.21 -9.06
CA TYR C 87 9.41 -21.15 -8.19
C TYR C 87 8.84 -20.04 -9.01
N HIS C 88 7.61 -19.62 -8.69
CA HIS C 88 7.03 -18.48 -9.41
C HIS C 88 6.96 -17.26 -8.55
N GLU C 89 7.78 -16.27 -8.87
CA GLU C 89 7.94 -15.10 -8.02
C GLU C 89 6.67 -14.28 -7.76
N MET C 90 5.69 -14.32 -8.67
CA MET C 90 4.46 -13.54 -8.53
CA MET C 90 4.44 -13.56 -8.56
C MET C 90 3.47 -14.21 -7.61
N GLY C 91 3.75 -15.45 -7.22
CA GLY C 91 2.90 -16.12 -6.27
C GLY C 91 1.61 -16.65 -6.87
N SER C 92 0.68 -16.94 -5.97
CA SER C 92 -0.59 -17.51 -6.37
C SER C 92 -1.46 -16.46 -6.95
N LEU C 93 -2.45 -16.92 -7.71
CA LEU C 93 -3.42 -16.06 -8.28
C LEU C 93 -4.22 -15.30 -7.19
N TYR C 94 -4.52 -15.98 -6.07
CA TYR C 94 -5.08 -15.35 -4.89
C TYR C 94 -4.27 -14.10 -4.49
N ASP C 95 -2.95 -14.27 -4.34
CA ASP C 95 -2.03 -13.20 -3.99
C ASP C 95 -2.04 -12.12 -5.08
N TYR C 96 -1.90 -12.58 -6.32
CA TYR C 96 -1.74 -11.67 -7.47
C TYR C 96 -2.93 -10.78 -7.71
N LEU C 97 -4.13 -11.35 -7.59
CA LEU C 97 -5.38 -10.61 -7.81
C LEU C 97 -5.62 -9.48 -6.78
N GLN C 98 -5.08 -9.64 -5.60
CA GLN C 98 -5.20 -8.59 -4.58
C GLN C 98 -4.32 -7.41 -4.88
N LEU C 99 -3.30 -7.61 -5.71
CA LEU C 99 -2.33 -6.59 -6.02
C LEU C 99 -2.54 -5.94 -7.40
N THR C 100 -3.38 -6.56 -8.21
CA THR C 100 -3.43 -6.33 -9.65
C THR C 100 -4.85 -6.18 -10.20
N THR C 101 -5.05 -5.22 -11.07
CA THR C 101 -6.21 -5.15 -11.94
C THR C 101 -5.82 -5.52 -13.38
N LEU C 102 -6.82 -5.92 -14.16
CA LEU C 102 -6.60 -6.58 -15.45
C LEU C 102 -7.29 -5.83 -16.58
N ASP C 103 -6.72 -5.92 -17.77
CA ASP C 103 -7.44 -5.48 -18.95
C ASP C 103 -8.00 -6.72 -19.64
N THR C 104 -8.68 -6.55 -20.76
CA THR C 104 -9.25 -7.68 -21.51
CA THR C 104 -9.27 -7.70 -21.45
C THR C 104 -8.22 -8.76 -21.81
N VAL C 105 -7.08 -8.31 -22.30
CA VAL C 105 -6.00 -9.20 -22.69
C VAL C 105 -5.41 -10.01 -21.51
N SER C 106 -5.07 -9.34 -20.40
CA SER C 106 -4.41 -10.01 -19.31
C SER C 106 -5.44 -10.88 -18.57
N CYS C 107 -6.70 -10.47 -18.58
CA CYS C 107 -7.76 -11.30 -17.99
C CYS C 107 -7.99 -12.59 -18.79
N LEU C 108 -8.18 -12.42 -20.07
CA LEU C 108 -8.40 -13.60 -20.94
C LEU C 108 -7.16 -14.55 -20.96
N ARG C 109 -5.97 -14.00 -20.84
CA ARG C 109 -4.75 -14.81 -20.76
C ARG C 109 -4.72 -15.68 -19.51
N ILE C 110 -5.10 -15.10 -18.38
CA ILE C 110 -5.25 -15.89 -17.17
C ILE C 110 -6.32 -16.95 -17.29
N VAL C 111 -7.56 -16.58 -17.68
CA VAL C 111 -8.65 -17.55 -17.62
C VAL C 111 -8.45 -18.63 -18.72
N LEU C 112 -7.91 -18.28 -19.87
CA LEU C 112 -7.60 -19.30 -20.89
C LEU C 112 -6.47 -20.25 -20.47
N SER C 113 -5.46 -19.73 -19.77
CA SER C 113 -4.33 -20.56 -19.36
C SER C 113 -4.82 -21.56 -18.31
N ILE C 114 -5.69 -21.13 -17.41
CA ILE C 114 -6.24 -22.08 -16.39
C ILE C 114 -7.08 -23.16 -17.08
N ALA C 115 -7.93 -22.74 -18.01
CA ALA C 115 -8.74 -23.68 -18.79
C ALA C 115 -7.85 -24.69 -19.58
N SER C 116 -6.73 -24.23 -20.11
CA SER C 116 -5.83 -25.09 -20.88
CA SER C 116 -5.82 -25.09 -20.87
C SER C 116 -5.16 -26.12 -19.96
N GLY C 117 -4.76 -25.69 -18.77
CA GLY C 117 -4.17 -26.62 -17.82
C GLY C 117 -5.18 -27.66 -17.37
N LEU C 118 -6.37 -27.19 -17.06
CA LEU C 118 -7.45 -28.07 -16.58
C LEU C 118 -7.89 -29.07 -17.65
N ALA C 119 -8.06 -28.61 -18.86
CA ALA C 119 -8.26 -29.54 -19.99
C ALA C 119 -7.10 -30.54 -20.16
N HIS C 120 -5.85 -30.11 -20.04
CA HIS C 120 -4.74 -31.04 -20.10
C HIS C 120 -4.91 -32.12 -19.03
N LEU C 121 -5.24 -31.72 -17.79
CA LEU C 121 -5.45 -32.71 -16.71
C LEU C 121 -6.54 -33.72 -17.06
N HIS C 122 -7.72 -33.21 -17.39
CA HIS C 122 -8.96 -34.01 -17.59
C HIS C 122 -8.91 -34.97 -18.77
N ILE C 123 -8.08 -34.68 -19.77
CA ILE C 123 -8.07 -35.44 -21.04
C ILE C 123 -7.00 -36.53 -21.06
N GLU C 124 -7.43 -37.79 -21.22
CA GLU C 124 -6.49 -38.90 -21.35
C GLU C 124 -5.70 -38.81 -22.66
N ILE C 125 -4.38 -39.04 -22.55
CA ILE C 125 -3.50 -39.17 -23.71
C ILE C 125 -3.03 -40.61 -23.77
N PHE C 126 -3.24 -41.26 -24.90
CA PHE C 126 -2.87 -42.68 -25.10
C PHE C 126 -1.46 -42.83 -25.63
N GLY C 127 -0.95 -44.06 -25.57
CA GLY C 127 0.44 -44.34 -25.94
C GLY C 127 1.31 -44.52 -24.70
N THR C 128 2.55 -44.96 -24.92
CA THR C 128 3.46 -45.26 -23.81
C THR C 128 3.95 -43.99 -23.13
N GLN C 129 4.00 -42.87 -23.87
CA GLN C 129 4.25 -41.56 -23.24
C GLN C 129 2.91 -40.81 -22.98
N GLY C 130 1.87 -41.55 -22.64
CA GLY C 130 0.57 -40.95 -22.42
C GLY C 130 0.37 -40.50 -20.98
N LYS C 131 -0.89 -40.31 -20.64
CA LYS C 131 -1.28 -39.99 -19.28
C LYS C 131 -2.72 -40.40 -19.09
N PRO C 132 -3.05 -40.89 -17.89
CA PRO C 132 -4.46 -41.07 -17.55
C PRO C 132 -5.25 -39.73 -17.51
N ALA C 133 -6.57 -39.80 -17.53
CA ALA C 133 -7.43 -38.63 -17.24
C ALA C 133 -7.26 -38.35 -15.74
N ILE C 134 -7.20 -37.07 -15.39
CA ILE C 134 -6.95 -36.61 -14.04
C ILE C 134 -7.94 -35.53 -13.67
N ALA C 135 -8.61 -35.71 -12.55
CA ALA C 135 -9.40 -34.67 -11.94
C ALA C 135 -8.62 -34.14 -10.76
N HIS C 136 -8.65 -32.83 -10.55
CA HIS C 136 -7.80 -32.19 -9.51
C HIS C 136 -8.33 -32.33 -8.09
N ARG C 137 -9.60 -31.92 -7.91
CA ARG C 137 -10.36 -31.98 -6.65
C ARG C 137 -10.02 -30.95 -5.57
N ASP C 138 -9.05 -30.08 -5.80
CA ASP C 138 -8.90 -28.90 -4.94
C ASP C 138 -8.52 -27.63 -5.68
N LEU C 139 -9.20 -27.39 -6.79
CA LEU C 139 -8.97 -26.18 -7.59
C LEU C 139 -9.49 -24.95 -6.84
N LYS C 140 -8.63 -23.94 -6.76
CA LYS C 140 -8.91 -22.69 -6.08
C LYS C 140 -7.80 -21.69 -6.47
N SER C 141 -8.00 -20.43 -6.17
CA SER C 141 -7.03 -19.40 -6.57
C SER C 141 -5.68 -19.52 -5.84
N LYS C 142 -5.64 -20.12 -4.64
CA LYS C 142 -4.41 -20.36 -3.93
C LYS C 142 -3.57 -21.52 -4.51
N ASN C 143 -4.16 -22.33 -5.36
CA ASN C 143 -3.49 -23.47 -5.96
C ASN C 143 -3.17 -23.28 -7.42
N ILE C 144 -3.12 -22.01 -7.82
CA ILE C 144 -2.79 -21.60 -9.20
C ILE C 144 -1.72 -20.52 -9.08
N LEU C 145 -0.62 -20.65 -9.81
CA LEU C 145 0.46 -19.67 -9.76
C LEU C 145 0.36 -18.78 -11.00
N VAL C 146 0.85 -17.57 -10.87
CA VAL C 146 0.93 -16.63 -11.97
C VAL C 146 2.38 -16.60 -12.42
N LYS C 147 2.55 -16.76 -13.72
CA LYS C 147 3.88 -16.77 -14.32
C LYS C 147 4.26 -15.37 -14.88
N LYS C 148 5.56 -15.18 -15.09
CA LYS C 148 6.05 -13.94 -15.64
C LYS C 148 5.44 -13.55 -16.98
N ASN C 149 5.05 -14.50 -17.82
CA ASN C 149 4.48 -14.18 -19.11
C ASN C 149 2.97 -13.87 -19.01
N GLY C 150 2.44 -13.90 -17.77
CA GLY C 150 1.04 -13.55 -17.54
C GLY C 150 0.05 -14.70 -17.65
N GLN C 151 0.57 -15.89 -18.00
CA GLN C 151 -0.18 -17.13 -17.91
C GLN C 151 -0.08 -17.72 -16.52
N CYS C 152 -1.04 -18.58 -16.22
CA CYS C 152 -1.07 -19.30 -14.94
C CYS C 152 -0.66 -20.73 -15.09
N CYS C 153 -0.36 -21.40 -13.96
CA CYS C 153 -0.18 -22.83 -13.96
C CYS C 153 -0.83 -23.41 -12.70
N ILE C 154 -1.46 -24.55 -12.88
CA ILE C 154 -2.20 -25.22 -11.80
C ILE C 154 -1.20 -26.04 -10.94
N ALA C 155 -1.34 -25.91 -9.63
CA ALA C 155 -0.53 -26.66 -8.68
C ALA C 155 -1.36 -27.55 -7.76
N ASP C 156 -0.65 -28.32 -6.92
CA ASP C 156 -1.20 -29.16 -5.87
C ASP C 156 -2.12 -30.28 -6.39
N LEU C 157 -1.49 -31.35 -6.82
CA LEU C 157 -2.17 -32.50 -7.36
C LEU C 157 -2.42 -33.60 -6.27
N GLY C 158 -2.31 -33.21 -5.01
CA GLY C 158 -2.32 -34.19 -3.91
C GLY C 158 -3.63 -34.96 -3.76
N LEU C 159 -4.73 -34.36 -4.19
CA LEU C 159 -6.04 -34.99 -4.10
C LEU C 159 -6.49 -35.54 -5.44
N ALA C 160 -5.59 -35.55 -6.44
CA ALA C 160 -6.02 -35.92 -7.77
C ALA C 160 -6.65 -37.31 -7.81
N VAL C 161 -7.56 -37.51 -8.74
CA VAL C 161 -8.21 -38.80 -9.00
C VAL C 161 -7.92 -39.12 -10.45
N MET C 162 -7.52 -40.36 -10.74
CA MET C 162 -7.16 -40.75 -12.11
CA MET C 162 -7.18 -40.73 -12.12
C MET C 162 -8.12 -41.77 -12.68
N HIS C 163 -8.24 -41.78 -14.00
CA HIS C 163 -9.06 -42.74 -14.71
C HIS C 163 -8.39 -43.15 -16.03
N SER C 164 -8.36 -44.45 -16.29
CA SER C 164 -7.77 -45.00 -17.51
C SER C 164 -8.85 -45.66 -18.32
N GLN C 165 -8.95 -45.27 -19.58
CA GLN C 165 -10.05 -45.68 -20.42
C GLN C 165 -10.01 -47.19 -20.67
N SER C 166 -8.81 -47.72 -20.91
CA SER C 166 -8.68 -49.10 -21.42
C SER C 166 -9.37 -50.12 -20.51
N THR C 167 -9.23 -49.92 -19.19
CA THR C 167 -9.73 -50.82 -18.17
C THR C 167 -10.97 -50.27 -17.44
N ASN C 168 -11.39 -49.05 -17.80
CA ASN C 168 -12.32 -48.27 -16.98
C ASN C 168 -11.89 -48.32 -15.51
N GLN C 169 -10.61 -48.11 -15.24
CA GLN C 169 -10.11 -48.19 -13.86
C GLN C 169 -10.15 -46.80 -13.24
N LEU C 170 -10.81 -46.69 -12.10
CA LEU C 170 -10.90 -45.43 -11.35
C LEU C 170 -9.95 -45.51 -10.16
N ASP C 171 -9.12 -44.49 -10.00
CA ASP C 171 -8.12 -44.44 -8.92
C ASP C 171 -8.37 -43.21 -8.02
N VAL C 172 -9.12 -43.42 -6.93
CA VAL C 172 -9.51 -42.32 -6.02
CA VAL C 172 -9.48 -42.29 -6.05
C VAL C 172 -8.54 -42.15 -4.85
N GLY C 173 -7.80 -43.21 -4.55
CA GLY C 173 -6.89 -43.20 -3.42
C GLY C 173 -7.65 -43.28 -2.11
N ASN C 174 -6.97 -43.01 -1.02
CA ASN C 174 -7.59 -43.05 0.32
C ASN C 174 -7.00 -41.97 1.20
N ASN C 175 -7.02 -40.77 0.67
CA ASN C 175 -6.42 -39.62 1.28
C ASN C 175 -7.36 -39.04 2.33
N PRO C 176 -6.89 -38.89 3.60
CA PRO C 176 -7.74 -38.31 4.65
C PRO C 176 -7.97 -36.79 4.54
N ARG C 177 -7.18 -36.12 3.71
CA ARG C 177 -7.39 -34.72 3.41
C ARG C 177 -8.70 -34.53 2.63
N VAL C 178 -9.46 -33.49 2.98
CA VAL C 178 -10.60 -33.10 2.12
C VAL C 178 -10.32 -31.76 1.47
N GLY C 179 -11.04 -31.53 0.38
CA GLY C 179 -10.92 -30.31 -0.39
C GLY C 179 -11.26 -29.10 0.45
N THR C 180 -10.99 -27.95 -0.13
CA THR C 180 -11.30 -26.69 0.50
C THR C 180 -12.80 -26.49 0.51
N LYS C 181 -13.38 -26.25 1.69
CA LYS C 181 -14.82 -26.19 1.83
C LYS C 181 -15.51 -25.09 0.99
N ARG C 182 -14.91 -23.91 0.98
CA ARG C 182 -15.45 -22.75 0.24
C ARG C 182 -15.74 -23.07 -1.21
N TYR C 183 -14.88 -23.93 -1.79
CA TYR C 183 -15.01 -24.31 -3.20
C TYR C 183 -15.77 -25.60 -3.50
N MET C 184 -16.29 -26.26 -2.47
CA MET C 184 -16.96 -27.54 -2.69
C MET C 184 -18.28 -27.36 -3.45
N ALA C 185 -18.52 -28.23 -4.43
CA ALA C 185 -19.71 -28.22 -5.22
C ALA C 185 -20.95 -28.71 -4.42
N PRO C 186 -22.14 -28.35 -4.88
CA PRO C 186 -23.38 -28.66 -4.12
C PRO C 186 -23.50 -30.16 -3.81
N GLU C 187 -23.14 -31.00 -4.78
CA GLU C 187 -23.27 -32.46 -4.63
C GLU C 187 -22.31 -33.07 -3.62
N VAL C 188 -21.18 -32.42 -3.41
CA VAL C 188 -20.29 -32.76 -2.30
C VAL C 188 -20.89 -32.39 -0.96
N LEU C 189 -21.37 -31.16 -0.86
CA LEU C 189 -21.91 -30.67 0.40
C LEU C 189 -23.19 -31.40 0.83
N ASP C 190 -24.00 -31.81 -0.12
CA ASP C 190 -25.23 -32.58 0.23
C ASP C 190 -25.09 -34.10 0.10
N GLU C 191 -23.86 -34.53 -0.21
CA GLU C 191 -23.44 -35.91 -0.23
C GLU C 191 -24.16 -36.76 -1.28
N THR C 192 -24.55 -36.12 -2.40
CA THR C 192 -25.24 -36.83 -3.51
C THR C 192 -24.28 -37.17 -4.65
N ILE C 193 -23.00 -36.80 -4.48
CA ILE C 193 -22.01 -37.01 -5.50
C ILE C 193 -21.89 -38.53 -5.77
N GLN C 194 -21.81 -38.86 -7.06
CA GLN C 194 -21.69 -40.27 -7.49
C GLN C 194 -20.24 -40.68 -7.50
N VAL C 195 -19.80 -41.35 -6.43
CA VAL C 195 -18.39 -41.47 -6.15
C VAL C 195 -17.69 -42.46 -7.08
N ASP C 196 -18.45 -43.34 -7.72
CA ASP C 196 -17.89 -44.36 -8.61
C ASP C 196 -17.78 -43.91 -10.07
N CYS C 197 -18.24 -42.70 -10.34
CA CYS C 197 -18.24 -42.20 -11.71
C CYS C 197 -17.15 -41.13 -11.84
N PHE C 198 -16.18 -41.41 -12.69
CA PHE C 198 -15.06 -40.50 -12.85
C PHE C 198 -15.50 -39.09 -13.23
N ASP C 199 -16.53 -38.99 -14.07
CA ASP C 199 -17.00 -37.68 -14.52
CA ASP C 199 -17.03 -37.68 -14.54
C ASP C 199 -17.49 -36.80 -13.37
N SER C 200 -17.95 -37.42 -12.30
CA SER C 200 -18.35 -36.67 -11.12
C SER C 200 -17.22 -35.77 -10.63
N TYR C 201 -15.98 -36.27 -10.66
CA TYR C 201 -14.86 -35.53 -10.18
C TYR C 201 -14.47 -34.39 -11.16
N LYS C 202 -14.61 -34.63 -12.45
CA LYS C 202 -14.40 -33.53 -13.42
C LYS C 202 -15.42 -32.40 -13.22
N ARG C 203 -16.66 -32.77 -12.85
CA ARG C 203 -17.72 -31.77 -12.73
CA ARG C 203 -17.74 -31.79 -12.71
C ARG C 203 -17.56 -30.95 -11.44
N VAL C 204 -16.95 -31.54 -10.41
CA VAL C 204 -16.59 -30.79 -9.18
C VAL C 204 -15.49 -29.76 -9.52
N ASP C 205 -14.53 -30.14 -10.39
CA ASP C 205 -13.49 -29.22 -10.82
C ASP C 205 -14.10 -28.03 -11.58
N ILE C 206 -15.12 -28.30 -12.39
CA ILE C 206 -15.74 -27.23 -13.24
C ILE C 206 -16.47 -26.22 -12.36
N TRP C 207 -17.15 -26.70 -11.33
CA TRP C 207 -17.76 -25.84 -10.35
C TRP C 207 -16.73 -24.90 -9.77
N ALA C 208 -15.60 -25.46 -9.31
CA ALA C 208 -14.52 -24.66 -8.73
C ALA C 208 -13.90 -23.71 -9.73
N PHE C 209 -13.73 -24.16 -10.98
CA PHE C 209 -13.20 -23.30 -12.04
C PHE C 209 -14.12 -22.09 -12.22
N GLY C 210 -15.41 -22.30 -12.15
CA GLY C 210 -16.36 -21.20 -12.29
C GLY C 210 -16.18 -20.15 -11.17
N LEU C 211 -15.99 -20.61 -9.95
CA LEU C 211 -15.72 -19.70 -8.82
C LEU C 211 -14.40 -18.91 -9.05
N VAL C 212 -13.37 -19.57 -9.58
CA VAL C 212 -12.12 -18.90 -9.91
C VAL C 212 -12.33 -17.86 -11.00
N LEU C 213 -13.10 -18.20 -12.01
CA LEU C 213 -13.39 -17.31 -13.11
C LEU C 213 -14.08 -16.05 -12.59
N TRP C 214 -15.01 -16.23 -11.68
CA TRP C 214 -15.66 -15.09 -10.99
C TRP C 214 -14.62 -14.22 -10.22
N GLU C 215 -13.67 -14.88 -9.54
CA GLU C 215 -12.63 -14.14 -8.79
C GLU C 215 -11.78 -13.24 -9.72
N VAL C 216 -11.41 -13.77 -10.88
CA VAL C 216 -10.60 -13.09 -11.81
C VAL C 216 -11.39 -11.98 -12.51
N ALA C 217 -12.62 -12.28 -12.90
CA ALA C 217 -13.42 -11.34 -13.65
C ALA C 217 -13.66 -10.05 -12.88
N ARG C 218 -13.79 -10.15 -11.56
CA ARG C 218 -14.02 -8.97 -10.69
C ARG C 218 -12.90 -7.95 -10.84
N ARG C 219 -11.68 -8.42 -11.18
CA ARG C 219 -10.51 -7.58 -11.24
C ARG C 219 -10.20 -7.03 -12.64
N MET C 220 -11.07 -7.31 -13.62
CA MET C 220 -10.90 -6.76 -14.94
C MET C 220 -11.65 -5.43 -14.99
N VAL C 221 -10.95 -4.39 -15.44
CA VAL C 221 -11.53 -3.07 -15.52
C VAL C 221 -12.46 -2.95 -16.72
N SER C 222 -13.60 -2.30 -16.52
CA SER C 222 -14.43 -1.86 -17.66
C SER C 222 -15.02 -0.50 -17.32
N ASN C 223 -14.95 0.42 -18.28
CA ASN C 223 -15.47 1.74 -18.10
CA ASN C 223 -15.46 1.76 -18.10
C ASN C 223 -14.94 2.40 -16.81
N GLY C 224 -13.64 2.20 -16.56
CA GLY C 224 -12.99 2.71 -15.35
C GLY C 224 -13.49 2.14 -14.02
N ILE C 225 -14.23 1.04 -14.10
CA ILE C 225 -14.78 0.41 -12.90
C ILE C 225 -14.15 -0.94 -12.69
N VAL C 226 -13.84 -1.25 -11.44
CA VAL C 226 -13.33 -2.58 -11.05
C VAL C 226 -13.82 -2.93 -9.62
N GLU C 227 -13.96 -4.22 -9.31
CA GLU C 227 -14.34 -4.66 -7.96
C GLU C 227 -13.08 -4.97 -7.18
N ASP C 228 -13.18 -4.90 -5.87
CA ASP C 228 -12.07 -5.34 -4.99
C ASP C 228 -11.94 -6.86 -5.05
N TYR C 229 -10.75 -7.39 -4.78
CA TYR C 229 -10.57 -8.84 -4.67
C TYR C 229 -11.43 -9.33 -3.51
N LYS C 230 -12.28 -10.30 -3.80
CA LYS C 230 -12.92 -11.13 -2.79
C LYS C 230 -12.89 -12.60 -3.18
N PRO C 231 -12.88 -13.47 -2.19
CA PRO C 231 -13.10 -14.88 -2.46
C PRO C 231 -14.58 -15.19 -2.65
N PRO C 232 -14.89 -16.31 -3.29
CA PRO C 232 -16.27 -16.72 -3.50
C PRO C 232 -16.99 -16.86 -2.17
N PHE C 233 -18.21 -16.35 -2.12
CA PHE C 233 -19.11 -16.44 -0.94
C PHE C 233 -18.64 -15.61 0.27
N TYR C 234 -17.84 -14.60 -0.03
CA TYR C 234 -17.22 -13.78 0.97
C TYR C 234 -18.22 -13.11 1.91
N ASP C 235 -19.43 -12.86 1.42
CA ASP C 235 -20.43 -12.06 2.17
C ASP C 235 -21.47 -12.92 2.83
N VAL C 236 -21.37 -14.24 2.70
CA VAL C 236 -22.43 -15.12 3.23
C VAL C 236 -21.94 -16.27 4.15
N VAL C 237 -20.62 -16.50 4.21
CA VAL C 237 -20.04 -17.46 5.15
C VAL C 237 -18.92 -16.81 5.96
N PRO C 238 -18.58 -17.38 7.11
CA PRO C 238 -17.47 -16.81 7.84
C PRO C 238 -16.13 -17.21 7.22
N ASN C 239 -15.05 -16.63 7.73
CA ASN C 239 -13.70 -17.14 7.49
C ASN C 239 -13.63 -18.60 7.89
N ASP C 240 -12.85 -19.38 7.16
CA ASP C 240 -12.71 -20.79 7.43
C ASP C 240 -14.08 -21.46 7.65
N PRO C 241 -14.94 -21.42 6.61
CA PRO C 241 -16.31 -21.90 6.75
C PRO C 241 -16.36 -23.38 7.05
N SER C 242 -17.36 -23.79 7.82
CA SER C 242 -17.59 -25.22 8.05
C SER C 242 -18.34 -25.84 6.89
N PHE C 243 -18.43 -27.17 6.90
CA PHE C 243 -19.16 -27.92 5.90
C PHE C 243 -20.60 -27.45 5.91
N GLU C 244 -21.11 -27.28 7.11
CA GLU C 244 -22.48 -26.90 7.32
C GLU C 244 -22.72 -25.48 6.85
N ASP C 245 -21.78 -24.58 7.14
CA ASP C 245 -21.89 -23.19 6.66
C ASP C 245 -22.09 -23.18 5.15
N MET C 246 -21.28 -23.96 4.43
CA MET C 246 -21.31 -24.01 2.97
C MET C 246 -22.56 -24.70 2.48
N ARG C 247 -22.95 -25.79 3.12
CA ARG C 247 -24.18 -26.47 2.69
C ARG C 247 -25.38 -25.55 2.83
N LYS C 248 -25.44 -24.78 3.93
CA LYS C 248 -26.57 -23.82 4.11
C LYS C 248 -26.69 -22.78 3.00
N VAL C 249 -25.56 -22.23 2.57
CA VAL C 249 -25.53 -21.18 1.55
CA VAL C 249 -25.61 -21.16 1.57
C VAL C 249 -25.75 -21.74 0.13
N VAL C 250 -25.03 -22.82 -0.20
CA VAL C 250 -25.02 -23.39 -1.56
C VAL C 250 -26.20 -24.29 -1.86
N CYS C 251 -26.60 -25.11 -0.88
CA CYS C 251 -27.66 -26.09 -1.11
C CYS C 251 -29.01 -25.58 -0.59
N VAL C 252 -29.05 -25.18 0.68
CA VAL C 252 -30.32 -24.75 1.26
C VAL C 252 -30.77 -23.43 0.64
N ASP C 253 -29.91 -22.42 0.69
CA ASP C 253 -30.28 -21.06 0.18
C ASP C 253 -30.06 -20.92 -1.30
N GLN C 254 -29.44 -21.91 -1.93
CA GLN C 254 -29.21 -21.94 -3.39
C GLN C 254 -28.42 -20.73 -3.94
N GLN C 255 -27.47 -20.25 -3.18
CA GLN C 255 -26.81 -19.01 -3.58
CA GLN C 255 -26.76 -19.02 -3.53
C GLN C 255 -25.64 -19.28 -4.48
N ARG C 256 -25.33 -18.28 -5.31
CA ARG C 256 -24.17 -18.31 -6.17
C ARG C 256 -23.52 -16.91 -6.13
N PRO C 257 -22.26 -16.80 -6.52
CA PRO C 257 -21.70 -15.46 -6.53
C PRO C 257 -22.49 -14.51 -7.42
N ASN C 258 -22.59 -13.26 -6.97
CA ASN C 258 -23.44 -12.32 -7.70
CA ASN C 258 -23.39 -12.22 -7.66
C ASN C 258 -22.63 -11.69 -8.86
N ILE C 259 -23.34 -11.44 -9.98
CA ILE C 259 -22.76 -10.79 -11.18
C ILE C 259 -22.98 -9.26 -11.10
N PRO C 260 -21.89 -8.49 -10.94
CA PRO C 260 -22.04 -7.01 -10.83
C PRO C 260 -22.71 -6.47 -12.08
N ASN C 261 -23.57 -5.49 -11.92
CA ASN C 261 -24.35 -5.02 -13.05
C ASN C 261 -23.46 -4.31 -14.09
N ARG C 262 -22.35 -3.70 -13.64
CA ARG C 262 -21.42 -3.07 -14.59
C ARG C 262 -20.86 -4.07 -15.61
N TRP C 263 -20.88 -5.39 -15.34
CA TRP C 263 -20.37 -6.34 -16.37
C TRP C 263 -21.22 -6.41 -17.63
N PHE C 264 -22.51 -6.09 -17.53
CA PHE C 264 -23.40 -6.30 -18.68
C PHE C 264 -23.21 -5.21 -19.75
N SER C 265 -22.45 -4.17 -19.40
CA SER C 265 -22.04 -3.14 -20.36
C SER C 265 -20.72 -3.46 -21.04
N ASP C 266 -20.13 -4.64 -20.76
CA ASP C 266 -18.84 -5.03 -21.36
C ASP C 266 -18.95 -6.41 -21.98
N PRO C 267 -18.55 -6.55 -23.27
CA PRO C 267 -18.77 -7.78 -24.00
C PRO C 267 -18.04 -9.00 -23.42
N THR C 268 -16.76 -8.82 -23.07
CA THR C 268 -15.91 -9.88 -22.49
C THR C 268 -16.48 -10.35 -21.15
N LEU C 269 -16.79 -9.40 -20.25
CA LEU C 269 -17.36 -9.75 -18.95
C LEU C 269 -18.74 -10.38 -19.08
N THR C 270 -19.53 -9.94 -20.06
CA THR C 270 -20.83 -10.55 -20.31
C THR C 270 -20.69 -12.03 -20.73
N SER C 271 -19.72 -12.31 -21.59
CA SER C 271 -19.38 -13.67 -21.98
C SER C 271 -18.86 -14.51 -20.81
N LEU C 272 -18.00 -13.92 -19.99
CA LEU C 272 -17.49 -14.65 -18.83
C LEU C 272 -18.62 -14.99 -17.85
N ALA C 273 -19.55 -14.06 -17.65
CA ALA C 273 -20.71 -14.29 -16.78
C ALA C 273 -21.55 -15.47 -17.23
N LYS C 274 -21.85 -15.52 -18.54
CA LYS C 274 -22.50 -16.69 -19.13
C LYS C 274 -21.73 -17.99 -18.81
N LEU C 275 -20.42 -17.97 -18.98
CA LEU C 275 -19.60 -19.17 -18.71
C LEU C 275 -19.70 -19.58 -17.25
N MET C 276 -19.62 -18.60 -16.34
CA MET C 276 -19.71 -18.91 -14.90
C MET C 276 -20.98 -19.59 -14.55
N LYS C 277 -22.08 -19.09 -15.10
CA LYS C 277 -23.40 -19.62 -14.78
C LYS C 277 -23.49 -21.08 -15.18
N GLU C 278 -22.90 -21.41 -16.32
CA GLU C 278 -22.91 -22.74 -16.85
C GLU C 278 -21.89 -23.69 -16.17
N CYS C 279 -21.10 -23.16 -15.25
CA CYS C 279 -20.30 -23.96 -14.34
C CYS C 279 -21.01 -24.24 -13.02
N TRP C 280 -22.10 -23.53 -12.75
CA TRP C 280 -22.72 -23.48 -11.40
C TRP C 280 -24.08 -24.09 -11.31
N TYR C 281 -24.54 -24.73 -12.38
CA TYR C 281 -25.80 -25.47 -12.29
C TYR C 281 -25.76 -26.44 -11.14
N GLN C 282 -26.87 -26.57 -10.42
CA GLN C 282 -26.99 -27.60 -9.40
C GLN C 282 -26.76 -28.99 -9.99
N ASN C 283 -27.37 -29.25 -11.13
CA ASN C 283 -27.21 -30.52 -11.82
C ASN C 283 -25.82 -30.63 -12.42
N PRO C 284 -24.96 -31.49 -11.83
CA PRO C 284 -23.56 -31.50 -12.30
C PRO C 284 -23.44 -31.84 -13.76
N SER C 285 -24.35 -32.66 -14.27
CA SER C 285 -24.26 -33.10 -15.66
C SER C 285 -24.59 -31.97 -16.63
N ALA C 286 -25.24 -30.91 -16.14
CA ALA C 286 -25.57 -29.74 -16.97
C ALA C 286 -24.39 -28.78 -17.16
N ARG C 287 -23.35 -28.93 -16.36
CA ARG C 287 -22.15 -28.06 -16.45
C ARG C 287 -21.33 -28.23 -17.73
N LEU C 288 -20.63 -27.17 -18.11
CA LEU C 288 -19.73 -27.20 -19.25
C LEU C 288 -18.52 -28.13 -18.93
N THR C 289 -17.88 -28.65 -19.98
CA THR C 289 -16.62 -29.38 -19.85
C THR C 289 -15.45 -28.39 -19.99
N ALA C 290 -14.28 -28.80 -19.50
CA ALA C 290 -13.09 -27.95 -19.58
C ALA C 290 -12.81 -27.62 -21.04
N LEU C 291 -12.87 -28.62 -21.90
CA LEU C 291 -12.62 -28.41 -23.34
C LEU C 291 -13.63 -27.44 -23.97
N ARG C 292 -14.88 -27.53 -23.54
CA ARG C 292 -15.91 -26.59 -24.00
C ARG C 292 -15.63 -25.15 -23.56
N ILE C 293 -15.14 -24.98 -22.33
CA ILE C 293 -14.77 -23.67 -21.84
C ILE C 293 -13.59 -23.09 -22.63
N LYS C 294 -12.58 -23.92 -22.85
CA LYS C 294 -11.43 -23.50 -23.67
C LYS C 294 -11.83 -22.98 -25.03
N LYS C 295 -12.72 -23.70 -25.72
CA LYS C 295 -13.22 -23.28 -27.05
C LYS C 295 -13.99 -21.96 -27.07
N THR C 296 -14.85 -21.76 -26.07
CA THR C 296 -15.57 -20.52 -25.94
C THR C 296 -14.62 -19.37 -25.74
N LEU C 297 -13.62 -19.59 -24.90
CA LEU C 297 -12.67 -18.54 -24.56
C LEU C 297 -11.81 -18.16 -25.74
N THR C 298 -11.45 -19.15 -26.54
CA THR C 298 -10.62 -18.91 -27.69
C THR C 298 -11.41 -18.07 -28.68
N LYS C 299 -12.73 -18.22 -28.66
CA LYS C 299 -13.61 -17.50 -29.57
C LYS C 299 -13.72 -15.98 -29.27
N ILE C 300 -13.69 -15.59 -27.99
CA ILE C 300 -13.90 -14.19 -27.57
C ILE C 300 -12.63 -13.34 -27.34
N ASP C 301 -11.43 -13.94 -27.38
CA ASP C 301 -10.20 -13.21 -27.00
C ASP C 301 -9.43 -12.54 -28.17
N GLN D 3 -4.42 40.83 7.28
CA GLN D 3 -5.12 41.68 8.28
C GLN D 3 -6.48 41.08 8.63
N ARG D 4 -6.46 39.84 9.13
CA ARG D 4 -7.64 39.16 9.67
C ARG D 4 -8.81 39.01 8.65
N THR D 5 -8.52 38.35 7.54
CA THR D 5 -9.54 37.81 6.63
C THR D 5 -9.26 36.32 6.39
N VAL D 6 -10.32 35.52 6.24
CA VAL D 6 -10.17 34.08 6.22
C VAL D 6 -9.21 33.54 5.16
N ALA D 7 -9.20 34.15 3.97
CA ALA D 7 -8.27 33.72 2.91
C ALA D 7 -6.78 33.87 3.32
N ARG D 8 -6.48 34.86 4.16
CA ARG D 8 -5.13 35.06 4.66
C ARG D 8 -4.83 34.16 5.86
N ASP D 9 -5.80 34.07 6.77
CA ASP D 9 -5.59 33.44 8.06
C ASP D 9 -5.73 31.93 8.08
N ILE D 10 -6.58 31.37 7.22
CA ILE D 10 -6.71 29.93 7.06
C ILE D 10 -5.67 29.45 6.05
N THR D 11 -4.92 28.43 6.45
CA THR D 11 -4.03 27.74 5.53
C THR D 11 -4.75 26.51 4.99
N LEU D 12 -4.91 26.44 3.67
CA LEU D 12 -5.56 25.28 3.03
C LEU D 12 -4.52 24.24 2.80
N LEU D 13 -4.71 23.03 3.33
CA LEU D 13 -3.67 22.03 3.36
C LEU D 13 -3.88 20.84 2.42
N GLU D 14 -5.08 20.28 2.40
CA GLU D 14 -5.37 19.18 1.50
C GLU D 14 -6.84 19.18 1.08
N CYS D 15 -7.07 18.86 -0.18
CA CYS D 15 -8.44 18.72 -0.70
C CYS D 15 -8.97 17.32 -0.38
N VAL D 16 -9.97 17.24 0.48
CA VAL D 16 -10.49 15.95 0.95
C VAL D 16 -11.77 15.55 0.22
N GLY D 17 -12.33 16.45 -0.56
CA GLY D 17 -13.54 16.14 -1.33
C GLY D 17 -13.69 17.11 -2.47
N LYS D 18 -14.23 16.65 -3.59
CA LYS D 18 -14.46 17.53 -4.73
C LYS D 18 -15.56 16.93 -5.60
N GLY D 19 -16.60 17.73 -5.91
CA GLY D 19 -17.69 17.30 -6.76
C GLY D 19 -18.11 18.42 -7.67
N ARG D 20 -19.23 18.24 -8.37
CA ARG D 20 -19.78 19.29 -9.23
C ARG D 20 -20.19 20.56 -8.45
N TYR D 21 -20.49 20.43 -7.17
CA TYR D 21 -20.93 21.64 -6.44
CA TYR D 21 -20.93 21.48 -6.21
C TYR D 21 -19.81 22.40 -5.70
N GLY D 22 -18.62 21.85 -5.63
CA GLY D 22 -17.46 22.55 -5.06
C GLY D 22 -16.44 21.59 -4.49
N GLU D 23 -15.62 22.10 -3.56
CA GLU D 23 -14.54 21.32 -2.96
C GLU D 23 -14.58 21.47 -1.42
N VAL D 24 -14.11 20.46 -0.69
CA VAL D 24 -13.90 20.60 0.73
C VAL D 24 -12.41 20.34 0.99
N TRP D 25 -11.81 21.25 1.76
CA TRP D 25 -10.44 21.26 2.16
C TRP D 25 -10.29 21.12 3.68
N ARG D 26 -9.27 20.34 4.07
CA ARG D 26 -8.73 20.46 5.40
C ARG D 26 -7.87 21.68 5.39
N GLY D 27 -8.16 22.59 6.34
CA GLY D 27 -7.33 23.74 6.57
C GLY D 27 -6.94 23.84 8.04
N SER D 28 -6.16 24.85 8.33
CA SER D 28 -5.78 25.17 9.70
C SER D 28 -6.02 26.64 9.96
N TRP D 29 -6.66 26.97 11.07
CA TRP D 29 -6.97 28.33 11.46
C TRP D 29 -6.61 28.50 12.93
N GLN D 30 -5.65 29.37 13.24
CA GLN D 30 -5.19 29.57 14.62
C GLN D 30 -4.71 28.26 15.23
N GLY D 31 -4.17 27.40 14.39
CA GLY D 31 -3.61 26.11 14.78
C GLY D 31 -4.60 24.96 14.80
N GLU D 32 -5.87 25.30 14.66
CA GLU D 32 -6.98 24.34 14.70
CA GLU D 32 -6.92 24.28 14.70
C GLU D 32 -7.28 23.78 13.33
N ASN D 33 -7.44 22.47 13.21
CA ASN D 33 -8.03 21.91 11.97
C ASN D 33 -9.45 22.44 11.77
N VAL D 34 -9.74 22.88 10.53
CA VAL D 34 -11.07 23.27 10.15
C VAL D 34 -11.39 22.67 8.78
N ALA D 35 -12.68 22.50 8.50
CA ALA D 35 -13.09 22.16 7.14
C ALA D 35 -13.53 23.40 6.42
N VAL D 36 -13.05 23.61 5.20
CA VAL D 36 -13.48 24.74 4.37
C VAL D 36 -14.17 24.22 3.14
N LYS D 37 -15.47 24.48 3.03
CA LYS D 37 -16.22 24.11 1.84
C LYS D 37 -16.28 25.33 0.97
N ILE D 38 -15.69 25.19 -0.20
CA ILE D 38 -15.62 26.22 -1.25
C ILE D 38 -16.65 25.87 -2.31
N PHE D 39 -17.68 26.70 -2.41
CA PHE D 39 -18.82 26.43 -3.28
C PHE D 39 -18.59 26.98 -4.70
N SER D 40 -18.94 26.23 -5.72
CA SER D 40 -18.99 26.84 -7.05
CA SER D 40 -19.00 26.82 -7.06
C SER D 40 -20.02 27.97 -7.02
N SER D 41 -19.78 29.02 -7.81
CA SER D 41 -20.74 30.14 -7.85
C SER D 41 -22.12 29.70 -8.35
N ARG D 42 -22.16 28.58 -9.05
CA ARG D 42 -23.43 27.99 -9.50
C ARG D 42 -24.25 27.38 -8.34
N ASP D 43 -23.64 27.27 -7.15
CA ASP D 43 -24.32 26.69 -5.99
C ASP D 43 -24.43 27.71 -4.86
N GLU D 44 -24.50 29.00 -5.23
CA GLU D 44 -24.57 30.07 -4.23
C GLU D 44 -25.77 30.00 -3.30
N LYS D 45 -26.94 29.58 -3.81
CA LYS D 45 -28.15 29.48 -2.96
C LYS D 45 -28.00 28.42 -1.86
N SER D 46 -27.27 27.34 -2.18
CA SER D 46 -26.96 26.34 -1.16
C SER D 46 -26.05 26.95 -0.07
N TRP D 47 -25.03 27.70 -0.47
CA TRP D 47 -24.15 28.40 0.51
C TRP D 47 -24.94 29.31 1.43
N PHE D 48 -25.88 30.05 0.85
CA PHE D 48 -26.65 30.97 1.65
C PHE D 48 -27.60 30.25 2.61
N ARG D 49 -28.29 29.22 2.12
CA ARG D 49 -29.24 28.50 2.98
C ARG D 49 -28.52 27.93 4.21
N GLU D 50 -27.40 27.25 4.02
CA GLU D 50 -26.60 26.78 5.17
C GLU D 50 -26.19 27.91 6.11
N THR D 51 -25.65 28.99 5.52
CA THR D 51 -25.16 30.14 6.29
C THR D 51 -26.28 30.77 7.13
N GLU D 52 -27.43 31.01 6.49
CA GLU D 52 -28.63 31.47 7.17
C GLU D 52 -28.99 30.68 8.38
N LEU D 53 -29.12 29.37 8.19
CA LEU D 53 -29.52 28.47 9.26
C LEU D 53 -28.52 28.46 10.40
N TYR D 54 -27.24 28.40 10.06
CA TYR D 54 -26.23 28.35 11.11
C TYR D 54 -26.12 29.71 11.81
N ASN D 55 -26.30 30.81 11.07
CA ASN D 55 -25.96 32.09 11.69
C ASN D 55 -27.19 32.83 12.21
N THR D 56 -28.39 32.30 11.96
CA THR D 56 -29.61 32.94 12.45
C THR D 56 -30.44 32.07 13.40
N VAL D 57 -30.62 30.82 13.00
CA VAL D 57 -31.31 29.83 13.83
C VAL D 57 -30.35 29.35 14.89
N MET D 58 -29.05 29.50 14.61
CA MET D 58 -28.01 29.12 15.55
C MET D 58 -28.04 27.60 15.77
N LEU D 59 -28.38 26.87 14.73
CA LEU D 59 -28.41 25.41 14.76
C LEU D 59 -27.13 24.84 15.37
N ARG D 60 -27.26 24.17 16.51
CA ARG D 60 -26.13 23.58 17.25
C ARG D 60 -26.55 22.31 18.04
N HIS D 61 -25.86 21.19 17.81
CA HIS D 61 -26.26 19.89 18.37
C HIS D 61 -25.09 18.92 18.13
N GLU D 62 -24.94 17.94 19.02
CA GLU D 62 -23.84 16.95 18.93
CA GLU D 62 -23.83 16.97 18.92
C GLU D 62 -23.82 16.22 17.57
N ASN D 63 -25.00 16.07 16.99
CA ASN D 63 -25.17 15.26 15.77
C ASN D 63 -25.50 16.10 14.51
N ILE D 64 -25.24 17.39 14.60
CA ILE D 64 -25.24 18.32 13.46
C ILE D 64 -23.85 18.94 13.33
N LEU D 65 -23.31 18.95 12.11
CA LEU D 65 -21.97 19.44 11.85
C LEU D 65 -21.82 20.88 12.41
N GLY D 66 -20.76 21.07 13.18
CA GLY D 66 -20.51 22.34 13.91
C GLY D 66 -20.04 23.46 12.99
N PHE D 67 -20.77 24.58 13.02
CA PHE D 67 -20.43 25.80 12.28
C PHE D 67 -19.32 26.58 12.97
N ILE D 68 -18.40 27.13 12.18
CA ILE D 68 -17.40 28.07 12.68
C ILE D 68 -17.61 29.45 12.05
N ALA D 69 -17.70 29.50 10.74
CA ALA D 69 -17.82 30.80 10.06
C ALA D 69 -18.26 30.66 8.61
N SER D 70 -18.65 31.78 8.03
CA SER D 70 -19.00 31.83 6.62
C SER D 70 -18.47 33.12 6.06
N ASP D 71 -18.08 33.07 4.80
CA ASP D 71 -17.47 34.21 4.16
C ASP D 71 -17.81 34.24 2.68
N MET D 72 -18.05 35.43 2.17
CA MET D 72 -18.24 35.62 0.74
C MET D 72 -17.65 36.91 0.32
N THR D 73 -17.01 36.84 -0.83
CA THR D 73 -16.61 38.02 -1.56
CA THR D 73 -16.59 38.01 -1.58
C THR D 73 -17.14 37.90 -2.99
N SER D 74 -17.85 38.94 -3.47
CA SER D 74 -18.37 38.87 -4.81
C SER D 74 -18.13 40.17 -5.56
N ARG D 75 -17.76 40.03 -6.84
CA ARG D 75 -17.69 41.12 -7.81
C ARG D 75 -18.57 40.71 -9.01
N HIS D 76 -18.51 41.44 -10.12
CA HIS D 76 -19.12 40.95 -11.36
C HIS D 76 -18.34 39.73 -11.85
N SER D 77 -17.01 39.86 -11.76
CA SER D 77 -16.06 38.98 -12.43
C SER D 77 -15.62 37.72 -11.65
N SER D 78 -15.82 37.70 -10.33
CA SER D 78 -15.56 36.49 -9.54
C SER D 78 -16.25 36.53 -8.17
N THR D 79 -16.78 35.37 -7.76
CA THR D 79 -17.40 35.22 -6.45
C THR D 79 -16.77 34.04 -5.72
N GLN D 80 -16.39 34.25 -4.47
CA GLN D 80 -15.82 33.18 -3.65
C GLN D 80 -16.74 33.01 -2.44
N LEU D 81 -17.16 31.77 -2.21
CA LEU D 81 -18.14 31.46 -1.15
C LEU D 81 -17.55 30.37 -0.27
N TRP D 82 -17.29 30.67 0.99
CA TRP D 82 -16.68 29.69 1.90
C TRP D 82 -17.58 29.38 3.04
N LEU D 83 -17.71 28.11 3.39
CA LEU D 83 -18.34 27.74 4.65
C LEU D 83 -17.29 26.97 5.45
N ILE D 84 -17.06 27.40 6.68
CA ILE D 84 -16.00 26.85 7.49
C ILE D 84 -16.66 26.17 8.69
N THR D 85 -16.28 24.91 8.91
CA THR D 85 -16.89 24.06 9.93
C THR D 85 -15.82 23.30 10.67
N HIS D 86 -16.25 22.62 11.71
CA HIS D 86 -15.49 21.58 12.39
CA HIS D 86 -15.40 21.65 12.37
C HIS D 86 -14.96 20.61 11.36
N TYR D 87 -13.75 20.11 11.55
CA TYR D 87 -13.16 19.11 10.68
C TYR D 87 -13.20 17.75 11.32
N HIS D 88 -13.65 16.74 10.57
CA HIS D 88 -13.74 15.37 11.11
C HIS D 88 -12.84 14.45 10.30
N GLU D 89 -11.67 14.12 10.88
CA GLU D 89 -10.62 13.44 10.15
C GLU D 89 -10.97 12.04 9.69
N MET D 90 -12.00 11.44 10.28
CA MET D 90 -12.44 10.09 9.89
CA MET D 90 -12.39 10.09 9.85
C MET D 90 -13.24 10.14 8.59
N GLY D 91 -13.64 11.35 8.19
CA GLY D 91 -14.35 11.52 6.93
C GLY D 91 -15.83 11.20 7.00
N SER D 92 -16.41 10.98 5.84
CA SER D 92 -17.85 10.72 5.75
C SER D 92 -18.14 9.28 6.18
N LEU D 93 -19.38 9.05 6.51
CA LEU D 93 -19.85 7.71 6.81
C LEU D 93 -19.63 6.82 5.58
N TYR D 94 -19.85 7.37 4.38
CA TYR D 94 -19.52 6.66 3.13
C TYR D 94 -18.05 6.19 3.07
N ASP D 95 -17.11 7.07 3.41
CA ASP D 95 -15.69 6.77 3.47
C ASP D 95 -15.41 5.67 4.54
N TYR D 96 -15.95 5.89 5.72
CA TYR D 96 -15.69 5.08 6.88
C TYR D 96 -16.21 3.66 6.71
N LEU D 97 -17.40 3.51 6.11
CA LEU D 97 -18.02 2.19 5.99
C LEU D 97 -17.23 1.32 5.01
N GLN D 98 -16.47 1.95 4.11
CA GLN D 98 -15.69 1.20 3.11
C GLN D 98 -14.67 0.32 3.79
N LEU D 99 -14.13 0.87 4.87
CA LEU D 99 -12.96 0.36 5.54
C LEU D 99 -13.27 -0.36 6.85
N THR D 100 -14.43 -0.13 7.43
CA THR D 100 -14.67 -0.46 8.81
C THR D 100 -15.80 -1.46 8.91
N THR D 101 -15.60 -2.47 9.74
CA THR D 101 -16.72 -3.34 10.14
C THR D 101 -17.09 -3.01 11.59
N LEU D 102 -18.34 -3.34 11.91
CA LEU D 102 -18.96 -2.91 13.14
C LEU D 102 -19.49 -4.06 14.00
N ASP D 103 -19.59 -3.83 15.29
CA ASP D 103 -20.24 -4.79 16.16
C ASP D 103 -21.55 -4.16 16.57
N THR D 104 -22.34 -4.87 17.36
CA THR D 104 -23.67 -4.43 17.67
CA THR D 104 -23.70 -4.40 17.59
C THR D 104 -23.68 -3.03 18.25
N VAL D 105 -22.80 -2.83 19.22
CA VAL D 105 -22.72 -1.55 19.94
C VAL D 105 -22.35 -0.39 19.01
N SER D 106 -21.32 -0.59 18.19
CA SER D 106 -20.86 0.50 17.35
C SER D 106 -21.85 0.80 16.22
N CYS D 107 -22.49 -0.25 15.70
CA CYS D 107 -23.53 -0.08 14.72
C CYS D 107 -24.68 0.77 15.31
N LEU D 108 -25.20 0.39 16.47
CA LEU D 108 -26.35 1.12 17.09
C LEU D 108 -25.98 2.58 17.42
N ARG D 109 -24.73 2.78 17.83
CA ARG D 109 -24.21 4.11 18.15
C ARG D 109 -24.29 5.03 16.95
N ILE D 110 -23.85 4.51 15.80
CA ILE D 110 -23.87 5.27 14.57
C ILE D 110 -25.31 5.61 14.18
N VAL D 111 -26.20 4.61 14.10
CA VAL D 111 -27.54 4.86 13.57
C VAL D 111 -28.36 5.66 14.57
N LEU D 112 -28.16 5.44 15.86
CA LEU D 112 -28.90 6.27 16.85
C LEU D 112 -28.46 7.74 16.78
N SER D 113 -27.17 7.97 16.59
CA SER D 113 -26.66 9.35 16.56
C SER D 113 -27.21 10.05 15.34
N ILE D 114 -27.34 9.34 14.22
CA ILE D 114 -27.94 9.95 13.02
C ILE D 114 -29.40 10.30 13.28
N ALA D 115 -30.11 9.40 13.95
CA ALA D 115 -31.52 9.62 14.20
C ALA D 115 -31.70 10.76 15.17
N SER D 116 -30.79 10.88 16.12
CA SER D 116 -30.82 12.03 17.07
CA SER D 116 -30.83 12.02 17.06
C SER D 116 -30.65 13.37 16.34
N GLY D 117 -29.74 13.43 15.40
CA GLY D 117 -29.54 14.63 14.62
C GLY D 117 -30.75 14.97 13.76
N LEU D 118 -31.30 13.96 13.11
CA LEU D 118 -32.47 14.19 12.26
C LEU D 118 -33.71 14.61 13.05
N ALA D 119 -33.95 13.95 14.19
CA ALA D 119 -35.04 14.35 15.10
C ALA D 119 -34.89 15.77 15.56
N HIS D 120 -33.65 16.19 15.83
CA HIS D 120 -33.39 17.55 16.26
C HIS D 120 -33.66 18.53 15.13
N LEU D 121 -33.28 18.16 13.90
CA LEU D 121 -33.64 18.99 12.75
C LEU D 121 -35.15 19.12 12.66
N HIS D 122 -35.85 17.97 12.70
CA HIS D 122 -37.28 17.90 12.37
C HIS D 122 -38.18 18.65 13.39
N ILE D 123 -37.74 18.69 14.62
CA ILE D 123 -38.53 19.18 15.73
C ILE D 123 -38.34 20.66 15.96
N GLU D 124 -39.47 21.38 16.02
CA GLU D 124 -39.44 22.79 16.31
C GLU D 124 -39.22 22.97 17.81
N ILE D 125 -38.38 23.92 18.17
CA ILE D 125 -38.15 24.25 19.57
C ILE D 125 -38.60 25.68 19.76
N PHE D 126 -39.47 25.90 20.72
CA PHE D 126 -40.08 27.21 20.94
C PHE D 126 -39.31 27.98 22.00
N GLY D 127 -39.43 29.31 21.94
CA GLY D 127 -38.84 30.19 22.95
C GLY D 127 -37.78 31.11 22.39
N THR D 128 -36.93 31.61 23.30
CA THR D 128 -35.92 32.62 22.97
C THR D 128 -34.80 32.08 22.06
N GLN D 129 -34.33 30.88 22.38
CA GLN D 129 -33.22 30.27 21.63
C GLN D 129 -33.73 29.04 20.87
N GLY D 130 -34.79 29.25 20.11
CA GLY D 130 -35.50 28.16 19.45
C GLY D 130 -34.98 27.88 18.05
N LYS D 131 -35.72 27.06 17.34
CA LYS D 131 -35.45 26.81 15.94
C LYS D 131 -36.76 26.43 15.28
N PRO D 132 -36.94 26.81 14.01
CA PRO D 132 -38.05 26.25 13.26
C PRO D 132 -37.82 24.75 13.09
N ALA D 133 -38.87 24.02 12.70
CA ALA D 133 -38.69 22.66 12.21
C ALA D 133 -37.97 22.73 10.87
N ILE D 134 -37.08 21.78 10.62
CA ILE D 134 -36.20 21.81 9.46
C ILE D 134 -36.18 20.41 8.81
N ALA D 135 -36.53 20.33 7.53
CA ALA D 135 -36.24 19.11 6.75
C ALA D 135 -34.95 19.28 5.94
N HIS D 136 -34.17 18.21 5.83
CA HIS D 136 -32.85 18.27 5.24
C HIS D 136 -32.86 18.22 3.69
N ARG D 137 -33.55 17.21 3.15
CA ARG D 137 -33.78 17.01 1.73
C ARG D 137 -32.62 16.48 0.92
N ASP D 138 -31.43 16.32 1.49
CA ASP D 138 -30.35 15.58 0.80
C ASP D 138 -29.58 14.65 1.72
N LEU D 139 -30.29 13.89 2.57
CA LEU D 139 -29.68 12.95 3.48
C LEU D 139 -29.08 11.78 2.70
N LYS D 140 -27.82 11.50 2.98
CA LYS D 140 -27.05 10.39 2.35
C LYS D 140 -25.79 10.12 3.13
N SER D 141 -25.13 9.01 2.87
CA SER D 141 -23.96 8.65 3.65
C SER D 141 -22.77 9.61 3.45
N LYS D 142 -22.70 10.25 2.30
CA LYS D 142 -21.61 11.18 2.02
C LYS D 142 -21.82 12.55 2.75
N ASN D 143 -23.07 12.81 3.18
CA ASN D 143 -23.43 13.99 3.96
C ASN D 143 -23.52 13.80 5.48
N ILE D 144 -22.86 12.75 5.99
CA ILE D 144 -22.82 12.42 7.40
C ILE D 144 -21.35 12.19 7.67
N LEU D 145 -20.85 12.84 8.72
CA LEU D 145 -19.47 12.68 9.13
C LEU D 145 -19.37 11.72 10.33
N VAL D 146 -18.28 10.99 10.41
CA VAL D 146 -18.02 10.14 11.55
C VAL D 146 -17.00 10.81 12.49
N LYS D 147 -17.36 10.88 13.75
CA LYS D 147 -16.53 11.49 14.76
C LYS D 147 -15.67 10.46 15.51
N LYS D 148 -14.57 10.92 16.09
CA LYS D 148 -13.71 9.99 16.84
C LYS D 148 -14.39 9.29 18.06
N ASN D 149 -15.47 9.87 18.62
CA ASN D 149 -16.31 9.15 19.63
C ASN D 149 -17.29 8.07 19.12
N GLY D 150 -17.30 7.80 17.83
CA GLY D 150 -18.13 6.72 17.31
C GLY D 150 -19.53 7.18 16.93
N GLN D 151 -19.84 8.42 17.26
CA GLN D 151 -21.08 9.11 16.81
C GLN D 151 -20.88 9.85 15.50
N CYS D 152 -22.01 10.14 14.86
CA CYS D 152 -22.04 10.84 13.58
C CYS D 152 -22.63 12.23 13.72
N CYS D 153 -22.37 13.05 12.70
CA CYS D 153 -23.09 14.30 12.55
C CYS D 153 -23.50 14.54 11.09
N ILE D 154 -24.68 15.12 10.96
CA ILE D 154 -25.31 15.42 9.70
C ILE D 154 -24.77 16.77 9.20
N ALA D 155 -24.40 16.80 7.93
CA ALA D 155 -23.94 18.00 7.24
C ALA D 155 -24.72 18.31 5.99
N ASP D 156 -24.39 19.47 5.40
CA ASP D 156 -24.95 19.95 4.14
C ASP D 156 -26.42 20.27 4.21
N LEU D 157 -26.72 21.45 4.73
CA LEU D 157 -28.05 21.92 4.90
C LEU D 157 -28.48 22.81 3.74
N GLY D 158 -27.83 22.69 2.57
CA GLY D 158 -28.06 23.61 1.46
C GLY D 158 -29.43 23.52 0.79
N LEU D 159 -30.09 22.38 0.93
CA LEU D 159 -31.44 22.20 0.43
C LEU D 159 -32.49 22.22 1.55
N ALA D 160 -32.11 22.63 2.75
CA ALA D 160 -33.03 22.58 3.90
C ALA D 160 -34.25 23.43 3.66
N VAL D 161 -35.37 22.95 4.16
CA VAL D 161 -36.63 23.69 4.18
C VAL D 161 -37.08 23.84 5.64
N MET D 162 -37.66 24.99 5.95
N MET D 162 -37.68 25.00 5.93
CA MET D 162 -38.01 25.29 7.32
CA MET D 162 -38.01 25.35 7.29
C MET D 162 -39.48 25.60 7.45
C MET D 162 -39.50 25.59 7.44
N HIS D 163 -40.02 25.29 8.62
CA HIS D 163 -41.41 25.51 8.96
C HIS D 163 -41.56 26.03 10.40
N SER D 164 -42.41 27.05 10.55
CA SER D 164 -42.77 27.63 11.82
C SER D 164 -44.25 27.39 12.12
N GLN D 165 -44.50 26.70 13.22
CA GLN D 165 -45.86 26.24 13.59
C GLN D 165 -46.82 27.39 13.88
N SER D 166 -46.34 28.37 14.65
CA SER D 166 -47.15 29.50 15.08
C SER D 166 -47.83 30.22 13.92
N THR D 167 -47.09 30.38 12.82
CA THR D 167 -47.56 31.17 11.68
C THR D 167 -47.96 30.28 10.48
N ASN D 168 -47.78 28.98 10.61
CA ASN D 168 -47.77 28.06 9.46
C ASN D 168 -47.00 28.61 8.23
N GLN D 169 -45.83 29.18 8.47
CA GLN D 169 -44.99 29.61 7.37
C GLN D 169 -44.01 28.49 6.97
N LEU D 170 -43.97 28.21 5.66
CA LEU D 170 -43.03 27.30 5.02
C LEU D 170 -42.05 28.06 4.13
N ASP D 171 -40.75 27.80 4.30
CA ASP D 171 -39.67 28.43 3.52
C ASP D 171 -38.94 27.34 2.75
N VAL D 172 -39.31 27.15 1.49
CA VAL D 172 -38.66 26.12 0.68
C VAL D 172 -37.46 26.66 -0.10
N GLY D 173 -37.32 27.97 -0.16
CA GLY D 173 -36.18 28.56 -0.91
C GLY D 173 -36.43 28.50 -2.40
N ASN D 174 -35.41 28.76 -3.21
CA ASN D 174 -35.60 28.56 -4.69
CA ASN D 174 -35.48 28.81 -4.65
C ASN D 174 -34.32 28.07 -5.34
N ASN D 175 -33.83 26.98 -4.76
CA ASN D 175 -32.60 26.30 -5.16
C ASN D 175 -32.82 25.43 -6.40
N PRO D 176 -32.05 25.65 -7.48
CA PRO D 176 -32.19 24.76 -8.64
C PRO D 176 -31.61 23.35 -8.44
N ARG D 177 -30.73 23.19 -7.46
CA ARG D 177 -30.18 21.87 -7.14
C ARG D 177 -31.27 20.92 -6.62
N VAL D 178 -31.25 19.66 -7.04
CA VAL D 178 -32.20 18.69 -6.46
C VAL D 178 -31.39 17.66 -5.67
N GLY D 179 -32.09 16.85 -4.88
CA GLY D 179 -31.43 15.86 -4.04
C GLY D 179 -30.72 14.84 -4.88
N THR D 180 -29.83 14.11 -4.25
CA THR D 180 -29.10 13.07 -4.91
C THR D 180 -30.11 12.04 -5.45
N LYS D 181 -29.96 11.65 -6.73
CA LYS D 181 -30.99 10.82 -7.38
C LYS D 181 -31.18 9.45 -6.68
N ARG D 182 -30.07 8.79 -6.35
CA ARG D 182 -30.04 7.47 -5.73
C ARG D 182 -30.89 7.37 -4.47
N TYR D 183 -30.97 8.48 -3.74
CA TYR D 183 -31.72 8.53 -2.50
C TYR D 183 -33.11 9.18 -2.59
N MET D 184 -33.60 9.52 -3.79
CA MET D 184 -34.92 10.16 -3.91
C MET D 184 -36.07 9.19 -3.62
N ALA D 185 -36.99 9.65 -2.79
CA ALA D 185 -38.21 8.95 -2.45
C ALA D 185 -39.12 8.77 -3.72
N PRO D 186 -39.98 7.77 -3.68
CA PRO D 186 -40.91 7.45 -4.76
C PRO D 186 -41.73 8.67 -5.21
N GLU D 187 -42.20 9.44 -4.24
CA GLU D 187 -43.06 10.59 -4.53
C GLU D 187 -42.31 11.75 -5.19
N VAL D 188 -40.99 11.82 -4.96
CA VAL D 188 -40.12 12.77 -5.65
C VAL D 188 -39.95 12.32 -7.10
N LEU D 189 -39.57 11.07 -7.28
CA LEU D 189 -39.32 10.50 -8.60
C LEU D 189 -40.54 10.44 -9.53
N ASP D 190 -41.72 10.20 -8.98
CA ASP D 190 -42.94 10.20 -9.81
C ASP D 190 -43.64 11.54 -9.82
N GLU D 191 -43.01 12.52 -9.15
CA GLU D 191 -43.45 13.91 -9.15
C GLU D 191 -44.85 14.13 -8.49
N THR D 192 -45.22 13.28 -7.54
CA THR D 192 -46.50 13.41 -6.85
C THR D 192 -46.36 14.11 -5.49
N ILE D 193 -45.15 14.44 -5.09
CA ILE D 193 -44.94 15.03 -3.77
C ILE D 193 -45.75 16.36 -3.64
N GLN D 194 -46.47 16.54 -2.52
CA GLN D 194 -47.12 17.83 -2.16
C GLN D 194 -46.06 18.93 -1.82
N VAL D 195 -45.71 19.78 -2.79
CA VAL D 195 -44.57 20.72 -2.61
C VAL D 195 -44.81 21.85 -1.59
N ASP D 196 -46.07 22.12 -1.25
CA ASP D 196 -46.42 23.15 -0.27
C ASP D 196 -46.71 22.55 1.10
N CYS D 197 -46.34 21.28 1.29
CA CYS D 197 -46.61 20.58 2.54
C CYS D 197 -45.28 20.23 3.27
N PHE D 198 -45.09 20.81 4.46
CA PHE D 198 -43.86 20.54 5.22
C PHE D 198 -43.67 19.05 5.55
N ASP D 199 -44.76 18.37 5.92
CA ASP D 199 -44.73 16.93 6.21
C ASP D 199 -44.10 16.13 5.10
N SER D 200 -44.39 16.53 3.86
CA SER D 200 -43.86 15.82 2.70
C SER D 200 -42.34 15.80 2.72
N TYR D 201 -41.72 16.91 3.15
CA TYR D 201 -40.28 16.98 3.14
C TYR D 201 -39.67 16.14 4.22
N LYS D 202 -40.27 16.14 5.40
CA LYS D 202 -39.81 15.25 6.46
C LYS D 202 -39.87 13.78 6.00
N ARG D 203 -40.92 13.39 5.29
CA ARG D 203 -41.08 12.03 4.85
C ARG D 203 -40.06 11.60 3.81
N VAL D 204 -39.57 12.52 2.97
CA VAL D 204 -38.45 12.17 2.09
C VAL D 204 -37.14 11.96 2.86
N ASP D 205 -36.92 12.71 3.92
CA ASP D 205 -35.76 12.44 4.80
C ASP D 205 -35.88 11.05 5.47
N ILE D 206 -37.09 10.66 5.85
CA ILE D 206 -37.25 9.33 6.50
C ILE D 206 -36.89 8.20 5.53
N TRP D 207 -37.34 8.35 4.31
CA TRP D 207 -36.98 7.46 3.23
C TRP D 207 -35.48 7.32 3.11
N ALA D 208 -34.79 8.46 2.97
CA ALA D 208 -33.31 8.46 2.84
C ALA D 208 -32.64 7.87 4.08
N PHE D 209 -33.16 8.21 5.26
CA PHE D 209 -32.63 7.63 6.49
C PHE D 209 -32.68 6.09 6.46
N GLY D 210 -33.76 5.51 5.93
CA GLY D 210 -33.90 4.06 5.89
C GLY D 210 -32.83 3.47 4.98
N LEU D 211 -32.53 4.14 3.88
CA LEU D 211 -31.42 3.71 3.02
C LEU D 211 -30.04 3.79 3.67
N VAL D 212 -29.78 4.85 4.42
CA VAL D 212 -28.53 4.94 5.17
C VAL D 212 -28.46 3.83 6.26
N LEU D 213 -29.56 3.56 6.92
CA LEU D 213 -29.61 2.49 7.92
C LEU D 213 -29.20 1.17 7.31
N TRP D 214 -29.71 0.91 6.11
CA TRP D 214 -29.31 -0.29 5.36
C TRP D 214 -27.81 -0.34 5.05
N GLU D 215 -27.25 0.79 4.61
CA GLU D 215 -25.83 0.87 4.31
C GLU D 215 -24.95 0.50 5.52
N VAL D 216 -25.33 1.02 6.66
CA VAL D 216 -24.59 0.79 7.93
C VAL D 216 -24.72 -0.63 8.45
N ALA D 217 -25.94 -1.14 8.43
CA ALA D 217 -26.25 -2.51 8.92
C ALA D 217 -25.47 -3.59 8.19
N ARG D 218 -25.27 -3.40 6.89
CA ARG D 218 -24.48 -4.31 6.08
C ARG D 218 -23.10 -4.55 6.68
N ARG D 219 -22.55 -3.53 7.34
CA ARG D 219 -21.19 -3.60 7.84
C ARG D 219 -21.10 -4.09 9.30
N MET D 220 -22.24 -4.42 9.90
CA MET D 220 -22.27 -4.99 11.24
C MET D 220 -22.03 -6.48 11.13
N VAL D 221 -20.99 -6.98 11.78
CA VAL D 221 -20.69 -8.42 11.80
C VAL D 221 -21.70 -9.18 12.69
N SER D 222 -22.20 -10.31 12.18
CA SER D 222 -23.01 -11.24 12.99
C SER D 222 -22.65 -12.69 12.69
N ASN D 223 -22.40 -13.49 13.73
CA ASN D 223 -22.08 -14.89 13.50
C ASN D 223 -20.92 -15.09 12.49
N GLY D 224 -19.91 -14.22 12.59
CA GLY D 224 -18.77 -14.22 11.73
C GLY D 224 -18.92 -13.82 10.28
N ILE D 225 -20.12 -13.37 9.90
CA ILE D 225 -20.46 -12.91 8.53
C ILE D 225 -20.59 -11.41 8.50
N VAL D 226 -20.13 -10.79 7.42
CA VAL D 226 -20.46 -9.37 7.19
C VAL D 226 -20.54 -9.16 5.68
N GLU D 227 -21.33 -8.18 5.25
CA GLU D 227 -21.38 -7.84 3.81
C GLU D 227 -20.37 -6.74 3.55
N ASP D 228 -20.04 -6.53 2.27
CA ASP D 228 -19.19 -5.40 1.88
C ASP D 228 -20.04 -4.13 1.82
N TYR D 229 -19.39 -2.97 1.82
CA TYR D 229 -20.10 -1.69 1.59
C TYR D 229 -20.70 -1.74 0.18
N LYS D 230 -22.01 -1.47 0.09
CA LYS D 230 -22.63 -1.08 -1.12
C LYS D 230 -23.53 0.12 -0.96
N PRO D 231 -23.60 0.95 -2.01
CA PRO D 231 -24.62 2.00 -1.98
C PRO D 231 -26.02 1.44 -2.29
N PRO D 232 -27.08 2.18 -1.89
CA PRO D 232 -28.42 1.67 -2.12
C PRO D 232 -28.69 1.49 -3.61
N PHE D 233 -29.31 0.36 -3.96
CA PHE D 233 -29.71 0.01 -5.32
C PHE D 233 -28.53 -0.27 -6.23
N TYR D 234 -27.36 -0.58 -5.66
CA TYR D 234 -26.12 -0.90 -6.40
C TYR D 234 -26.33 -2.00 -7.46
N ASP D 235 -27.28 -2.88 -7.22
CA ASP D 235 -27.47 -4.06 -8.12
C ASP D 235 -28.41 -3.80 -9.30
N VAL D 236 -29.12 -2.68 -9.30
CA VAL D 236 -30.16 -2.43 -10.35
C VAL D 236 -30.04 -1.11 -11.05
N VAL D 237 -29.11 -0.27 -10.62
CA VAL D 237 -28.84 0.97 -11.35
C VAL D 237 -27.33 1.18 -11.46
N PRO D 238 -26.88 1.97 -12.44
CA PRO D 238 -25.44 2.21 -12.64
C PRO D 238 -24.94 3.36 -11.79
N ASN D 239 -23.63 3.58 -11.76
CA ASN D 239 -23.09 4.76 -11.09
CA ASN D 239 -23.08 4.76 -11.11
C ASN D 239 -23.75 5.99 -11.69
N ASP D 240 -23.91 7.02 -10.89
CA ASP D 240 -24.56 8.25 -11.36
C ASP D 240 -25.89 7.99 -12.11
N PRO D 241 -26.82 7.29 -11.43
CA PRO D 241 -28.07 6.90 -12.08
C PRO D 241 -28.86 8.11 -12.48
N SER D 242 -29.57 7.98 -13.59
CA SER D 242 -30.46 9.02 -14.02
C SER D 242 -31.72 8.98 -13.19
N PHE D 243 -32.48 10.07 -13.31
CA PHE D 243 -33.79 10.19 -12.75
C PHE D 243 -34.70 9.05 -13.22
N GLU D 244 -34.64 8.73 -14.50
CA GLU D 244 -35.47 7.69 -15.08
C GLU D 244 -35.04 6.30 -14.60
N ASP D 245 -33.73 6.06 -14.49
CA ASP D 245 -33.21 4.82 -13.91
C ASP D 245 -33.85 4.59 -12.52
N MET D 246 -33.88 5.64 -11.69
CA MET D 246 -34.36 5.53 -10.30
C MET D 246 -35.87 5.38 -10.24
N ARG D 247 -36.56 6.15 -11.06
CA ARG D 247 -38.02 6.05 -11.13
C ARG D 247 -38.51 4.65 -11.45
N LYS D 248 -37.87 4.03 -12.42
CA LYS D 248 -38.22 2.67 -12.81
C LYS D 248 -38.06 1.67 -11.66
N VAL D 249 -36.91 1.69 -11.01
CA VAL D 249 -36.64 0.80 -9.88
C VAL D 249 -37.60 1.04 -8.72
N VAL D 250 -37.69 2.30 -8.29
CA VAL D 250 -38.38 2.65 -7.05
C VAL D 250 -39.89 2.70 -7.19
N CYS D 251 -40.38 3.22 -8.33
CA CYS D 251 -41.80 3.48 -8.53
C CYS D 251 -42.53 2.43 -9.35
N VAL D 252 -41.88 1.93 -10.40
CA VAL D 252 -42.48 0.90 -11.26
C VAL D 252 -42.25 -0.49 -10.68
N ASP D 253 -41.00 -0.89 -10.51
CA ASP D 253 -40.71 -2.20 -9.89
C ASP D 253 -41.01 -2.22 -8.39
N GLN D 254 -41.01 -1.03 -7.81
CA GLN D 254 -41.19 -0.86 -6.38
C GLN D 254 -40.19 -1.70 -5.60
N GLN D 255 -38.96 -1.75 -6.11
CA GLN D 255 -37.87 -2.44 -5.42
C GLN D 255 -37.39 -1.69 -4.18
N ARG D 256 -36.94 -2.43 -3.18
CA ARG D 256 -36.27 -1.86 -2.01
C ARG D 256 -34.97 -2.64 -1.78
N PRO D 257 -34.01 -2.04 -1.04
CA PRO D 257 -32.78 -2.77 -0.86
C PRO D 257 -33.05 -4.12 -0.20
N ASN D 258 -32.33 -5.13 -0.65
CA ASN D 258 -32.57 -6.48 -0.21
C ASN D 258 -31.97 -6.74 1.17
N ILE D 259 -32.68 -7.52 1.98
CA ILE D 259 -32.23 -7.89 3.32
C ILE D 259 -31.51 -9.22 3.22
N PRO D 260 -30.20 -9.26 3.48
CA PRO D 260 -29.49 -10.55 3.39
C PRO D 260 -30.03 -11.57 4.40
N ASN D 261 -30.02 -12.84 4.01
CA ASN D 261 -30.50 -13.92 4.86
C ASN D 261 -29.94 -13.88 6.27
N ARG D 262 -28.64 -13.63 6.38
CA ARG D 262 -27.97 -13.77 7.69
C ARG D 262 -28.47 -12.76 8.70
N TRP D 263 -29.05 -11.65 8.25
CA TRP D 263 -29.61 -10.65 9.20
C TRP D 263 -30.70 -11.27 10.08
N PHE D 264 -31.44 -12.21 9.53
CA PHE D 264 -32.56 -12.83 10.24
C PHE D 264 -32.07 -13.81 11.34
N SER D 265 -30.77 -14.08 11.38
CA SER D 265 -30.18 -14.89 12.44
C SER D 265 -29.55 -14.00 13.54
N ASP D 266 -29.74 -12.68 13.45
CA ASP D 266 -29.24 -11.73 14.47
C ASP D 266 -30.37 -10.85 14.96
N PRO D 267 -30.59 -10.80 16.29
CA PRO D 267 -31.73 -10.05 16.83
C PRO D 267 -31.67 -8.57 16.47
N THR D 268 -30.48 -7.98 16.57
CA THR D 268 -30.32 -6.58 16.26
C THR D 268 -30.59 -6.35 14.78
N LEU D 269 -30.00 -7.14 13.89
CA LEU D 269 -30.23 -6.87 12.48
C LEU D 269 -31.68 -7.18 12.08
N THR D 270 -32.34 -8.09 12.78
CA THR D 270 -33.72 -8.37 12.48
C THR D 270 -34.56 -7.15 12.83
N SER D 271 -34.27 -6.52 13.98
CA SER D 271 -34.98 -5.31 14.35
C SER D 271 -34.73 -4.14 13.41
N LEU D 272 -33.47 -4.00 12.98
CA LEU D 272 -33.11 -2.94 12.06
C LEU D 272 -33.80 -3.09 10.70
N ALA D 273 -33.91 -4.33 10.22
CA ALA D 273 -34.58 -4.58 8.95
C ALA D 273 -36.06 -4.20 9.02
N LYS D 274 -36.69 -4.50 10.16
CA LYS D 274 -38.09 -4.07 10.39
C LYS D 274 -38.21 -2.55 10.35
N LEU D 275 -37.24 -1.86 10.93
CA LEU D 275 -37.27 -0.40 10.98
C LEU D 275 -37.08 0.18 9.59
N MET D 276 -36.14 -0.37 8.80
CA MET D 276 -35.96 0.07 7.41
C MET D 276 -37.23 -0.05 6.62
N LYS D 277 -37.92 -1.18 6.76
CA LYS D 277 -39.18 -1.39 6.05
C LYS D 277 -40.19 -0.31 6.38
N GLU D 278 -40.19 0.12 7.64
CA GLU D 278 -41.11 1.16 8.07
C GLU D 278 -40.71 2.56 7.60
N CYS D 279 -39.47 2.72 7.08
CA CYS D 279 -39.05 3.96 6.40
C CYS D 279 -39.33 3.96 4.90
N TRP D 280 -39.66 2.79 4.33
CA TRP D 280 -39.67 2.60 2.87
C TRP D 280 -41.03 2.41 2.26
N TYR D 281 -42.08 2.51 3.05
CA TYR D 281 -43.42 2.40 2.48
C TYR D 281 -43.62 3.33 1.31
N GLN D 282 -44.24 2.83 0.24
CA GLN D 282 -44.72 3.69 -0.88
C GLN D 282 -45.57 4.86 -0.36
N ASN D 283 -46.48 4.54 0.54
CA ASN D 283 -47.33 5.56 1.16
C ASN D 283 -46.52 6.41 2.16
N PRO D 284 -46.19 7.66 1.81
CA PRO D 284 -45.39 8.49 2.70
C PRO D 284 -46.01 8.66 4.10
N SER D 285 -47.33 8.72 4.18
CA SER D 285 -48.05 8.86 5.43
C SER D 285 -47.80 7.69 6.37
N ALA D 286 -47.39 6.55 5.82
CA ALA D 286 -47.22 5.33 6.60
C ALA D 286 -45.86 5.27 7.28
N ARG D 287 -44.87 6.01 6.78
CA ARG D 287 -43.53 5.98 7.33
C ARG D 287 -43.45 6.49 8.75
N LEU D 288 -42.53 5.91 9.52
CA LEU D 288 -42.26 6.42 10.88
C LEU D 288 -41.73 7.85 10.91
N THR D 289 -41.94 8.55 12.03
CA THR D 289 -41.33 9.86 12.26
C THR D 289 -39.89 9.71 12.79
N ALA D 290 -39.09 10.76 12.66
CA ALA D 290 -37.72 10.74 13.21
C ALA D 290 -37.74 10.42 14.68
N LEU D 291 -38.67 11.02 15.42
CA LEU D 291 -38.72 10.74 16.88
C LEU D 291 -39.03 9.27 17.18
N ARG D 292 -39.96 8.69 16.43
CA ARG D 292 -40.30 7.31 16.62
C ARG D 292 -39.08 6.38 16.32
N ILE D 293 -38.31 6.72 15.29
CA ILE D 293 -37.10 5.99 14.93
C ILE D 293 -36.11 6.07 16.07
N LYS D 294 -35.90 7.25 16.59
CA LYS D 294 -34.97 7.45 17.72
C LYS D 294 -35.39 6.58 18.89
N LYS D 295 -36.69 6.61 19.24
CA LYS D 295 -37.19 5.81 20.37
C LYS D 295 -37.05 4.30 20.17
N THR D 296 -37.27 3.84 18.95
CA THR D 296 -37.11 2.44 18.64
C THR D 296 -35.69 1.98 18.74
N LEU D 297 -34.77 2.76 18.18
CA LEU D 297 -33.33 2.48 18.25
C LEU D 297 -32.85 2.47 19.69
N THR D 298 -33.40 3.36 20.51
CA THR D 298 -33.06 3.37 21.93
C THR D 298 -33.52 2.09 22.65
N LYS D 299 -34.69 1.57 22.27
CA LYS D 299 -35.20 0.31 22.84
C LYS D 299 -34.36 -0.88 22.42
N ILE D 300 -33.86 -0.86 21.18
CA ILE D 300 -33.00 -1.95 20.63
C ILE D 300 -31.63 -1.99 21.33
N ASP D 301 -31.15 -0.82 21.73
CA ASP D 301 -29.86 -0.64 22.33
C ASP D 301 -30.01 -0.80 23.84
CAA LDN E . 12.55 8.26 -17.45
CAB LDN E . 11.86 8.44 -18.63
CAC LDN E . 8.48 7.82 -15.03
CAD LDN E . 7.73 8.03 -16.19
CAE LDN E . 7.96 6.10 -24.51
CAF LDN E . 5.68 6.83 -24.44
CAG LDN E . 7.83 5.75 -25.86
CAH LDN E . 5.57 6.51 -25.82
CAI LDN E . 11.85 8.03 -16.27
CAJ LDN E . 10.47 8.41 -18.61
CAK LDN E . 8.15 6.46 -21.67
CAL LDN E . 6.41 9.20 -18.68
CAM LDN E . 6.25 7.91 -21.90
CAN LDN E . 6.44 6.77 -30.02
CAO LDN E . 7.38 4.49 -30.02
CAP LDN E . 5.64 6.35 -28.80
CAQ LDN E . 7.66 4.90 -28.55
NAR LDN E . 9.82 7.84 -15.08
NAS LDN E . 8.33 6.83 -20.36
NAT LDN E . 5.83 9.14 -19.90
NAU LDN E . 6.80 5.59 -30.83
CAV LDN E . 6.89 6.59 -23.79
CAW LDN E . 7.08 6.95 -22.44
CAX LDN E . 6.63 5.97 -26.51
CAY LDN E . 8.31 8.19 -17.44
CAZ LDN E . 7.46 8.39 -18.59
CBA LDN E . 10.46 8.02 -16.25
CBB LDN E . 9.74 8.22 -17.45
CBC LDN E . 7.52 7.77 -19.83
NBD LDN E . 6.59 5.66 -27.91
NBE LDN E . 6.45 8.33 -20.60
C1 EDO F . -9.08 1.48 -12.48
O1 EDO F . -8.76 2.82 -12.09
C2 EDO F . -7.89 0.86 -13.20
O2 EDO F . -8.03 0.95 -14.63
C1 EDO G . 4.35 -7.99 -2.85
O1 EDO G . 3.96 -9.28 -2.44
C2 EDO G . 5.62 -8.09 -3.65
O2 EDO G . 5.39 -8.75 -4.89
C1 EDO H . 8.92 19.68 -35.89
O1 EDO H . 8.48 19.96 -34.54
C2 EDO H . 9.67 20.91 -36.39
O2 EDO H . 8.83 21.99 -36.76
C1 EDO I . 9.11 17.04 -39.83
O1 EDO I . 10.05 15.99 -39.56
C2 EDO I . 8.99 17.86 -38.56
O2 EDO I . 7.73 17.68 -37.87
C1 EDO J . 23.92 2.61 -23.43
O1 EDO J . 23.32 1.44 -24.05
C2 EDO J . 24.65 3.40 -24.53
O2 EDO J . 25.00 4.68 -23.99
CAC FLC K . 0.58 17.19 -21.11
CA FLC K . -0.50 16.40 -21.83
CB FLC K . 0.11 15.18 -22.53
CBC FLC K . 1.29 15.57 -23.42
CG FLC K . -0.95 14.47 -23.40
CGC FLC K . -0.49 13.20 -24.12
OA1 FLC K . 0.30 17.84 -20.07
OA2 FLC K . 1.73 17.15 -21.56
OB1 FLC K . 2.34 14.92 -23.40
OB2 FLC K . 1.20 16.56 -24.18
OG1 FLC K . -1.31 12.66 -24.92
OG2 FLC K . 0.64 12.70 -23.92
OHB FLC K . 0.46 14.32 -21.44
CAC FLC L . 3.07 20.10 -13.71
CA FLC L . 3.20 20.50 -15.14
CB FLC L . 3.32 19.33 -16.12
CBC FLC L . 2.08 18.47 -16.09
CG FLC L . 4.57 18.39 -15.98
CGC FLC L . 4.53 17.29 -17.03
OA1 FLC L . 3.89 19.28 -13.30
OA2 FLC L . 2.17 20.66 -13.01
OB1 FLC L . 1.14 18.88 -16.83
OB2 FLC L . 2.07 17.42 -15.39
OG1 FLC L . 4.70 16.08 -16.75
OG2 FLC L . 4.25 17.61 -18.20
OHB FLC L . 3.32 20.08 -17.33
CAA LDN M . 8.90 -2.08 19.23
CAB LDN M . 8.19 -2.99 20.02
CAC LDN M . 6.96 -3.78 15.27
CAD LDN M . 6.17 -4.72 15.98
CAE LDN M . 2.40 -5.12 23.53
CAF LDN M . 1.51 -7.19 22.72
CAG LDN M . 1.71 -5.26 24.73
CAH LDN M . 0.82 -7.34 23.93
CAI LDN M . 8.76 -2.08 17.85
CAJ LDN M . 7.31 -3.87 19.38
CAK LDN M . 3.61 -4.63 21.00
CAL LDN M . 5.40 -7.10 17.73
CAM LDN M . 3.41 -6.98 20.60
CAN LDN M . -0.02 -8.36 27.70
CAO LDN M . 0.86 -6.21 28.49
CAP LDN M . -0.59 -7.71 26.43
CAQ LDN M . 0.36 -5.49 27.24
NAR LDN M . 7.78 -2.94 15.90
NAS LDN M . 4.38 -4.49 19.92
NAT LDN M . 4.63 -7.71 18.66
NAU LDN M . 0.00 -7.38 28.81
CAV LDN M . 2.29 -6.05 22.50
CAW LDN M . 3.08 -5.87 21.35
CAX LDN M . 0.90 -6.37 24.93
CAY LDN M . 6.21 -4.78 17.35
CAZ LDN M . 5.45 -5.78 18.03
CBA LDN M . 7.87 -2.96 17.23
CBB LDN M . 7.14 -3.88 18.00
CBC LDN M . 4.70 -5.58 19.15
NBD LDN M . 0.21 -6.51 26.16
NBE LDN M . 4.24 -6.86 19.49
C1 EDO N . 10.35 -13.81 16.21
O1 EDO N . 9.75 -12.59 15.77
C2 EDO N . 11.29 -14.31 15.13
O2 EDO N . 10.52 -15.12 14.21
C1 EDO O . 9.86 -16.13 35.60
O1 EDO O . 10.33 -17.47 35.82
C2 EDO O . 8.53 -16.04 34.85
O2 EDO O . 7.46 -16.78 35.46
CAC FLC P . 2.29 -15.93 20.16
CA FLC P . 3.13 -16.79 19.27
CB FLC P . 4.61 -16.93 19.61
CBC FLC P . 5.28 -16.11 20.69
CG FLC P . 5.47 -17.68 18.58
CGC FLC P . 6.92 -17.36 18.30
OA1 FLC P . 2.70 -14.77 20.41
OA2 FLC P . 1.19 -16.43 20.56
OB1 FLC P . 5.59 -16.89 21.60
OB2 FLC P . 5.46 -14.87 20.80
OG1 FLC P . 7.46 -17.96 17.33
OG2 FLC P . 7.57 -16.53 18.96
OHB FLC P . 4.69 -15.73 18.70
CAC FLC Q . 25.98 -15.12 14.48
CA FLC Q . 27.01 -15.36 15.57
CB FLC Q . 27.01 -16.85 15.93
CBC FLC Q . 28.14 -17.19 16.86
CG FLC Q . 27.12 -17.70 14.66
CGC FLC Q . 27.57 -19.11 14.95
OA1 FLC Q . 26.33 -15.26 13.27
OA2 FLC Q . 24.81 -14.83 14.83
OB1 FLC Q . 28.00 -17.07 18.12
OB2 FLC Q . 29.19 -17.63 16.33
OG1 FLC Q . 26.84 -19.84 15.66
OG2 FLC Q . 28.67 -19.50 14.43
OHB FLC Q . 25.78 -17.20 16.60
CAC FLC R . 30.70 -7.91 18.11
CA FLC R . 31.46 -8.67 17.03
CB FLC R . 32.94 -8.24 17.02
CBC FLC R . 33.02 -6.75 16.84
CG FLC R . 33.70 -8.91 15.89
CGC FLC R . 34.12 -10.26 16.41
OA1 FLC R . 30.73 -6.66 18.13
OA2 FLC R . 30.06 -8.58 18.94
OB1 FLC R . 32.55 -6.29 15.77
OB2 FLC R . 33.51 -6.05 17.76
OG1 FLC R . 33.65 -11.29 15.84
OG2 FLC R . 34.90 -10.29 17.40
OHB FLC R . 33.57 -8.62 18.26
CAC FLC S . 11.56 8.03 30.06
CA FLC S . 10.73 6.90 29.55
CB FLC S . 11.03 7.24 28.08
CBC FLC S . 10.09 8.18 27.40
CG FLC S . 11.85 6.36 27.15
CGC FLC S . 11.13 6.15 25.84
OA1 FLC S . 12.77 8.05 29.71
OA2 FLC S . 11.02 8.93 30.75
OB1 FLC S . 10.69 9.24 27.11
OB2 FLC S . 8.88 7.88 27.13
OG1 FLC S . 10.69 5.00 25.68
OG2 FLC S . 10.98 7.10 25.00
OHB FLC S . 9.98 6.22 27.87
CAA LDN T . 0.13 -24.68 -4.08
CAB LDN T . 0.56 -23.40 -4.41
CAC LDN T . 4.55 -26.36 -4.65
CAD LDN T . 5.05 -25.10 -4.97
CAE LDN T . 3.89 -16.95 -2.78
CAF LDN T . 5.86 -16.59 -4.15
CAG LDN T . 3.87 -15.58 -2.50
CAH LDN T . 5.86 -15.21 -3.82
CAI LDN T . 1.05 -25.70 -4.05
CAJ LDN T . 1.88 -23.16 -4.72
CAK LDN T . 4.09 -19.84 -3.18
CAL LDN T . 5.60 -22.51 -6.45
CAM LDN T . 5.53 -19.32 -5.04
CAN LDN T . 4.72 -11.83 -4.60
CAO LDN T . 2.65 -12.26 -3.28
CAP LDN T . 5.58 -12.36 -3.43
CAQ LDN T . 3.52 -12.78 -2.14
NAR LDN T . 3.26 -26.55 -4.36
NAS LDN T . 4.04 -21.11 -3.57
NAT LDN T . 5.98 -21.22 -6.45
NAU LDN T . 3.41 -11.33 -4.17
CAV LDN T . 4.92 -17.50 -3.56
CAW LDN T . 4.87 -18.90 -3.90
CAX LDN T . 4.84 -14.71 -3.01
CAY LDN T . 4.23 -23.99 -5.00
CAZ LDN T . 4.82 -22.74 -5.37
CBA LDN T . 2.41 -25.48 -4.35
CBB LDN T . 2.87 -24.19 -4.70
CBC LDN T . 4.69 -21.52 -4.70
NBD LDN T . 4.73 -13.32 -2.72
NBE LDN T . 5.47 -20.64 -5.47
C1 EDO U . -1.61 -43.03 -3.92
C1 EDO U . -1.55 -43.13 -4.25
O1 EDO U . -1.17 -43.35 -5.25
O1 EDO U . -1.11 -44.22 -3.43
C2 EDO U . -0.95 -41.76 -3.41
C2 EDO U . -0.98 -41.82 -3.75
O2 EDO U . -1.56 -41.29 -2.21
O2 EDO U . -1.19 -41.64 -2.34
C1 EDO V . -5.43 -45.88 -13.30
O1 EDO V . -6.69 -45.21 -13.26
C2 EDO V . -4.40 -44.86 -13.79
O2 EDO V . -3.39 -44.68 -12.79
C1 EDO W . 14.95 -34.28 4.03
O1 EDO W . 15.76 -33.55 3.08
C2 EDO W . 14.23 -35.31 3.19
O2 EDO W . 13.73 -34.62 2.06
CAC FLC X . 11.16 -17.06 -13.51
CA FLC X . 10.27 -17.14 -14.69
CB FLC X . 8.81 -17.47 -14.33
CBC FLC X . 8.11 -17.08 -13.04
CG FLC X . 8.10 -18.73 -14.91
CGC FLC X . 8.79 -19.61 -15.91
OA1 FLC X . 12.26 -17.64 -13.65
OA2 FLC X . 10.74 -16.41 -12.49
OB1 FLC X . 6.92 -17.30 -13.28
OB2 FLC X . 8.61 -16.59 -11.94
OG1 FLC X . 8.11 -20.52 -16.46
OG2 FLC X . 10.02 -19.47 -16.15
OHB FLC X . 9.47 -18.33 -13.27
CAC FLC Y . -11.34 -20.08 3.96
CA FLC Y . -10.38 -21.02 4.71
CB FLC Y . -9.00 -21.18 4.09
CBC FLC Y . -8.27 -19.85 4.10
CG FLC Y . -9.24 -21.72 2.69
CGC FLC Y . -8.08 -22.48 2.14
OA1 FLC Y . -11.67 -19.01 4.57
OA2 FLC Y . -11.82 -20.39 2.85
OB1 FLC Y . -8.70 -18.90 3.41
OB2 FLC Y . -7.23 -19.73 4.83
OG1 FLC Y . -7.56 -23.46 2.76
OG2 FLC Y . -7.75 -22.04 1.01
OHB FLC Y . -8.18 -22.12 4.84
CAC FLC Z . 5.55 -23.82 -14.65
CA FLC Z . 5.35 -24.80 -15.79
CB FLC Z . 6.66 -24.79 -16.60
CBC FLC Z . 6.84 -23.51 -17.35
CG FLC Z . 6.58 -25.84 -17.66
CGC FLC Z . 7.15 -27.15 -17.20
OA1 FLC Z . 5.18 -22.65 -14.86
OA2 FLC Z . 6.06 -24.20 -13.60
OB1 FLC Z . 7.99 -23.21 -17.76
OB2 FLC Z . 5.82 -22.85 -17.58
OG1 FLC Z . 8.26 -27.25 -16.58
OG2 FLC Z . 6.43 -28.09 -17.50
OHB FLC Z . 7.82 -24.95 -15.77
CAA LDN AA . -20.84 17.34 3.31
CAB LDN AA . -19.92 16.47 3.93
CAC LDN AA . -18.67 21.16 5.20
CAD LDN AA . -17.68 20.41 5.83
CAE LDN AA . -13.27 13.32 4.03
CAF LDN AA . -11.96 13.99 5.90
CAG LDN AA . -12.42 12.23 3.78
CAH LDN AA . -11.10 12.92 5.66
CAI LDN AA . -20.73 18.71 3.50
CAJ LDN AA . -18.85 17.05 4.67
CAK LDN AA . -14.80 15.75 4.26
CAL LDN AA . -16.23 18.34 7.58
CAM LDN AA . -14.06 15.84 6.55
CAN LDN AA . -9.95 9.07 5.92
CAO LDN AA . -9.35 8.95 3.50
CAP LDN AA . -9.62 10.53 5.62
CAQ LDN AA . -10.37 10.08 3.26
NAR LDN AA . -19.63 20.60 4.45
NAS LDN AA . -15.72 16.71 4.50
NAT LDN AA . -15.27 17.46 7.83
NAU LDN AA . -9.63 8.20 4.76
CAV LDN AA . -13.02 14.23 5.06
CAW LDN AA . -13.94 15.27 5.29
CAX LDN AA . -11.33 12.03 4.61
CAY LDN AA . -17.67 19.00 5.65
CAZ LDN AA . -16.64 18.24 6.30
CBA LDN AA . -19.69 19.26 4.27
CBB LDN AA . -18.74 18.41 4.88
CBC LDN AA . -15.83 17.27 5.73
NBD LDN AA . -10.43 10.93 4.46
NBE LDN AA . -14.99 16.84 6.78
C1 EDO BA . -16.22 -6.33 15.02
O1 EDO BA . -16.24 -5.83 13.66
C2 EDO BA . -16.68 -7.80 15.01
O2 EDO BA . -17.64 -8.15 16.05
C1 EDO CA . -33.51 -4.46 -5.50
O1 EDO CA . -32.64 -5.58 -5.82
C2 EDO CA . -32.87 -3.46 -4.58
O2 EDO CA . -31.52 -3.06 -4.90
C1 EDO DA . -24.11 7.83 -7.59
C1 EDO DA . -23.65 8.38 -8.05
O1 EDO DA . -25.16 8.07 -6.66
O1 EDO DA . -23.74 6.95 -8.18
C2 EDO DA . -23.55 9.18 -8.10
C2 EDO DA . -24.25 8.79 -6.72
O2 EDO DA . -22.83 9.87 -7.07
O2 EDO DA . -25.41 7.99 -6.50
C1 EDO EA . -10.98 28.41 14.69
C1 EDO EA . -11.27 29.69 14.71
O1 EDO EA . -9.71 28.16 15.32
O1 EDO EA . -11.60 28.44 15.33
C2 EDO EA . -11.58 29.73 15.18
C2 EDO EA . -11.96 30.86 15.45
O2 EDO EA . -11.02 30.82 14.44
O2 EDO EA . -11.34 32.13 15.10
CAC FLC FA . -14.78 16.25 17.66
CA FLC FA . -13.29 16.07 17.63
CB FLC FA . -12.93 15.59 16.20
CBC FLC FA . -13.70 14.34 15.83
CG FLC FA . -11.45 15.26 16.03
CGC FLC FA . -11.09 15.43 14.56
OA1 FLC FA . -15.37 16.98 18.51
OA2 FLC FA . -15.44 15.63 16.79
OB1 FLC FA . -13.87 14.08 14.60
OB2 FLC FA . -14.13 13.58 16.73
OG1 FLC FA . -11.58 14.65 13.72
OG2 FLC FA . -10.33 16.35 14.20
OHB FLC FA . -13.32 16.64 15.28
CAC FLC GA . -19.89 18.59 20.16
CA FLC GA . -19.72 18.26 18.68
CB FLC GA . -20.04 19.21 17.47
CBC FLC GA . -20.21 20.72 17.47
CG FLC GA . -20.78 18.67 16.18
CGC FLC GA . -19.59 18.25 15.36
OA1 FLC GA . -20.96 18.27 20.71
OA2 FLC GA . -18.92 19.05 20.83
OB1 FLC GA . -19.24 21.21 16.81
OB2 FLC GA . -21.20 21.35 17.95
OG1 FLC GA . -19.21 18.89 14.33
OG2 FLC GA . -18.95 17.28 15.86
OHB FLC GA . -21.31 19.25 18.20
CAC FLC HA . -41.05 14.09 14.40
CA FLC HA . -41.90 14.37 15.64
CB FLC HA . -43.29 14.90 15.23
CBC FLC HA . -43.24 16.44 15.24
CG FLC HA . -44.46 14.47 16.11
CGC FLC HA . -44.28 13.19 16.91
OA1 FLC HA . -41.32 14.66 13.30
OA2 FLC HA . -40.12 13.25 14.56
OB1 FLC HA . -43.88 17.06 14.37
OB2 FLC HA . -42.59 17.04 16.14
OG1 FLC HA . -44.61 13.27 18.11
OG2 FLC HA . -43.84 12.15 16.35
OHB FLC HA . -43.61 14.44 13.91
#